data_4LQ1
#
_entry.id   4LQ1
#
_cell.length_a   93.694
_cell.length_b   104.113
_cell.length_c   186.712
_cell.angle_alpha   90.000
_cell.angle_beta   91.850
_cell.angle_gamma   90.000
#
_symmetry.space_group_name_H-M   'P 1 21 1'
#
loop_
_entity.id
_entity.type
_entity.pdbx_description
1 polymer '1,4-alpha-glucan branching enzyme GlgB'
2 branched alpha-D-glucopyranose-(1-4)-alpha-D-glucopyranose
3 non-polymer beta-D-glucopyranose
4 non-polymer GLYCEROL
5 water water
#
_entity_poly.entity_id   1
_entity_poly.type   'polypeptide(L)'
_entity_poly.pdbx_seq_one_letter_code
;THLRPYETLGAHADTMDGVTGTRFSVWAPNARRVSVVGQFNYWDGRRHPMRLRKESGIWELFIPGAHNGQLYKYEMIDAN
GNLRLKSDPYAFEAQMRPETASLICGLPEKVVQTEERKKANQFDAPISIYEVHLGSWRRHTDNNFWLSYRELADQLVPYA
KWMGFTHLELLPINEHPFDGSWGYQPTGLYAPTRRFGTRDDFRYFIDAAHAAGLNVILDWVPGHFPTDDFALAEFDGTNL
YEHSDPREGYHQDWNTLIYNYGRREVSNFLVGNALYWIERFGIDALRVDAVASMIYRDYSRKEGEWIPNEFGGRENLEAI
EFLRNTNRILGEQVSGAVTMAEESTDFPGVSRPQDMGGLGFWYKWNLGWMHDTLDYMKLDPVYRQYHHDKLTFGILYNYT
ENFVLPLSHDEVVHGKKSILDRMPGDAWQKFANLRAYYGWMWAFPGKKLLFMGNEFAQGREWNHDASLDWHLLEGGDNWH
HGVQRLVRDLNLTYRHHKAMHELDFDPYGFEWLVVDDKERSVLIFVRRDKEGNEIIVASNFTPVPRHDYRFGINQPGKWR
EILNTDSMHYHGSNAGNGGTVHSDEIASHGRQHSLSLTLPPLATIWLVREAE
;
_entity_poly.pdbx_strand_id   A,B,C,D
#
loop_
_chem_comp.id
_chem_comp.type
_chem_comp.name
_chem_comp.formula
BGC D-saccharide, beta linking beta-D-glucopyranose 'C6 H12 O6'
GLC D-saccharide, alpha linking alpha-D-glucopyranose 'C6 H12 O6'
GOL non-polymer GLYCEROL 'C3 H8 O3'
#
# COMPACT_ATOMS: atom_id res chain seq x y z
N THR A 1 7.08 -29.37 29.37
CA THR A 1 7.30 -29.53 30.84
C THR A 1 8.63 -30.22 31.15
N HIS A 2 8.60 -31.55 31.20
CA HIS A 2 9.79 -32.35 31.45
C HIS A 2 10.45 -32.74 30.13
N LEU A 3 9.74 -32.49 29.03
CA LEU A 3 10.24 -32.85 27.71
C LEU A 3 10.62 -31.61 26.89
N ARG A 4 9.86 -30.54 27.07
CA ARG A 4 10.09 -29.30 26.35
C ARG A 4 10.48 -28.19 27.31
N PRO A 5 11.74 -28.24 27.80
CA PRO A 5 12.24 -27.28 28.79
C PRO A 5 12.45 -25.91 28.17
N TYR A 6 12.44 -25.86 26.85
CA TYR A 6 12.63 -24.60 26.14
C TYR A 6 11.43 -23.69 26.33
N GLU A 7 10.32 -24.27 26.76
CA GLU A 7 9.08 -23.52 26.98
C GLU A 7 9.07 -22.74 28.30
N THR A 8 9.96 -23.09 29.23
CA THR A 8 9.98 -22.44 30.55
C THR A 8 11.35 -21.86 30.95
N LEU A 9 12.43 -22.46 30.43
CA LEU A 9 13.78 -21.93 30.62
C LEU A 9 14.12 -20.92 29.52
N GLY A 10 15.05 -20.01 29.81
CA GLY A 10 15.38 -18.93 28.89
C GLY A 10 14.60 -17.66 29.21
N ALA A 11 14.51 -16.76 28.24
CA ALA A 11 13.80 -15.51 28.42
C ALA A 11 12.45 -15.53 27.72
N HIS A 12 11.37 -15.37 28.48
CA HIS A 12 10.01 -15.42 27.95
C HIS A 12 9.18 -14.22 28.40
N ALA A 13 8.20 -13.83 27.58
CA ALA A 13 7.36 -12.68 27.87
C ALA A 13 6.14 -13.03 28.73
N ASP A 14 5.97 -12.32 29.84
CA ASP A 14 4.84 -12.55 30.72
C ASP A 14 4.32 -11.26 31.35
N THR A 15 3.11 -11.32 31.91
CA THR A 15 2.56 -10.19 32.65
C THR A 15 2.00 -10.67 33.99
N MET A 16 2.54 -10.13 35.08
CA MET A 16 2.06 -10.49 36.40
C MET A 16 1.63 -9.23 37.15
N ASP A 17 0.64 -9.37 38.03
CA ASP A 17 0.04 -8.25 38.77
C ASP A 17 -0.60 -7.19 37.87
N GLY A 18 -0.55 -7.41 36.56
CA GLY A 18 -1.13 -6.49 35.59
C GLY A 18 -0.14 -6.00 34.55
N VAL A 19 1.02 -5.53 35.01
CA VAL A 19 2.03 -4.95 34.12
C VAL A 19 2.85 -6.03 33.38
N THR A 20 3.34 -5.67 32.19
CA THR A 20 4.05 -6.61 31.32
C THR A 20 5.56 -6.60 31.54
N GLY A 21 6.24 -7.56 30.93
CA GLY A 21 7.70 -7.67 31.03
C GLY A 21 8.18 -9.06 30.60
N THR A 22 9.45 -9.35 30.85
CA THR A 22 9.97 -10.69 30.54
C THR A 22 10.60 -11.37 31.74
N ARG A 23 10.43 -12.69 31.79
CA ARG A 23 10.95 -13.51 32.88
C ARG A 23 12.12 -14.37 32.42
N PHE A 24 13.16 -14.43 33.24
CA PHE A 24 14.36 -15.16 32.89
C PHE A 24 14.56 -16.38 33.78
N SER A 25 14.89 -17.51 33.18
CA SER A 25 15.16 -18.73 33.91
C SER A 25 16.45 -19.37 33.43
N VAL A 26 17.30 -19.78 34.36
CA VAL A 26 18.54 -20.49 34.00
C VAL A 26 18.85 -21.58 35.02
N TRP A 27 19.22 -22.75 34.51
CA TRP A 27 19.52 -23.89 35.37
C TRP A 27 20.94 -23.80 35.92
N ALA A 28 21.05 -23.56 37.23
CA ALA A 28 22.32 -23.56 37.93
C ALA A 28 22.15 -23.89 39.41
N PRO A 29 22.20 -25.19 39.75
CA PRO A 29 22.07 -25.67 41.14
C PRO A 29 23.18 -25.14 42.05
N ASN A 30 24.42 -25.14 41.54
CA ASN A 30 25.55 -24.59 42.24
C ASN A 30 25.70 -23.12 41.87
N ALA A 31 26.79 -22.49 42.30
CA ALA A 31 27.00 -21.06 42.06
C ALA A 31 26.27 -20.20 43.08
N ARG A 32 27.00 -19.24 43.65
CA ARG A 32 26.53 -18.47 44.80
C ARG A 32 25.27 -17.65 44.53
N ARG A 33 25.37 -16.73 43.56
CA ARG A 33 24.28 -15.82 43.21
C ARG A 33 24.30 -15.52 41.69
N VAL A 34 23.13 -15.22 41.11
CA VAL A 34 23.04 -14.94 39.66
C VAL A 34 22.15 -13.74 39.35
N SER A 35 22.60 -12.89 38.42
CA SER A 35 21.84 -11.69 38.04
C SER A 35 21.68 -11.55 36.52
N VAL A 36 20.72 -10.73 36.11
CA VAL A 36 20.48 -10.47 34.70
C VAL A 36 21.00 -9.10 34.30
N VAL A 37 21.89 -9.06 33.30
CA VAL A 37 22.42 -7.80 32.78
C VAL A 37 22.09 -7.59 31.29
N GLY A 38 21.54 -6.42 30.96
CA GLY A 38 21.20 -6.07 29.58
C GLY A 38 20.98 -4.59 29.34
N GLN A 39 20.38 -4.27 28.18
CA GLN A 39 20.15 -2.88 27.78
C GLN A 39 19.18 -2.11 28.69
N PHE A 40 18.50 -2.85 29.58
CA PHE A 40 17.51 -2.27 30.47
C PHE A 40 18.08 -2.03 31.87
N ASN A 41 19.40 -2.18 31.99
CA ASN A 41 20.08 -2.16 33.28
C ASN A 41 21.35 -1.32 33.26
N TYR A 42 21.70 -0.81 32.10
CA TYR A 42 23.02 -0.21 31.88
C TYR A 42 24.08 -1.30 32.09
N TRP A 43 23.65 -2.56 31.98
CA TRP A 43 24.53 -3.72 32.16
C TRP A 43 25.08 -3.79 33.57
N ASP A 44 24.24 -3.40 34.53
CA ASP A 44 24.64 -3.33 35.94
C ASP A 44 24.04 -4.49 36.72
N GLY A 45 24.89 -5.43 37.14
CA GLY A 45 24.44 -6.65 37.80
C GLY A 45 23.99 -6.49 39.23
N ARG A 46 24.14 -5.27 39.76
CA ARG A 46 23.71 -4.97 41.13
C ARG A 46 22.21 -4.70 41.18
N ARG A 47 21.59 -4.52 40.01
CA ARG A 47 20.20 -4.07 39.95
C ARG A 47 19.17 -5.21 40.04
N HIS A 48 19.23 -6.15 39.10
CA HIS A 48 18.25 -7.23 39.03
C HIS A 48 18.83 -8.59 39.41
N PRO A 49 18.72 -8.97 40.70
CA PRO A 49 19.21 -10.25 41.18
C PRO A 49 18.14 -11.33 41.08
N MET A 50 18.57 -12.56 40.85
CA MET A 50 17.65 -13.68 40.66
C MET A 50 17.58 -14.58 41.90
N ARG A 51 16.48 -15.30 42.03
CA ARG A 51 16.29 -16.23 43.15
C ARG A 51 16.38 -17.69 42.69
N LEU A 52 17.32 -18.42 43.27
CA LEU A 52 17.50 -19.86 43.00
C LEU A 52 16.40 -20.69 43.65
N ARG A 53 16.09 -21.83 43.04
CA ARG A 53 15.04 -22.71 43.55
C ARG A 53 15.62 -24.06 43.98
N LYS A 54 14.98 -24.71 44.95
CA LYS A 54 15.52 -25.91 45.59
C LYS A 54 15.45 -27.21 44.77
N GLU A 55 14.20 -27.63 44.43
CA GLU A 55 14.02 -28.93 43.76
C GLU A 55 14.20 -28.87 42.24
N SER A 56 14.90 -27.86 41.76
CA SER A 56 15.22 -27.74 40.34
C SER A 56 16.65 -27.24 40.15
N GLY A 57 16.99 -26.16 40.85
CA GLY A 57 18.29 -25.53 40.68
C GLY A 57 18.22 -24.45 39.61
N ILE A 58 17.09 -23.76 39.55
CA ILE A 58 16.89 -22.72 38.54
C ILE A 58 16.75 -21.33 39.17
N TRP A 59 17.66 -20.44 38.82
CA TRP A 59 17.54 -19.03 39.14
C TRP A 59 16.43 -18.42 38.27
N GLU A 60 15.57 -17.59 38.85
CA GLU A 60 14.51 -16.96 38.08
C GLU A 60 14.14 -15.57 38.62
N LEU A 61 13.42 -14.80 37.81
CA LEU A 61 13.09 -13.42 38.12
C LEU A 61 12.22 -12.84 37.01
N PHE A 62 11.40 -11.85 37.35
CA PHE A 62 10.51 -11.22 36.38
C PHE A 62 10.74 -9.71 36.23
N ILE A 63 11.52 -9.33 35.23
CA ILE A 63 11.87 -7.93 35.02
C ILE A 63 10.84 -7.15 34.19
N PRO A 64 10.16 -6.17 34.83
CA PRO A 64 9.21 -5.33 34.12
C PRO A 64 9.92 -4.29 33.26
N GLY A 65 9.32 -3.94 32.12
CA GLY A 65 9.92 -2.97 31.20
C GLY A 65 10.84 -3.61 30.18
N ALA A 66 11.50 -4.70 30.58
CA ALA A 66 12.38 -5.43 29.68
C ALA A 66 11.57 -6.15 28.60
N HIS A 67 11.78 -5.77 27.34
CA HIS A 67 10.91 -6.21 26.27
C HIS A 67 11.67 -6.94 25.17
N ASN A 68 10.92 -7.48 24.20
CA ASN A 68 11.50 -8.15 23.05
C ASN A 68 12.39 -7.19 22.25
N GLY A 69 13.57 -7.67 21.85
CA GLY A 69 14.47 -6.85 21.04
C GLY A 69 15.76 -6.46 21.73
N GLN A 70 15.73 -6.36 23.05
CA GLN A 70 16.91 -5.96 23.82
C GLN A 70 17.86 -7.14 24.04
N LEU A 71 19.15 -6.84 24.18
CA LEU A 71 20.14 -7.86 24.46
C LEU A 71 20.34 -8.02 25.96
N TYR A 72 20.70 -9.22 26.38
CA TYR A 72 20.96 -9.49 27.79
C TYR A 72 21.94 -10.65 27.96
N LYS A 73 22.55 -10.75 29.14
CA LYS A 73 23.34 -11.91 29.53
C LYS A 73 23.08 -12.20 31.01
N TYR A 74 23.82 -13.17 31.54
CA TYR A 74 23.76 -13.48 32.96
C TYR A 74 25.10 -13.20 33.61
N GLU A 75 25.11 -12.30 34.60
CA GLU A 75 26.28 -12.05 35.42
C GLU A 75 26.19 -12.94 36.65
N MET A 76 27.11 -13.90 36.76
CA MET A 76 27.02 -14.88 37.84
C MET A 76 28.26 -14.89 38.74
N ILE A 77 28.09 -15.40 39.96
CA ILE A 77 29.22 -15.68 40.82
C ILE A 77 29.44 -17.19 40.88
N ASP A 78 30.39 -17.66 40.08
CA ASP A 78 30.69 -19.08 39.94
C ASP A 78 30.93 -19.77 41.28
N ALA A 79 30.57 -21.05 41.34
CA ALA A 79 30.68 -21.86 42.56
C ALA A 79 32.09 -21.86 43.17
N ASN A 80 33.05 -21.33 42.44
CA ASN A 80 34.42 -21.19 42.94
C ASN A 80 34.76 -19.74 43.22
N GLY A 81 33.78 -18.85 43.07
CA GLY A 81 33.91 -17.44 43.44
C GLY A 81 34.35 -16.50 42.33
N ASN A 82 34.09 -16.86 41.09
CA ASN A 82 34.53 -16.04 39.95
C ASN A 82 33.41 -15.20 39.32
N LEU A 83 33.82 -14.11 38.66
CA LEU A 83 32.89 -13.23 37.98
C LEU A 83 32.98 -13.50 36.48
N ARG A 84 31.96 -14.16 35.93
CA ARG A 84 31.94 -14.52 34.52
C ARG A 84 30.61 -14.22 33.85
N LEU A 85 30.67 -13.59 32.68
CA LEU A 85 29.46 -13.28 31.91
C LEU A 85 29.08 -14.48 31.05
N LYS A 86 27.84 -14.93 31.19
CA LYS A 86 27.38 -16.10 30.45
C LYS A 86 26.24 -15.75 29.51
N SER A 87 26.26 -16.31 28.31
CA SER A 87 25.11 -16.22 27.42
C SER A 87 24.14 -17.34 27.76
N ASP A 88 22.86 -17.08 27.57
CA ASP A 88 21.83 -18.05 27.85
C ASP A 88 21.94 -19.27 26.92
N PRO A 89 22.06 -20.47 27.52
CA PRO A 89 22.07 -21.74 26.78
C PRO A 89 20.82 -21.89 25.93
N TYR A 90 19.70 -21.36 26.42
CA TYR A 90 18.43 -21.41 25.70
C TYR A 90 18.14 -20.08 25.02
N ALA A 91 19.16 -19.51 24.38
CA ALA A 91 18.97 -18.30 23.60
C ALA A 91 18.30 -18.63 22.25
N PHE A 92 17.27 -17.86 21.91
CA PHE A 92 16.53 -18.07 20.66
C PHE A 92 17.02 -17.22 19.50
N GLU A 93 17.69 -16.12 19.84
CA GLU A 93 18.47 -15.34 18.87
C GLU A 93 19.77 -14.89 19.53
N ALA A 94 20.77 -14.58 18.72
CA ALA A 94 22.05 -14.11 19.22
C ALA A 94 22.64 -13.03 18.32
N GLN A 95 23.93 -12.74 18.53
CA GLN A 95 24.69 -11.86 17.66
C GLN A 95 26.10 -12.41 17.51
N MET A 96 26.44 -12.87 16.31
CA MET A 96 27.77 -13.44 16.02
C MET A 96 28.86 -12.37 15.90
N ARG A 97 29.92 -12.72 15.16
CA ARG A 97 31.14 -11.90 15.01
C ARG A 97 31.34 -10.82 16.09
N PRO A 98 30.84 -9.60 15.85
CA PRO A 98 31.17 -8.48 16.75
C PRO A 98 30.65 -8.61 18.20
N GLU A 99 30.45 -9.86 18.64
CA GLU A 99 30.15 -10.13 20.05
C GLU A 99 29.48 -11.49 20.27
N THR A 100 29.01 -11.70 21.50
CA THR A 100 28.18 -12.85 21.88
C THR A 100 27.18 -12.36 22.91
N ALA A 101 25.92 -12.79 22.80
CA ALA A 101 24.88 -12.39 23.74
C ALA A 101 23.51 -12.86 23.28
N SER A 102 22.59 -13.01 24.22
CA SER A 102 21.25 -13.51 23.90
C SER A 102 20.29 -12.36 23.58
N LEU A 103 19.19 -12.68 22.91
CA LEU A 103 18.16 -11.70 22.63
C LEU A 103 16.86 -12.08 23.34
N ILE A 104 15.95 -11.12 23.47
CA ILE A 104 14.62 -11.42 23.94
C ILE A 104 13.67 -11.44 22.75
N CYS A 105 13.14 -12.61 22.41
CA CYS A 105 12.19 -12.73 21.31
C CYS A 105 11.10 -13.74 21.62
N GLY A 106 11.41 -14.71 22.47
CA GLY A 106 10.45 -15.76 22.82
C GLY A 106 10.41 -16.86 21.79
N LEU A 107 9.36 -17.66 21.83
CA LEU A 107 9.18 -18.75 20.89
C LEU A 107 8.30 -18.31 19.72
N PRO A 108 8.59 -18.84 18.52
CA PRO A 108 7.71 -18.68 17.36
C PRO A 108 6.44 -19.48 17.53
N GLU A 109 5.37 -19.06 16.86
CA GLU A 109 4.03 -19.60 17.08
C GLU A 109 3.99 -21.13 17.16
N LYS A 110 4.49 -21.79 16.12
CA LYS A 110 4.62 -23.27 16.10
C LYS A 110 3.87 -23.90 14.93
N VAL A 111 4.40 -25.02 14.44
CA VAL A 111 3.96 -25.62 13.17
C VAL A 111 3.37 -27.02 13.34
N VAL A 112 2.11 -27.17 12.95
CA VAL A 112 1.46 -28.49 12.93
C VAL A 112 1.70 -29.15 11.58
N GLN A 113 2.35 -30.32 11.60
CA GLN A 113 2.80 -30.98 10.37
C GLN A 113 1.64 -31.55 9.54
N THR A 114 1.58 -31.13 8.28
CA THR A 114 0.54 -31.58 7.38
C THR A 114 0.74 -33.04 6.95
N GLU A 115 -0.25 -33.60 6.27
CA GLU A 115 -0.20 -35.01 5.91
C GLU A 115 0.67 -35.33 4.70
N GLU A 116 0.83 -34.37 3.78
CA GLU A 116 1.69 -34.59 2.60
C GLU A 116 3.16 -34.61 2.99
N ARG A 117 3.50 -33.87 4.03
CA ARG A 117 4.86 -33.86 4.55
C ARG A 117 5.25 -35.14 5.32
N LYS A 118 4.26 -35.80 5.92
CA LYS A 118 4.51 -37.07 6.62
C LYS A 118 4.62 -38.19 5.58
N LYS A 119 3.74 -38.17 4.60
CA LYS A 119 3.78 -39.13 3.50
C LYS A 119 5.13 -39.15 2.79
N ALA A 120 5.73 -37.96 2.62
CA ALA A 120 7.02 -37.80 1.96
C ALA A 120 8.25 -38.36 2.72
N ASN A 121 8.11 -38.57 4.03
CA ASN A 121 9.20 -39.14 4.84
C ASN A 121 9.17 -40.67 4.88
N GLN A 122 8.05 -41.24 4.43
CA GLN A 122 7.80 -42.67 4.54
C GLN A 122 8.77 -43.58 3.74
N PHE A 123 8.83 -44.86 4.13
CA PHE A 123 9.67 -45.86 3.44
C PHE A 123 9.23 -46.14 2.00
N ASP A 124 7.95 -45.96 1.69
CA ASP A 124 7.47 -46.21 0.32
C ASP A 124 7.51 -44.99 -0.60
N ALA A 125 8.00 -43.86 -0.10
CA ALA A 125 8.06 -42.62 -0.88
C ALA A 125 9.34 -42.51 -1.70
N PRO A 126 9.29 -41.78 -2.83
CA PRO A 126 10.51 -41.37 -3.49
C PRO A 126 11.18 -40.31 -2.64
N ILE A 127 12.46 -40.48 -2.36
CA ILE A 127 13.18 -39.52 -1.53
C ILE A 127 14.51 -39.19 -2.14
N SER A 128 14.65 -37.93 -2.58
CA SER A 128 15.84 -37.47 -3.23
C SER A 128 16.22 -36.15 -2.59
N ILE A 129 17.42 -36.10 -2.01
CA ILE A 129 17.81 -35.00 -1.15
C ILE A 129 18.90 -34.09 -1.74
N TYR A 130 18.66 -32.79 -1.67
CA TYR A 130 19.67 -31.82 -2.07
C TYR A 130 20.33 -31.28 -0.80
N GLU A 131 21.59 -31.62 -0.58
CA GLU A 131 22.33 -31.21 0.62
C GLU A 131 23.04 -29.88 0.36
N VAL A 132 22.82 -28.89 1.23
CA VAL A 132 23.39 -27.55 1.02
C VAL A 132 24.03 -26.91 2.26
N HIS A 133 25.16 -26.24 2.06
CA HIS A 133 25.74 -25.35 3.06
C HIS A 133 25.30 -23.94 2.72
N LEU A 134 24.45 -23.36 3.54
CA LEU A 134 23.85 -22.07 3.20
C LEU A 134 24.89 -21.00 2.89
N GLY A 135 26.04 -21.08 3.55
CA GLY A 135 27.05 -20.04 3.42
C GLY A 135 27.83 -20.05 2.12
N SER A 136 27.76 -21.13 1.38
CA SER A 136 28.59 -21.27 0.19
C SER A 136 27.83 -21.77 -1.04
N TRP A 137 26.50 -21.80 -0.95
CA TRP A 137 25.68 -22.13 -2.11
C TRP A 137 25.88 -21.09 -3.20
N ARG A 138 25.44 -19.86 -2.92
CA ARG A 138 25.70 -18.68 -3.77
C ARG A 138 26.16 -17.45 -2.96
N ARG A 139 26.58 -16.42 -3.69
CA ARG A 139 27.08 -15.18 -3.12
C ARG A 139 26.73 -14.06 -4.08
N HIS A 140 26.57 -12.86 -3.54
CA HIS A 140 26.29 -11.70 -4.36
C HIS A 140 27.55 -11.37 -5.15
N THR A 141 27.38 -11.07 -6.43
CA THR A 141 28.50 -10.82 -7.34
C THR A 141 29.37 -9.63 -6.90
N ASP A 142 28.75 -8.47 -6.72
CA ASP A 142 29.50 -7.27 -6.40
C ASP A 142 30.52 -7.49 -5.28
N ASN A 143 30.03 -7.89 -4.10
CA ASN A 143 30.82 -7.82 -2.88
C ASN A 143 31.10 -9.14 -2.19
N ASN A 144 30.54 -10.23 -2.71
CA ASN A 144 30.79 -11.57 -2.17
C ASN A 144 30.01 -11.88 -0.88
N PHE A 145 28.95 -11.12 -0.64
CA PHE A 145 28.17 -11.27 0.57
C PHE A 145 27.29 -12.49 0.51
N TRP A 146 27.01 -13.06 1.68
CA TRP A 146 26.09 -14.17 1.81
C TRP A 146 24.71 -13.78 1.34
N LEU A 147 23.96 -14.75 0.84
CA LEU A 147 22.53 -14.57 0.61
C LEU A 147 21.89 -14.67 1.99
N SER A 148 20.88 -13.84 2.26
CA SER A 148 20.11 -13.99 3.50
C SER A 148 19.06 -15.11 3.36
N TYR A 149 18.46 -15.52 4.48
CA TYR A 149 17.39 -16.53 4.46
C TYR A 149 16.29 -16.19 3.44
N ARG A 150 15.93 -14.92 3.33
CA ARG A 150 14.84 -14.50 2.47
C ARG A 150 15.24 -14.62 1.01
N GLU A 151 16.51 -14.36 0.73
CA GLU A 151 17.01 -14.49 -0.64
C GLU A 151 17.21 -15.96 -1.03
N LEU A 152 17.40 -16.80 -0.03
CA LEU A 152 17.52 -18.23 -0.27
C LEU A 152 16.13 -18.80 -0.51
N ALA A 153 15.11 -18.25 0.15
CA ALA A 153 13.73 -18.66 -0.09
C ALA A 153 13.21 -18.30 -1.51
N ASP A 154 13.77 -17.23 -2.08
CA ASP A 154 13.42 -16.84 -3.44
C ASP A 154 14.28 -17.49 -4.55
N GLN A 155 15.49 -17.95 -4.18
CA GLN A 155 16.43 -18.55 -5.15
C GLN A 155 16.72 -20.03 -4.92
N LEU A 156 16.92 -20.46 -3.68
CA LEU A 156 17.29 -21.86 -3.42
C LEU A 156 16.08 -22.80 -3.34
N VAL A 157 14.92 -22.29 -2.94
CA VAL A 157 13.73 -23.13 -2.94
C VAL A 157 13.25 -23.46 -4.37
N PRO A 158 13.02 -22.43 -5.20
CA PRO A 158 12.65 -22.71 -6.62
C PRO A 158 13.64 -23.62 -7.36
N TYR A 159 14.93 -23.44 -7.12
CA TYR A 159 15.94 -24.24 -7.78
C TYR A 159 15.83 -25.72 -7.41
N ALA A 160 15.82 -26.02 -6.11
CA ALA A 160 15.66 -27.38 -5.63
C ALA A 160 14.32 -27.95 -6.10
N LYS A 161 13.33 -27.08 -6.20
CA LYS A 161 12.01 -27.50 -6.66
C LYS A 161 11.97 -27.82 -8.15
N TRP A 162 12.66 -27.01 -8.96
CA TRP A 162 12.66 -27.20 -10.40
C TRP A 162 13.50 -28.42 -10.72
N MET A 163 14.63 -28.57 -10.02
CA MET A 163 15.51 -29.71 -10.22
C MET A 163 14.87 -31.05 -9.83
N GLY A 164 13.70 -30.98 -9.21
CA GLY A 164 12.90 -32.16 -8.92
C GLY A 164 13.18 -32.87 -7.60
N PHE A 165 14.02 -32.29 -6.74
CA PHE A 165 14.28 -32.87 -5.41
C PHE A 165 13.04 -32.81 -4.52
N THR A 166 12.90 -33.78 -3.62
CA THR A 166 11.79 -33.83 -2.67
C THR A 166 12.18 -33.27 -1.30
N HIS A 167 13.47 -33.33 -0.97
CA HIS A 167 13.97 -32.85 0.32
C HIS A 167 15.13 -31.87 0.19
N LEU A 168 15.25 -31.01 1.18
CA LEU A 168 16.37 -30.09 1.31
C LEU A 168 17.09 -30.46 2.58
N GLU A 169 18.41 -30.69 2.51
CA GLU A 169 19.18 -30.98 3.73
C GLU A 169 20.19 -29.87 4.05
N LEU A 170 20.06 -29.25 5.21
CA LEU A 170 20.97 -28.15 5.59
C LEU A 170 22.11 -28.60 6.47
N LEU A 171 23.32 -28.16 6.15
CA LEU A 171 24.39 -28.26 7.15
C LEU A 171 24.00 -27.35 8.31
N PRO A 172 24.37 -27.71 9.54
CA PRO A 172 23.88 -27.09 10.80
C PRO A 172 23.70 -25.56 10.80
N ILE A 173 22.48 -25.11 11.06
CA ILE A 173 22.21 -23.68 11.16
C ILE A 173 22.04 -23.18 12.60
N ASN A 174 22.49 -23.97 13.57
CA ASN A 174 22.62 -23.49 14.93
C ASN A 174 23.80 -22.52 15.03
N GLU A 175 23.73 -21.57 15.95
CA GLU A 175 24.74 -20.50 16.05
C GLU A 175 26.14 -21.07 16.32
N HIS A 176 27.10 -20.67 15.48
CA HIS A 176 28.49 -21.13 15.59
C HIS A 176 29.45 -20.01 15.25
N PRO A 177 30.58 -19.92 15.97
CA PRO A 177 31.51 -18.81 15.81
C PRO A 177 32.40 -18.83 14.56
N PHE A 178 32.74 -20.00 14.04
CA PHE A 178 33.63 -20.02 12.89
C PHE A 178 33.01 -20.73 11.67
N ASP A 179 33.21 -20.17 10.48
CA ASP A 179 32.66 -20.73 9.26
C ASP A 179 33.35 -22.04 8.87
N GLY A 180 34.60 -22.19 9.31
CA GLY A 180 35.40 -23.38 9.00
C GLY A 180 34.92 -24.68 9.64
N SER A 181 34.13 -24.57 10.69
CA SER A 181 33.52 -25.76 11.29
C SER A 181 32.33 -26.24 10.43
N TRP A 182 31.90 -25.40 9.50
CA TRP A 182 30.71 -25.65 8.67
C TRP A 182 29.41 -25.74 9.47
N GLY A 183 29.49 -25.57 10.79
CA GLY A 183 28.32 -25.64 11.63
C GLY A 183 28.37 -26.72 12.70
N TYR A 184 29.44 -27.52 12.70
CA TYR A 184 29.55 -28.67 13.59
C TYR A 184 30.27 -28.37 14.91
N GLN A 185 30.74 -27.13 15.08
CA GLN A 185 31.27 -26.69 16.36
C GLN A 185 30.40 -25.53 16.83
N PRO A 186 29.22 -25.86 17.42
CA PRO A 186 28.20 -24.88 17.76
C PRO A 186 28.41 -24.20 19.12
N THR A 187 27.74 -23.07 19.34
CA THR A 187 27.81 -22.38 20.61
C THR A 187 26.40 -22.15 21.18
N GLY A 188 25.43 -22.06 20.29
CA GLY A 188 24.03 -21.94 20.67
C GLY A 188 23.20 -22.94 19.89
N LEU A 189 22.65 -23.93 20.58
CA LEU A 189 21.92 -25.00 19.92
C LEU A 189 20.50 -24.61 19.51
N TYR A 190 19.93 -23.61 20.20
CA TYR A 190 18.54 -23.19 19.98
C TYR A 190 18.39 -21.92 19.13
N ALA A 191 19.49 -21.38 18.63
CA ALA A 191 19.42 -20.14 17.85
C ALA A 191 19.89 -20.37 16.42
N PRO A 192 19.05 -20.06 15.43
CA PRO A 192 19.53 -20.19 14.06
C PRO A 192 20.63 -19.16 13.85
N THR A 193 21.71 -19.52 13.16
CA THR A 193 22.82 -18.60 13.04
C THR A 193 22.32 -17.25 12.54
N ARG A 194 22.99 -16.18 12.96
CA ARG A 194 22.56 -14.82 12.61
C ARG A 194 23.24 -14.35 11.31
N ARG A 195 24.05 -15.22 10.73
CA ARG A 195 24.76 -14.93 9.49
C ARG A 195 23.86 -14.51 8.33
N PHE A 196 22.65 -15.03 8.28
CA PHE A 196 21.81 -14.84 7.11
C PHE A 196 20.51 -14.08 7.42
N GLY A 197 20.41 -13.53 8.61
CA GLY A 197 19.22 -12.79 9.01
C GLY A 197 18.70 -13.21 10.37
N THR A 198 17.47 -12.83 10.67
CA THR A 198 16.87 -13.12 11.97
C THR A 198 16.31 -14.55 12.01
N ARG A 199 15.85 -14.98 13.17
CA ARG A 199 15.29 -16.31 13.30
C ARG A 199 13.90 -16.39 12.66
N ASP A 200 13.23 -15.26 12.55
CA ASP A 200 11.94 -15.21 11.87
C ASP A 200 12.14 -15.34 10.35
N ASP A 201 13.24 -14.79 9.85
CA ASP A 201 13.61 -14.96 8.47
C ASP A 201 13.82 -16.44 8.15
N PHE A 202 14.56 -17.14 9.02
CA PHE A 202 14.79 -18.57 8.85
C PHE A 202 13.46 -19.30 8.79
N ARG A 203 12.61 -19.02 9.78
CA ARG A 203 11.25 -19.55 9.82
C ARG A 203 10.54 -19.33 8.48
N TYR A 204 10.71 -18.14 7.89
CA TYR A 204 10.14 -17.80 6.60
C TYR A 204 10.73 -18.63 5.45
N PHE A 205 12.00 -18.98 5.57
CA PHE A 205 12.68 -19.80 4.57
C PHE A 205 12.08 -21.21 4.57
N ILE A 206 11.78 -21.73 5.76
CA ILE A 206 11.19 -23.05 5.92
C ILE A 206 9.74 -23.07 5.41
N ASP A 207 8.99 -22.01 5.67
CA ASP A 207 7.61 -21.91 5.19
C ASP A 207 7.57 -21.95 3.65
N ALA A 208 8.48 -21.19 3.04
CA ALA A 208 8.62 -21.14 1.60
C ALA A 208 8.96 -22.50 1.02
N ALA A 209 9.80 -23.25 1.73
CA ALA A 209 10.19 -24.58 1.26
C ALA A 209 9.00 -25.51 1.33
N HIS A 210 8.19 -25.40 2.39
CA HIS A 210 6.99 -26.22 2.49
C HIS A 210 6.01 -25.85 1.39
N ALA A 211 5.81 -24.53 1.22
CA ALA A 211 4.92 -24.00 0.21
C ALA A 211 5.31 -24.43 -1.21
N ALA A 212 6.55 -24.83 -1.41
CA ALA A 212 6.98 -25.29 -2.74
C ALA A 212 6.92 -26.81 -2.86
N GLY A 213 6.53 -27.48 -1.79
CA GLY A 213 6.43 -28.94 -1.83
C GLY A 213 7.71 -29.70 -1.47
N LEU A 214 8.62 -29.05 -0.76
CA LEU A 214 9.84 -29.68 -0.24
C LEU A 214 9.72 -29.93 1.26
N ASN A 215 10.25 -31.06 1.72
CA ASN A 215 10.47 -31.30 3.13
C ASN A 215 11.86 -30.78 3.50
N VAL A 216 12.11 -30.51 4.78
CA VAL A 216 13.42 -30.02 5.20
C VAL A 216 14.07 -30.92 6.25
N ILE A 217 15.26 -31.40 5.94
CA ILE A 217 16.06 -32.15 6.89
C ILE A 217 17.15 -31.25 7.44
N LEU A 218 17.22 -31.12 8.76
CA LEU A 218 18.23 -30.28 9.38
C LEU A 218 19.31 -31.14 10.06
N ASP A 219 20.58 -30.83 9.75
CA ASP A 219 21.73 -31.47 10.40
C ASP A 219 21.77 -31.12 11.89
N TRP A 220 21.73 -32.13 12.74
CA TRP A 220 21.61 -31.92 14.17
C TRP A 220 22.88 -32.37 14.90
N VAL A 221 23.30 -31.58 15.89
CA VAL A 221 24.58 -31.80 16.51
C VAL A 221 24.47 -32.05 18.02
N PRO A 222 24.21 -33.30 18.41
CA PRO A 222 24.34 -33.57 19.83
C PRO A 222 25.66 -34.27 20.12
N GLY A 223 26.43 -34.57 19.07
CA GLY A 223 27.65 -35.34 19.21
C GLY A 223 28.91 -34.50 19.40
N HIS A 224 28.75 -33.19 19.24
CA HIS A 224 29.85 -32.23 19.41
C HIS A 224 29.52 -31.20 20.49
N PHE A 225 30.25 -31.25 21.59
CA PHE A 225 30.02 -30.34 22.72
C PHE A 225 30.62 -28.97 22.41
N PRO A 226 29.91 -27.90 22.80
CA PRO A 226 30.41 -26.53 22.63
C PRO A 226 31.80 -26.33 23.26
N THR A 227 32.84 -26.38 22.43
CA THR A 227 34.20 -26.13 22.89
C THR A 227 34.75 -24.81 22.33
N ASP A 228 34.02 -23.72 22.57
CA ASP A 228 34.33 -22.43 21.96
C ASP A 228 33.66 -21.26 22.68
N ASP A 229 34.43 -20.19 22.89
CA ASP A 229 33.94 -18.96 23.49
C ASP A 229 33.48 -19.12 24.95
N PHE A 230 33.70 -20.30 25.51
CA PHE A 230 33.33 -20.62 26.90
C PHE A 230 31.80 -20.66 27.07
N ALA A 231 31.10 -21.12 26.04
CA ALA A 231 29.64 -21.07 26.00
C ALA A 231 28.92 -22.13 26.85
N LEU A 232 29.56 -23.28 27.09
CA LEU A 232 28.87 -24.35 27.82
C LEU A 232 29.78 -25.17 28.75
N ALA A 233 31.09 -24.96 28.69
CA ALA A 233 32.02 -25.64 29.58
C ALA A 233 32.14 -24.90 30.91
N GLU A 234 32.37 -25.64 32.00
CA GLU A 234 32.41 -25.09 33.36
C GLU A 234 31.35 -23.99 33.55
N PHE A 235 30.08 -24.38 33.44
CA PHE A 235 28.99 -23.41 33.41
C PHE A 235 28.82 -22.66 34.71
N ASP A 236 28.38 -23.36 35.76
CA ASP A 236 28.20 -22.77 37.08
C ASP A 236 29.48 -22.86 37.93
N GLY A 237 30.53 -23.43 37.35
CA GLY A 237 31.77 -23.70 38.09
C GLY A 237 32.07 -25.18 38.12
N THR A 238 31.02 -25.99 37.96
CA THR A 238 31.14 -27.43 37.93
C THR A 238 30.93 -27.96 36.52
N ASN A 239 31.18 -29.25 36.33
CA ASN A 239 30.90 -29.90 35.06
C ASN A 239 29.41 -30.13 34.91
N LEU A 240 28.69 -29.04 34.61
CA LEU A 240 27.26 -29.08 34.41
C LEU A 240 26.84 -30.01 33.27
N TYR A 241 27.21 -29.64 32.04
CA TYR A 241 26.80 -30.39 30.86
C TYR A 241 27.83 -31.44 30.43
N GLU A 242 29.09 -31.24 30.81
CA GLU A 242 30.19 -32.12 30.39
C GLU A 242 30.54 -33.20 31.42
N HIS A 243 31.46 -34.10 31.06
CA HIS A 243 31.78 -35.28 31.87
C HIS A 243 32.99 -35.14 32.80
N SER A 244 33.10 -36.10 33.71
CA SER A 244 34.12 -36.17 34.76
C SER A 244 33.47 -36.43 36.12
N THR A 256 37.48 -33.95 22.90
CA THR A 256 37.73 -34.49 24.23
C THR A 256 36.64 -34.08 25.21
N LEU A 257 36.18 -32.84 25.12
CA LEU A 257 35.04 -32.40 25.91
C LEU A 257 33.77 -32.98 25.29
N ILE A 258 33.15 -33.92 25.99
CA ILE A 258 31.92 -34.55 25.50
C ILE A 258 30.75 -34.33 26.46
N TYR A 259 29.54 -34.62 26.00
CA TYR A 259 28.35 -34.42 26.83
C TYR A 259 28.20 -35.46 27.93
N ASN A 260 27.45 -35.09 28.96
CA ASN A 260 27.05 -36.01 30.01
C ASN A 260 25.59 -36.43 29.81
N TYR A 261 25.36 -37.30 28.84
CA TYR A 261 24.01 -37.73 28.48
C TYR A 261 23.28 -38.40 29.64
N GLY A 262 24.00 -38.63 30.74
CA GLY A 262 23.45 -39.33 31.90
C GLY A 262 22.47 -38.53 32.72
N ARG A 263 22.81 -37.28 32.99
CA ARG A 263 21.93 -36.37 33.74
C ARG A 263 20.56 -36.22 33.09
N ARG A 264 19.54 -35.97 33.91
CA ARG A 264 18.19 -35.74 33.41
C ARG A 264 18.10 -34.45 32.60
N GLU A 265 18.41 -33.33 33.25
CA GLU A 265 18.31 -32.01 32.64
C GLU A 265 19.16 -31.82 31.37
N VAL A 266 20.33 -32.47 31.31
CA VAL A 266 21.17 -32.38 30.12
C VAL A 266 20.48 -33.11 28.97
N SER A 267 20.07 -34.35 29.22
CA SER A 267 19.28 -35.09 28.24
C SER A 267 18.04 -34.28 27.81
N ASN A 268 17.50 -33.50 28.75
CA ASN A 268 16.37 -32.60 28.45
C ASN A 268 16.77 -31.49 27.49
N PHE A 269 17.94 -30.90 27.73
CA PHE A 269 18.47 -29.85 26.87
C PHE A 269 18.68 -30.33 25.42
N LEU A 270 19.02 -31.60 25.24
CA LEU A 270 19.24 -32.16 23.92
C LEU A 270 17.95 -32.65 23.24
N VAL A 271 17.21 -33.52 23.91
CA VAL A 271 15.90 -33.96 23.44
C VAL A 271 15.00 -32.75 23.19
N GLY A 272 14.92 -31.86 24.18
CA GLY A 272 14.13 -30.65 24.09
C GLY A 272 14.45 -29.83 22.87
N ASN A 273 15.73 -29.79 22.51
CA ASN A 273 16.17 -29.09 21.31
C ASN A 273 15.61 -29.73 20.02
N ALA A 274 15.38 -31.04 20.06
CA ALA A 274 14.86 -31.76 18.89
C ALA A 274 13.39 -31.44 18.64
N LEU A 275 12.58 -31.37 19.69
CA LEU A 275 11.18 -30.97 19.53
C LEU A 275 11.07 -29.50 19.12
N TYR A 276 12.09 -28.73 19.47
CA TYR A 276 12.14 -27.31 19.16
C TYR A 276 12.08 -27.09 17.66
N TRP A 277 13.02 -27.70 16.94
CA TRP A 277 13.12 -27.54 15.48
C TRP A 277 11.89 -28.12 14.78
N ILE A 278 11.43 -29.27 15.21
CA ILE A 278 10.27 -29.93 14.56
C ILE A 278 8.92 -29.25 14.80
N GLU A 279 8.71 -28.69 15.99
CA GLU A 279 7.42 -28.10 16.32
C GLU A 279 7.39 -26.59 16.11
N ARG A 280 8.51 -25.93 16.36
CA ARG A 280 8.55 -24.47 16.33
C ARG A 280 9.13 -23.92 15.03
N PHE A 281 9.64 -24.81 14.18
CA PHE A 281 10.17 -24.37 12.90
C PHE A 281 9.67 -25.23 11.75
N GLY A 282 9.02 -26.33 12.08
CA GLY A 282 8.40 -27.19 11.07
C GLY A 282 9.40 -28.03 10.31
N ILE A 283 10.53 -28.31 10.94
CA ILE A 283 11.53 -29.20 10.37
C ILE A 283 10.92 -30.60 10.26
N ASP A 284 11.18 -31.29 9.15
CA ASP A 284 10.55 -32.58 8.86
C ASP A 284 11.40 -33.80 9.26
N ALA A 285 12.70 -33.59 9.42
CA ALA A 285 13.60 -34.68 9.72
C ALA A 285 14.87 -34.15 10.31
N LEU A 286 15.59 -35.00 11.03
CA LEU A 286 16.87 -34.62 11.61
C LEU A 286 17.95 -35.64 11.25
N ARG A 287 19.13 -35.16 10.86
CA ARG A 287 20.25 -36.06 10.59
C ARG A 287 21.34 -35.89 11.63
N VAL A 288 21.85 -37.01 12.13
CA VAL A 288 22.89 -36.97 13.14
C VAL A 288 24.20 -37.52 12.56
N ASP A 289 25.27 -36.73 12.65
CA ASP A 289 26.58 -37.15 12.14
C ASP A 289 27.47 -37.75 13.25
N ALA A 290 28.54 -38.41 12.83
CA ALA A 290 29.53 -39.00 13.74
C ALA A 290 28.90 -39.75 14.91
N VAL A 291 27.90 -40.58 14.61
CA VAL A 291 27.26 -41.41 15.62
C VAL A 291 28.27 -42.36 16.28
N ALA A 292 29.28 -42.77 15.52
CA ALA A 292 30.34 -43.62 16.05
C ALA A 292 31.18 -42.87 17.09
N SER A 293 31.50 -41.62 16.77
CA SER A 293 32.28 -40.77 17.66
C SER A 293 31.52 -40.47 18.95
N MET A 294 30.24 -40.78 18.95
CA MET A 294 29.36 -40.49 20.09
C MET A 294 29.23 -41.71 20.99
N ILE A 295 29.17 -42.89 20.37
CA ILE A 295 28.93 -44.13 21.11
C ILE A 295 30.18 -44.98 21.36
N TYR A 296 31.35 -44.34 21.30
CA TYR A 296 32.62 -45.00 21.59
C TYR A 296 33.53 -44.12 22.46
N GLY A 312 33.76 -54.35 19.61
CA GLY A 312 33.11 -53.50 20.62
C GLY A 312 33.80 -53.63 21.96
N GLY A 313 33.79 -52.54 22.72
CA GLY A 313 34.42 -52.53 24.04
C GLY A 313 34.44 -51.14 24.66
N ARG A 314 34.46 -50.12 23.81
CA ARG A 314 34.48 -48.74 24.28
C ARG A 314 33.05 -48.25 24.55
N GLU A 315 32.08 -49.02 24.09
CA GLU A 315 30.67 -48.62 24.11
C GLU A 315 30.32 -47.70 25.26
N ASN A 316 29.94 -46.46 24.91
CA ASN A 316 29.45 -45.51 25.90
C ASN A 316 27.97 -45.76 26.13
N LEU A 317 27.67 -46.52 27.18
CA LEU A 317 26.31 -46.98 27.47
C LEU A 317 25.27 -45.87 27.43
N GLU A 318 25.66 -44.69 27.86
CA GLU A 318 24.75 -43.55 27.98
C GLU A 318 24.50 -42.82 26.66
N ALA A 319 25.40 -43.00 25.70
CA ALA A 319 25.20 -42.44 24.37
C ALA A 319 24.22 -43.32 23.61
N ILE A 320 24.41 -44.63 23.68
CA ILE A 320 23.50 -45.59 23.05
C ILE A 320 22.08 -45.39 23.55
N GLU A 321 21.93 -45.15 24.85
CA GLU A 321 20.61 -44.99 25.45
C GLU A 321 19.97 -43.63 25.15
N PHE A 322 20.81 -42.62 24.94
CA PHE A 322 20.31 -41.29 24.63
C PHE A 322 19.71 -41.24 23.23
N LEU A 323 20.38 -41.89 22.28
CA LEU A 323 19.89 -42.00 20.92
C LEU A 323 18.57 -42.76 20.89
N ARG A 324 18.48 -43.81 21.71
CA ARG A 324 17.29 -44.64 21.80
C ARG A 324 16.11 -43.89 22.41
N ASN A 325 16.37 -43.12 23.45
CA ASN A 325 15.32 -42.30 24.06
C ASN A 325 14.87 -41.14 23.18
N THR A 326 15.84 -40.45 22.58
CA THR A 326 15.52 -39.39 21.61
C THR A 326 14.60 -39.92 20.53
N ASN A 327 15.04 -40.98 19.84
CA ASN A 327 14.25 -41.59 18.78
C ASN A 327 12.88 -42.06 19.25
N ARG A 328 12.82 -42.72 20.40
CA ARG A 328 11.53 -43.19 20.92
C ARG A 328 10.59 -42.01 21.17
N ILE A 329 11.09 -41.02 21.91
CA ILE A 329 10.32 -39.81 22.22
C ILE A 329 9.87 -39.05 20.97
N LEU A 330 10.76 -38.88 20.00
CA LEU A 330 10.39 -38.24 18.73
C LEU A 330 9.28 -39.02 18.05
N GLY A 331 9.41 -40.34 17.99
CA GLY A 331 8.41 -41.17 17.33
C GLY A 331 7.07 -41.07 18.03
N GLU A 332 7.09 -40.84 19.33
CA GLU A 332 5.85 -40.76 20.09
C GLU A 332 5.24 -39.36 20.09
N GLN A 333 6.08 -38.33 20.04
CA GLN A 333 5.64 -36.93 20.16
C GLN A 333 5.39 -36.24 18.82
N VAL A 334 6.10 -36.69 17.79
CA VAL A 334 5.97 -36.06 16.48
C VAL A 334 6.08 -37.10 15.37
N SER A 335 5.30 -38.16 15.47
CA SER A 335 5.32 -39.20 14.44
C SER A 335 5.00 -38.53 13.13
N GLY A 336 5.72 -38.91 12.08
CA GLY A 336 5.66 -38.19 10.82
C GLY A 336 7.02 -37.59 10.52
N ALA A 337 7.69 -37.15 11.57
CA ALA A 337 9.09 -36.72 11.47
C ALA A 337 9.97 -37.94 11.63
N VAL A 338 11.14 -37.94 11.01
CA VAL A 338 12.03 -39.08 11.09
C VAL A 338 13.46 -38.61 11.35
N THR A 339 14.34 -39.55 11.68
CA THR A 339 15.75 -39.23 11.88
C THR A 339 16.64 -40.07 10.98
N MET A 340 17.79 -39.53 10.62
CA MET A 340 18.79 -40.28 9.84
C MET A 340 20.16 -40.16 10.50
N ALA A 341 21.02 -41.15 10.29
CA ALA A 341 22.31 -41.19 10.96
C ALA A 341 23.44 -41.66 10.05
N GLU A 342 24.62 -41.08 10.25
CA GLU A 342 25.83 -41.62 9.66
C GLU A 342 26.60 -42.39 10.74
N GLU A 343 26.93 -43.64 10.47
CA GLU A 343 27.66 -44.47 11.43
C GLU A 343 28.67 -45.34 10.67
N SER A 344 29.94 -45.24 11.05
CA SER A 344 31.01 -45.79 10.22
C SER A 344 31.63 -47.12 10.67
N THR A 345 31.05 -47.75 11.70
CA THR A 345 31.65 -48.98 12.24
C THR A 345 30.72 -50.19 12.10
N ASP A 346 29.71 -50.06 11.26
CA ASP A 346 28.75 -51.14 11.06
C ASP A 346 28.13 -51.63 12.37
N PHE A 347 27.90 -50.70 13.29
CA PHE A 347 27.16 -50.98 14.52
C PHE A 347 25.80 -51.52 14.13
N PRO A 348 25.57 -52.82 14.39
CA PRO A 348 24.35 -53.46 13.88
C PRO A 348 23.06 -52.78 14.36
N GLY A 349 22.09 -52.67 13.46
CA GLY A 349 20.75 -52.22 13.84
C GLY A 349 20.54 -50.73 13.98
N VAL A 350 21.41 -49.92 13.37
CA VAL A 350 21.28 -48.46 13.46
C VAL A 350 19.88 -47.99 13.07
N SER A 351 19.38 -48.48 11.94
CA SER A 351 18.04 -48.11 11.51
C SER A 351 16.98 -49.17 11.85
N ARG A 352 17.13 -49.81 13.01
CA ARG A 352 16.19 -50.84 13.46
C ARG A 352 15.56 -50.48 14.81
N PRO A 353 14.33 -50.96 15.06
CA PRO A 353 13.55 -50.72 16.30
C PRO A 353 14.31 -51.09 17.57
N GLN A 354 14.19 -50.24 18.58
CA GLN A 354 14.95 -50.39 19.82
C GLN A 354 14.93 -51.78 20.45
N ASP A 355 13.78 -52.44 20.42
CA ASP A 355 13.61 -53.71 21.14
C ASP A 355 14.65 -54.79 20.80
N MET A 356 15.25 -54.74 19.61
CA MET A 356 16.37 -55.63 19.32
C MET A 356 17.67 -54.84 19.25
N GLY A 357 18.44 -55.04 18.17
CA GLY A 357 19.67 -54.26 17.96
C GLY A 357 19.54 -52.88 18.58
N GLY A 358 18.63 -52.08 18.03
CA GLY A 358 18.29 -50.80 18.64
C GLY A 358 18.95 -49.60 18.01
N LEU A 359 18.87 -48.48 18.71
CA LEU A 359 19.25 -47.16 18.21
C LEU A 359 18.02 -46.41 17.72
N GLY A 360 17.24 -47.02 16.82
CA GLY A 360 15.92 -46.50 16.46
C GLY A 360 15.87 -45.36 15.46
N PHE A 361 16.80 -45.34 14.51
CA PHE A 361 16.77 -44.35 13.45
C PHE A 361 15.96 -44.89 12.29
N TRP A 362 15.26 -44.01 11.58
CA TRP A 362 14.53 -44.42 10.40
C TRP A 362 15.48 -44.80 9.24
N TYR A 363 16.50 -44.00 9.01
CA TYR A 363 17.41 -44.20 7.87
C TYR A 363 18.87 -44.16 8.26
N LYS A 364 19.69 -44.76 7.41
CA LYS A 364 21.13 -44.79 7.62
C LYS A 364 21.85 -44.45 6.32
N TRP A 365 22.87 -43.60 6.40
CA TRP A 365 23.71 -43.31 5.24
C TRP A 365 24.45 -44.58 4.83
N ASN A 366 24.42 -44.88 3.54
CA ASN A 366 25.12 -46.04 3.02
C ASN A 366 26.55 -45.66 2.62
N LEU A 367 27.46 -45.60 3.59
CA LEU A 367 28.83 -45.19 3.34
C LEU A 367 29.58 -46.21 2.52
N GLY A 368 29.26 -47.49 2.75
CA GLY A 368 29.88 -48.60 2.03
C GLY A 368 29.64 -48.51 0.54
N TRP A 369 28.41 -48.22 0.15
CA TRP A 369 28.06 -48.15 -1.26
C TRP A 369 28.76 -46.96 -1.92
N MET A 370 28.86 -45.85 -1.18
CA MET A 370 29.51 -44.66 -1.68
C MET A 370 30.99 -44.96 -1.92
N HIS A 371 31.62 -45.65 -0.99
CA HIS A 371 33.03 -46.04 -1.11
C HIS A 371 33.28 -47.06 -2.22
N ASP A 372 32.39 -48.05 -2.33
CA ASP A 372 32.52 -49.09 -3.33
C ASP A 372 32.32 -48.58 -4.74
N THR A 373 31.24 -47.83 -4.98
CA THR A 373 30.91 -47.44 -6.34
C THR A 373 31.90 -46.40 -6.86
N LEU A 374 32.37 -45.54 -5.96
CA LEU A 374 33.37 -44.54 -6.30
C LEU A 374 34.69 -45.20 -6.64
N ASP A 375 35.15 -46.14 -5.81
CA ASP A 375 36.39 -46.86 -6.10
C ASP A 375 36.32 -47.54 -7.46
N TYR A 376 35.15 -48.12 -7.76
CA TYR A 376 34.90 -48.79 -9.03
C TYR A 376 34.90 -47.74 -10.16
N MET A 377 34.10 -46.69 -9.96
CA MET A 377 33.99 -45.59 -10.92
C MET A 377 35.34 -44.98 -11.28
N LYS A 378 36.26 -44.93 -10.32
CA LYS A 378 37.58 -44.35 -10.51
C LYS A 378 38.45 -45.13 -11.49
N LEU A 379 38.29 -46.45 -11.53
CA LEU A 379 39.17 -47.30 -12.32
C LEU A 379 39.01 -47.09 -13.82
N ASP A 380 40.13 -47.17 -14.52
CA ASP A 380 40.14 -47.24 -15.98
C ASP A 380 39.13 -48.28 -16.46
N PRO A 381 38.16 -47.86 -17.30
CA PRO A 381 37.10 -48.75 -17.78
C PRO A 381 37.62 -50.14 -18.11
N VAL A 382 38.92 -50.23 -18.34
CA VAL A 382 39.55 -51.45 -18.83
C VAL A 382 39.96 -52.41 -17.71
N TYR A 383 39.89 -51.94 -16.47
CA TYR A 383 40.27 -52.75 -15.31
C TYR A 383 39.03 -53.06 -14.48
N ARG A 384 37.88 -52.60 -14.97
CA ARG A 384 36.61 -52.83 -14.28
C ARG A 384 36.18 -54.31 -14.29
N GLN A 385 36.63 -55.08 -15.28
CA GLN A 385 36.27 -56.50 -15.34
C GLN A 385 36.70 -57.28 -14.11
N TYR A 386 37.76 -56.81 -13.44
CA TYR A 386 38.29 -57.49 -12.25
C TYR A 386 37.73 -56.93 -10.94
N HIS A 387 36.83 -55.95 -11.01
CA HIS A 387 36.28 -55.31 -9.81
C HIS A 387 34.75 -55.24 -9.81
N HIS A 388 34.15 -56.03 -10.68
CA HIS A 388 32.70 -56.20 -10.78
C HIS A 388 32.01 -56.29 -9.42
N ASP A 389 32.69 -56.90 -8.45
CA ASP A 389 32.10 -57.19 -7.15
C ASP A 389 31.79 -55.95 -6.34
N LYS A 390 32.12 -54.78 -6.87
CA LYS A 390 31.86 -53.53 -6.15
C LYS A 390 30.47 -52.97 -6.44
N LEU A 391 29.88 -53.41 -7.55
CA LEU A 391 28.55 -52.98 -7.93
C LEU A 391 27.48 -53.99 -7.46
N THR A 392 27.90 -55.22 -7.21
CA THR A 392 26.96 -56.26 -6.84
C THR A 392 26.87 -56.40 -5.32
N PHE A 393 28.01 -56.22 -4.65
CA PHE A 393 28.13 -56.49 -3.23
C PHE A 393 27.12 -55.77 -2.34
N GLY A 394 26.61 -54.64 -2.79
CA GLY A 394 25.70 -53.83 -1.99
C GLY A 394 24.31 -54.38 -1.84
N ILE A 395 23.95 -55.36 -2.67
CA ILE A 395 22.63 -55.97 -2.58
C ILE A 395 22.61 -57.02 -1.45
N LEU A 396 23.78 -57.56 -1.14
CA LEU A 396 23.90 -58.54 -0.07
C LEU A 396 23.42 -58.05 1.30
N TYR A 397 23.66 -56.78 1.61
CA TYR A 397 23.31 -56.27 2.94
C TYR A 397 22.30 -55.14 2.92
N ASN A 398 21.59 -55.01 1.80
CA ASN A 398 20.62 -53.92 1.62
C ASN A 398 19.40 -54.02 2.52
N TYR A 399 19.27 -55.13 3.22
CA TYR A 399 18.07 -55.40 4.01
C TYR A 399 18.36 -55.44 5.49
N THR A 400 19.60 -55.07 5.84
CA THR A 400 20.03 -54.98 7.23
C THR A 400 19.87 -53.57 7.78
N GLU A 401 19.71 -52.59 6.88
CA GLU A 401 19.49 -51.20 7.26
C GLU A 401 18.56 -50.53 6.23
N ASN A 402 17.98 -49.39 6.59
CA ASN A 402 17.23 -48.56 5.64
C ASN A 402 18.12 -47.47 5.04
N PHE A 403 18.57 -47.64 3.81
CA PHE A 403 19.66 -46.85 3.28
C PHE A 403 19.29 -45.60 2.49
N VAL A 404 20.11 -44.58 2.69
CA VAL A 404 20.20 -43.42 1.82
C VAL A 404 21.56 -43.50 1.12
N LEU A 405 21.54 -43.44 -0.19
CA LEU A 405 22.77 -43.42 -0.99
C LEU A 405 23.31 -41.99 -1.03
N PRO A 406 24.45 -41.74 -0.36
CA PRO A 406 24.90 -40.38 -0.13
C PRO A 406 26.16 -39.98 -0.91
N LEU A 407 26.04 -38.95 -1.74
CA LEU A 407 27.22 -38.32 -2.31
C LEU A 407 27.30 -36.94 -1.70
N SER A 408 27.83 -36.87 -0.48
CA SER A 408 27.71 -35.68 0.35
C SER A 408 28.99 -34.83 0.43
N HIS A 409 28.94 -33.78 1.27
CA HIS A 409 30.04 -32.82 1.38
C HIS A 409 31.39 -33.43 1.75
N ASP A 410 31.38 -34.48 2.58
CA ASP A 410 32.62 -35.06 3.08
C ASP A 410 33.48 -35.61 1.95
N GLU A 411 32.84 -35.90 0.84
CA GLU A 411 33.47 -36.56 -0.28
C GLU A 411 34.21 -35.62 -1.21
N VAL A 412 33.92 -34.32 -1.08
CA VAL A 412 34.51 -33.33 -1.96
C VAL A 412 35.25 -32.22 -1.22
N VAL A 413 36.14 -32.61 -0.30
CA VAL A 413 37.00 -31.67 0.41
C VAL A 413 38.40 -32.27 0.64
N HIS A 414 39.27 -31.51 1.28
CA HIS A 414 40.60 -31.98 1.73
C HIS A 414 41.40 -32.76 0.70
N GLY A 415 41.41 -32.30 -0.56
CA GLY A 415 42.14 -33.02 -1.61
C GLY A 415 41.55 -34.37 -1.94
N LYS A 416 40.22 -34.49 -1.83
CA LYS A 416 39.52 -35.71 -2.23
C LYS A 416 38.98 -35.58 -3.65
N LYS A 417 39.14 -34.39 -4.22
CA LYS A 417 38.63 -34.08 -5.56
C LYS A 417 37.10 -34.06 -5.59
N SER A 418 36.55 -33.46 -6.63
CA SER A 418 35.11 -33.46 -6.83
C SER A 418 34.75 -34.82 -7.39
N ILE A 419 33.46 -35.08 -7.56
CA ILE A 419 33.00 -36.34 -8.15
C ILE A 419 33.45 -36.46 -9.61
N LEU A 420 33.40 -35.35 -10.34
CA LEU A 420 33.81 -35.35 -11.74
C LEU A 420 35.30 -35.62 -11.93
N ASP A 421 36.14 -35.12 -11.01
CA ASP A 421 37.59 -35.34 -11.13
C ASP A 421 38.03 -36.76 -10.76
N ARG A 422 37.10 -37.55 -10.22
CA ARG A 422 37.38 -38.93 -9.91
C ARG A 422 37.32 -39.81 -11.16
N MET A 423 36.64 -39.31 -12.20
CA MET A 423 36.41 -40.11 -13.41
C MET A 423 37.63 -40.15 -14.33
N PRO A 424 37.80 -41.26 -15.06
CA PRO A 424 38.98 -41.46 -15.92
C PRO A 424 38.76 -40.99 -17.36
N GLY A 425 39.87 -40.79 -18.06
CA GLY A 425 39.87 -40.47 -19.49
C GLY A 425 39.91 -39.00 -19.82
N ASP A 426 39.95 -38.70 -21.11
CA ASP A 426 39.76 -37.35 -21.61
C ASP A 426 38.40 -36.83 -21.14
N ALA A 427 38.11 -35.57 -21.45
CA ALA A 427 36.94 -34.88 -20.93
C ALA A 427 35.62 -35.57 -21.21
N TRP A 428 35.31 -35.81 -22.48
CA TRP A 428 34.04 -36.44 -22.83
C TRP A 428 33.83 -37.75 -22.07
N GLN A 429 34.91 -38.48 -21.81
CA GLN A 429 34.78 -39.75 -21.08
C GLN A 429 34.44 -39.57 -19.61
N LYS A 430 34.99 -38.54 -18.98
CA LYS A 430 34.74 -38.27 -17.56
C LYS A 430 33.28 -37.93 -17.37
N PHE A 431 32.75 -37.15 -18.32
CA PHE A 431 31.34 -36.73 -18.28
C PHE A 431 30.36 -37.86 -18.61
N ALA A 432 30.78 -38.77 -19.50
CA ALA A 432 29.94 -39.95 -19.80
C ALA A 432 29.94 -40.89 -18.61
N ASN A 433 31.12 -41.10 -18.02
CA ASN A 433 31.18 -41.90 -16.78
C ASN A 433 30.29 -41.36 -15.67
N LEU A 434 30.39 -40.07 -15.39
CA LEU A 434 29.62 -39.44 -14.32
C LEU A 434 28.12 -39.59 -14.57
N ARG A 435 27.72 -39.39 -15.83
CA ARG A 435 26.32 -39.51 -16.23
C ARG A 435 25.78 -40.92 -16.03
N ALA A 436 26.58 -41.91 -16.43
CA ALA A 436 26.26 -43.33 -16.23
C ALA A 436 26.14 -43.71 -14.76
N TYR A 437 27.05 -43.20 -13.94
CA TYR A 437 27.06 -43.42 -12.48
C TYR A 437 25.77 -42.93 -11.85
N TYR A 438 25.32 -41.73 -12.22
CA TYR A 438 24.08 -41.18 -11.71
C TYR A 438 22.90 -42.04 -12.17
N GLY A 439 23.00 -42.56 -13.39
CA GLY A 439 21.99 -43.45 -13.94
C GLY A 439 21.87 -44.70 -13.09
N TRP A 440 23.03 -45.22 -12.68
CA TRP A 440 23.11 -46.37 -11.79
C TRP A 440 22.60 -46.03 -10.40
N MET A 441 23.14 -44.95 -9.84
CA MET A 441 22.76 -44.52 -8.49
C MET A 441 21.26 -44.39 -8.35
N TRP A 442 20.59 -43.78 -9.33
CA TRP A 442 19.17 -43.43 -9.21
C TRP A 442 18.23 -44.63 -9.34
N ALA A 443 18.75 -45.75 -9.84
CA ALA A 443 17.98 -47.00 -9.95
C ALA A 443 18.26 -47.98 -8.83
N PHE A 444 19.34 -47.76 -8.07
CA PHE A 444 19.76 -48.69 -7.05
C PHE A 444 18.93 -48.56 -5.77
N PRO A 445 18.49 -49.69 -5.20
CA PRO A 445 17.76 -49.60 -3.93
C PRO A 445 18.40 -48.64 -2.94
N GLY A 446 17.60 -47.71 -2.43
CA GLY A 446 18.06 -46.70 -1.46
C GLY A 446 17.54 -45.33 -1.85
N LYS A 447 17.35 -44.45 -0.88
CA LYS A 447 17.00 -43.05 -1.17
C LYS A 447 18.25 -42.35 -1.65
N LYS A 448 18.10 -41.13 -2.16
CA LYS A 448 19.23 -40.47 -2.83
C LYS A 448 19.57 -39.16 -2.14
N LEU A 449 20.86 -38.86 -2.13
CA LEU A 449 21.36 -37.64 -1.54
C LEU A 449 22.48 -37.10 -2.40
N LEU A 450 22.37 -35.84 -2.82
CA LEU A 450 23.38 -35.22 -3.66
C LEU A 450 23.77 -33.84 -3.10
N PHE A 451 25.06 -33.64 -2.86
CA PHE A 451 25.53 -32.39 -2.32
C PHE A 451 25.64 -31.36 -3.41
N MET A 452 25.15 -30.15 -3.14
CA MET A 452 25.23 -29.00 -4.05
C MET A 452 26.54 -28.92 -4.86
N GLY A 453 26.42 -28.64 -6.15
CA GLY A 453 27.58 -28.58 -7.04
C GLY A 453 27.76 -29.83 -7.87
N ASN A 454 27.30 -30.97 -7.33
CA ASN A 454 27.38 -32.25 -8.02
C ASN A 454 26.42 -32.33 -9.18
N GLU A 455 25.31 -31.61 -9.09
CA GLU A 455 24.26 -31.73 -10.11
C GLU A 455 24.69 -31.07 -11.43
N PHE A 456 25.59 -30.11 -11.34
CA PHE A 456 26.15 -29.56 -12.57
C PHE A 456 27.60 -29.93 -12.82
N ALA A 457 28.07 -30.95 -12.12
CA ALA A 457 29.46 -31.42 -12.28
C ALA A 457 30.52 -30.32 -12.09
N GLN A 458 30.63 -29.79 -10.88
CA GLN A 458 31.71 -28.87 -10.55
C GLN A 458 33.04 -29.62 -10.57
N GLY A 459 34.04 -29.05 -11.24
CA GLY A 459 35.36 -29.67 -11.34
C GLY A 459 36.22 -29.54 -10.09
N ARG A 460 36.10 -28.41 -9.40
CA ARG A 460 36.88 -28.13 -8.21
C ARG A 460 36.18 -28.60 -6.94
N GLU A 461 36.97 -28.92 -5.92
CA GLU A 461 36.48 -29.26 -4.58
C GLU A 461 35.66 -28.13 -3.99
N TRP A 462 34.75 -28.47 -3.08
CA TRP A 462 33.88 -27.49 -2.43
C TRP A 462 34.71 -26.57 -1.53
N ASN A 463 34.39 -25.29 -1.58
CA ASN A 463 34.98 -24.28 -0.70
C ASN A 463 33.89 -23.55 0.05
N HIS A 464 33.86 -23.73 1.37
CA HIS A 464 32.83 -23.11 2.22
C HIS A 464 32.94 -21.60 2.22
N ASP A 465 34.07 -21.11 1.73
CA ASP A 465 34.40 -19.69 1.81
C ASP A 465 33.87 -18.93 0.59
N ALA A 466 33.55 -19.69 -0.47
CA ALA A 466 33.18 -19.09 -1.75
C ALA A 466 31.86 -19.64 -2.24
N SER A 467 31.19 -18.87 -3.09
CA SER A 467 30.07 -19.35 -3.89
C SER A 467 30.49 -20.58 -4.69
N LEU A 468 29.52 -21.41 -5.07
CA LEU A 468 29.81 -22.53 -5.97
C LEU A 468 30.19 -21.99 -7.36
N ASP A 469 30.84 -22.83 -8.15
CA ASP A 469 31.29 -22.46 -9.48
C ASP A 469 30.14 -22.37 -10.48
N TRP A 470 29.15 -21.56 -10.16
CA TRP A 470 27.98 -21.37 -11.02
C TRP A 470 28.34 -20.83 -12.40
N HIS A 471 29.59 -20.39 -12.57
CA HIS A 471 30.03 -19.76 -13.82
C HIS A 471 30.21 -20.81 -14.93
N LEU A 472 30.48 -22.05 -14.53
CA LEU A 472 30.60 -23.15 -15.48
C LEU A 472 29.33 -23.22 -16.33
N LEU A 473 28.23 -22.74 -15.76
CA LEU A 473 26.94 -22.76 -16.46
C LEU A 473 26.69 -21.49 -17.29
N GLU A 474 27.72 -20.67 -17.47
CA GLU A 474 27.60 -19.48 -18.33
C GLU A 474 27.92 -19.81 -19.78
N GLY A 475 27.42 -18.99 -20.70
CA GLY A 475 27.62 -19.22 -22.14
C GLY A 475 26.68 -20.26 -22.76
N GLY A 476 27.02 -20.72 -23.96
CA GLY A 476 26.17 -21.65 -24.71
C GLY A 476 26.12 -23.04 -24.11
N ASP A 477 25.16 -23.86 -24.53
CA ASP A 477 25.00 -25.16 -23.89
C ASP A 477 26.31 -25.94 -23.86
N ASN A 478 26.65 -26.42 -22.67
CA ASN A 478 27.90 -27.15 -22.52
C ASN A 478 27.70 -28.42 -21.70
N TRP A 479 28.79 -29.16 -21.51
CA TRP A 479 28.71 -30.42 -20.83
C TRP A 479 28.07 -30.35 -19.43
N HIS A 480 28.28 -29.23 -18.73
CA HIS A 480 27.72 -29.05 -17.38
C HIS A 480 26.21 -28.88 -17.41
N HIS A 481 25.68 -28.24 -18.43
CA HIS A 481 24.24 -28.16 -18.61
C HIS A 481 23.69 -29.57 -18.84
N GLY A 482 24.49 -30.41 -19.50
CA GLY A 482 24.10 -31.77 -19.82
C GLY A 482 23.86 -32.59 -18.58
N VAL A 483 24.80 -32.56 -17.65
CA VAL A 483 24.64 -33.28 -16.37
C VAL A 483 23.48 -32.72 -15.58
N GLN A 484 23.32 -31.39 -15.58
CA GLN A 484 22.26 -30.74 -14.82
C GLN A 484 20.89 -31.15 -15.33
N ARG A 485 20.76 -31.29 -16.64
CA ARG A 485 19.50 -31.74 -17.21
C ARG A 485 19.26 -33.21 -16.83
N LEU A 486 20.32 -34.01 -16.81
CA LEU A 486 20.18 -35.42 -16.48
C LEU A 486 19.60 -35.57 -15.09
N VAL A 487 20.26 -34.95 -14.12
CA VAL A 487 19.85 -35.06 -12.72
C VAL A 487 18.38 -34.69 -12.53
N ARG A 488 17.92 -33.67 -13.24
CA ARG A 488 16.50 -33.32 -13.21
C ARG A 488 15.60 -34.41 -13.81
N ASP A 489 15.94 -34.93 -14.98
CA ASP A 489 15.17 -36.04 -15.57
C ASP A 489 15.23 -37.27 -14.66
N LEU A 490 16.41 -37.54 -14.13
CA LEU A 490 16.59 -38.62 -13.16
C LEU A 490 15.62 -38.50 -11.98
N ASN A 491 15.52 -37.31 -11.39
CA ASN A 491 14.59 -37.06 -10.28
C ASN A 491 13.13 -37.16 -10.66
N LEU A 492 12.76 -36.59 -11.81
CA LEU A 492 11.38 -36.60 -12.26
C LEU A 492 10.90 -38.02 -12.60
N THR A 493 11.71 -38.76 -13.35
CA THR A 493 11.39 -40.13 -13.76
C THR A 493 11.28 -41.05 -12.53
N TYR A 494 12.31 -41.01 -11.70
CA TYR A 494 12.36 -41.74 -10.43
C TYR A 494 11.10 -41.53 -9.53
N ARG A 495 10.55 -40.33 -9.52
CA ARG A 495 9.37 -40.05 -8.71
C ARG A 495 8.05 -40.47 -9.38
N HIS A 496 8.08 -40.59 -10.70
CA HIS A 496 6.87 -40.92 -11.43
C HIS A 496 6.50 -42.42 -11.32
N HIS A 497 7.50 -43.30 -11.36
CA HIS A 497 7.26 -44.74 -11.41
C HIS A 497 7.44 -45.42 -10.05
N LYS A 498 6.37 -45.98 -9.49
CA LYS A 498 6.43 -46.60 -8.17
C LYS A 498 7.58 -47.62 -8.11
N ALA A 499 7.71 -48.38 -9.20
CA ALA A 499 8.74 -49.40 -9.33
C ALA A 499 10.10 -48.93 -8.83
N MET A 500 10.36 -47.64 -9.00
CA MET A 500 11.66 -47.06 -8.68
C MET A 500 11.88 -46.74 -7.19
N HIS A 501 10.81 -46.77 -6.38
CA HIS A 501 10.93 -46.30 -4.99
C HIS A 501 10.08 -47.04 -3.96
N GLU A 502 9.03 -47.70 -4.43
CA GLU A 502 8.06 -48.33 -3.55
C GLU A 502 8.68 -49.40 -2.63
N LEU A 503 9.55 -50.24 -3.20
CA LEU A 503 10.03 -51.43 -2.52
C LEU A 503 11.57 -51.49 -2.43
N ASP A 504 12.19 -50.36 -2.07
CA ASP A 504 13.62 -50.31 -1.79
C ASP A 504 14.05 -51.29 -0.69
N PHE A 505 13.19 -51.49 0.31
CA PHE A 505 13.56 -52.25 1.49
C PHE A 505 12.84 -53.59 1.59
N ASP A 506 12.47 -54.14 0.44
CA ASP A 506 11.85 -55.45 0.34
C ASP A 506 12.51 -56.19 -0.84
N PRO A 507 13.05 -57.39 -0.60
CA PRO A 507 13.79 -58.13 -1.63
C PRO A 507 13.02 -58.25 -2.95
N TYR A 508 11.69 -58.23 -2.87
CA TYR A 508 10.83 -58.27 -4.05
C TYR A 508 11.08 -57.10 -5.00
N GLY A 509 11.51 -55.96 -4.45
CA GLY A 509 11.73 -54.73 -5.22
C GLY A 509 12.87 -54.71 -6.23
N PHE A 510 13.79 -55.66 -6.12
CA PHE A 510 14.99 -55.71 -6.96
C PHE A 510 15.28 -57.14 -7.39
N GLU A 511 15.54 -57.35 -8.68
CA GLU A 511 16.00 -58.64 -9.18
C GLU A 511 17.08 -58.51 -10.25
N TRP A 512 18.14 -59.30 -10.15
CA TRP A 512 19.21 -59.33 -11.16
C TRP A 512 18.75 -60.03 -12.43
N LEU A 513 19.07 -59.44 -13.59
CA LEU A 513 18.84 -60.09 -14.87
C LEU A 513 20.15 -60.60 -15.44
N VAL A 514 21.20 -59.79 -15.34
CA VAL A 514 22.57 -60.17 -15.68
C VAL A 514 23.50 -59.66 -14.58
N VAL A 515 24.04 -60.59 -13.79
CA VAL A 515 24.85 -60.26 -12.62
C VAL A 515 26.33 -60.66 -12.80
N ASP A 516 26.64 -61.39 -13.88
CA ASP A 516 27.96 -61.99 -14.02
C ASP A 516 28.64 -61.75 -15.37
N ASP A 517 28.25 -60.71 -16.08
CA ASP A 517 28.94 -60.32 -17.31
C ASP A 517 30.13 -59.43 -16.93
N LYS A 518 31.20 -60.04 -16.45
CA LYS A 518 32.35 -59.30 -15.96
C LYS A 518 33.30 -58.86 -17.07
N GLU A 519 33.45 -59.66 -18.10
CA GLU A 519 34.41 -59.29 -19.15
C GLU A 519 33.95 -58.13 -20.05
N ARG A 520 32.67 -57.75 -19.95
CA ARG A 520 32.17 -56.62 -20.74
C ARG A 520 31.71 -55.45 -19.87
N SER A 521 31.55 -55.71 -18.58
CA SER A 521 31.11 -54.70 -17.60
C SER A 521 29.68 -54.24 -17.80
N VAL A 522 28.79 -55.19 -18.12
CA VAL A 522 27.37 -54.89 -18.28
C VAL A 522 26.63 -55.44 -17.09
N LEU A 523 25.81 -54.59 -16.48
CA LEU A 523 24.96 -55.01 -15.36
C LEU A 523 23.51 -54.63 -15.62
N ILE A 524 22.65 -55.62 -15.61
CA ILE A 524 21.24 -55.42 -15.84
C ILE A 524 20.46 -56.00 -14.68
N PHE A 525 19.44 -55.25 -14.25
CA PHE A 525 18.56 -55.70 -13.21
C PHE A 525 17.19 -55.07 -13.37
N VAL A 526 16.25 -55.51 -12.53
CA VAL A 526 14.85 -55.05 -12.59
C VAL A 526 14.45 -54.41 -11.27
N ARG A 527 13.65 -53.36 -11.34
CA ARG A 527 13.03 -52.82 -10.16
C ARG A 527 11.57 -53.12 -10.27
N ARG A 528 10.92 -53.29 -9.13
CA ARG A 528 9.57 -53.86 -9.12
C ARG A 528 8.70 -53.14 -8.12
N ASP A 529 7.54 -52.67 -8.57
CA ASP A 529 6.56 -52.03 -7.69
C ASP A 529 5.69 -53.08 -6.98
N LYS A 530 4.88 -52.63 -6.04
CA LYS A 530 4.03 -53.51 -5.24
C LYS A 530 3.15 -54.39 -6.12
N GLU A 531 2.73 -53.87 -7.28
CA GLU A 531 1.83 -54.64 -8.14
C GLU A 531 2.57 -55.45 -9.22
N GLY A 532 3.88 -55.59 -9.06
CA GLY A 532 4.65 -56.50 -9.89
C GLY A 532 5.29 -55.91 -11.14
N ASN A 533 4.95 -54.65 -11.46
CA ASN A 533 5.48 -53.97 -12.64
C ASN A 533 7.01 -53.84 -12.64
N GLU A 534 7.62 -54.11 -13.79
CA GLU A 534 9.07 -54.08 -13.89
C GLU A 534 9.54 -52.93 -14.75
N ILE A 535 10.60 -52.27 -14.27
CA ILE A 535 11.39 -51.38 -15.10
C ILE A 535 12.78 -52.01 -15.17
N ILE A 536 13.32 -52.12 -16.38
CA ILE A 536 14.64 -52.72 -16.56
C ILE A 536 15.73 -51.65 -16.58
N VAL A 537 16.81 -51.89 -15.86
CA VAL A 537 17.94 -50.98 -15.82
C VAL A 537 19.16 -51.70 -16.40
N ALA A 538 19.74 -51.13 -17.45
CA ALA A 538 20.96 -51.70 -18.05
C ALA A 538 22.10 -50.69 -18.02
N SER A 539 23.26 -51.11 -17.52
CA SER A 539 24.43 -50.24 -17.48
C SER A 539 25.58 -50.83 -18.27
N ASN A 540 26.10 -50.06 -19.20
CA ASN A 540 27.34 -50.39 -19.91
C ASN A 540 28.48 -49.53 -19.34
N PHE A 541 29.44 -50.15 -18.65
CA PHE A 541 30.52 -49.37 -18.05
C PHE A 541 31.84 -49.42 -18.82
N THR A 542 31.80 -49.69 -20.12
CA THR A 542 32.98 -49.46 -20.97
C THR A 542 32.63 -48.62 -22.19
N PRO A 543 33.66 -48.05 -22.84
CA PRO A 543 33.46 -47.24 -24.05
C PRO A 543 32.95 -48.05 -25.25
N VAL A 544 33.08 -49.38 -25.20
CA VAL A 544 32.64 -50.21 -26.32
C VAL A 544 31.13 -50.33 -26.35
N PRO A 545 30.48 -49.82 -27.41
CA PRO A 545 29.02 -49.97 -27.51
C PRO A 545 28.63 -51.43 -27.77
N ARG A 546 27.52 -51.88 -27.18
CA ARG A 546 27.09 -53.26 -27.37
C ARG A 546 25.86 -53.30 -28.24
N HIS A 547 26.01 -53.88 -29.42
CA HIS A 547 24.87 -54.08 -30.29
C HIS A 547 24.38 -55.50 -30.11
N ASP A 548 23.07 -55.67 -30.34
CA ASP A 548 22.44 -56.97 -30.22
C ASP A 548 22.90 -57.72 -28.96
N TYR A 549 22.73 -57.06 -27.83
CA TYR A 549 23.00 -57.64 -26.52
C TYR A 549 21.73 -58.33 -26.01
N ARG A 550 21.75 -59.66 -25.93
CA ARG A 550 20.58 -60.45 -25.53
C ARG A 550 20.60 -60.86 -24.06
N PHE A 551 19.49 -60.63 -23.36
CA PHE A 551 19.32 -61.08 -21.97
C PHE A 551 17.88 -61.45 -21.62
N GLY A 552 17.71 -62.29 -20.61
CA GLY A 552 16.38 -62.81 -20.25
C GLY A 552 15.52 -61.80 -19.52
N ILE A 553 14.21 -61.94 -19.68
CA ILE A 553 13.26 -61.10 -18.98
C ILE A 553 12.16 -61.95 -18.35
N ASN A 554 11.39 -61.34 -17.43
CA ASN A 554 10.29 -62.04 -16.79
C ASN A 554 8.96 -61.69 -17.45
N GLN A 555 8.90 -60.51 -18.07
CA GLN A 555 7.65 -59.97 -18.60
C GLN A 555 7.78 -59.66 -20.10
N PRO A 556 7.41 -60.61 -20.95
CA PRO A 556 7.55 -60.36 -22.38
C PRO A 556 6.62 -59.26 -22.91
N GLY A 557 6.95 -58.74 -24.08
CA GLY A 557 6.10 -57.76 -24.74
C GLY A 557 6.93 -56.67 -25.36
N LYS A 558 6.39 -55.45 -25.34
CA LYS A 558 7.04 -54.31 -25.96
C LYS A 558 7.72 -53.46 -24.89
N TRP A 559 9.03 -53.29 -25.04
CA TRP A 559 9.84 -52.48 -24.15
C TRP A 559 10.39 -51.22 -24.87
N ARG A 560 10.53 -50.15 -24.10
CA ARG A 560 10.83 -48.80 -24.62
C ARG A 560 11.72 -48.04 -23.65
N GLU A 561 12.71 -47.29 -24.14
CA GLU A 561 13.53 -46.48 -23.23
C GLU A 561 12.72 -45.32 -22.62
N ILE A 562 13.00 -45.01 -21.35
CA ILE A 562 12.39 -43.83 -20.70
C ILE A 562 13.48 -42.93 -20.12
N LEU A 563 14.71 -43.45 -20.11
CA LEU A 563 15.86 -42.70 -19.67
C LEU A 563 17.07 -43.29 -20.35
N ASN A 564 17.95 -42.42 -20.85
CA ASN A 564 19.15 -42.83 -21.59
C ASN A 564 20.25 -41.79 -21.34
N THR A 565 21.24 -42.14 -20.52
CA THR A 565 22.23 -41.14 -20.11
C THR A 565 23.16 -40.75 -21.25
N ASP A 566 23.09 -41.49 -22.35
CA ASP A 566 23.91 -41.20 -23.52
C ASP A 566 23.15 -40.34 -24.54
N SER A 567 21.95 -39.92 -24.20
CA SER A 567 21.20 -39.05 -25.08
C SER A 567 21.97 -37.78 -25.37
N MET A 568 21.83 -37.27 -26.59
CA MET A 568 22.46 -36.02 -26.97
C MET A 568 21.85 -34.82 -26.24
N HIS A 569 20.73 -35.06 -25.56
N HIS A 569 20.72 -35.03 -25.57
CA HIS A 569 20.08 -34.05 -24.71
CA HIS A 569 20.13 -33.98 -24.75
C HIS A 569 20.98 -33.72 -23.51
C HIS A 569 21.04 -33.67 -23.54
N TYR A 570 21.91 -34.62 -23.21
CA TYR A 570 22.90 -34.42 -22.14
C TYR A 570 24.32 -34.44 -22.74
N HIS A 571 24.40 -34.22 -24.04
CA HIS A 571 25.66 -34.30 -24.79
C HIS A 571 26.27 -35.71 -24.82
N GLY A 572 25.42 -36.72 -24.90
CA GLY A 572 25.91 -38.05 -25.18
C GLY A 572 26.09 -38.20 -26.68
N SER A 573 26.43 -39.41 -27.13
CA SER A 573 26.60 -39.63 -28.57
C SER A 573 25.27 -40.01 -29.23
N ASN A 574 24.23 -40.11 -28.40
CA ASN A 574 22.88 -40.40 -28.89
C ASN A 574 22.67 -41.80 -29.45
N ALA A 575 23.37 -42.80 -28.89
CA ALA A 575 23.16 -44.20 -29.29
C ALA A 575 21.97 -44.80 -28.53
N GLY A 576 21.27 -45.73 -29.17
CA GLY A 576 20.13 -46.36 -28.52
C GLY A 576 19.25 -47.23 -29.38
N ASN A 577 18.02 -47.43 -28.92
CA ASN A 577 17.12 -48.41 -29.51
C ASN A 577 16.06 -47.79 -30.45
N GLY A 578 16.00 -46.46 -30.47
CA GLY A 578 15.10 -45.75 -31.36
C GLY A 578 13.70 -46.30 -31.49
N GLY A 579 13.04 -46.53 -30.36
CA GLY A 579 11.65 -46.96 -30.38
C GLY A 579 11.41 -48.26 -29.66
N THR A 580 10.17 -48.72 -29.70
CA THR A 580 9.80 -50.01 -29.16
C THR A 580 10.72 -51.15 -29.60
N VAL A 581 11.03 -52.03 -28.67
CA VAL A 581 11.68 -53.30 -28.96
C VAL A 581 10.81 -54.42 -28.37
N HIS A 582 10.39 -55.36 -29.21
CA HIS A 582 9.59 -56.50 -28.72
C HIS A 582 10.49 -57.63 -28.26
N SER A 583 10.03 -58.38 -27.27
CA SER A 583 10.77 -59.56 -26.78
C SER A 583 10.76 -60.70 -27.80
N ASP A 584 11.77 -61.56 -27.74
CA ASP A 584 11.80 -62.79 -28.54
C ASP A 584 11.69 -64.00 -27.61
N GLU A 585 10.88 -64.96 -28.01
CA GLU A 585 10.80 -66.22 -27.27
C GLU A 585 12.05 -67.08 -27.54
N ILE A 586 13.19 -66.57 -27.05
CA ILE A 586 14.46 -67.25 -27.17
C ILE A 586 15.10 -67.27 -25.79
N ALA A 587 15.32 -68.47 -25.28
CA ALA A 587 15.91 -68.66 -23.95
C ALA A 587 17.21 -67.87 -23.80
N SER A 588 17.43 -67.33 -22.60
CA SER A 588 18.69 -66.64 -22.30
C SER A 588 18.85 -66.46 -20.80
N HIS A 589 20.03 -66.80 -20.28
CA HIS A 589 20.30 -66.63 -18.86
C HIS A 589 19.26 -67.34 -18.01
N GLY A 590 18.82 -68.52 -18.44
CA GLY A 590 17.87 -69.31 -17.67
C GLY A 590 16.43 -68.85 -17.74
N ARG A 591 16.15 -67.95 -18.67
CA ARG A 591 14.80 -67.44 -18.81
C ARG A 591 14.24 -67.78 -20.18
N GLN A 592 12.92 -67.96 -20.23
CA GLN A 592 12.21 -68.39 -21.43
C GLN A 592 12.13 -67.30 -22.49
N HIS A 593 12.06 -66.03 -22.08
CA HIS A 593 12.03 -64.89 -23.00
C HIS A 593 13.21 -63.91 -22.87
N SER A 594 13.50 -63.18 -23.93
CA SER A 594 14.65 -62.27 -23.94
C SER A 594 14.45 -61.02 -24.79
N LEU A 595 15.26 -60.01 -24.52
CA LEU A 595 15.36 -58.83 -25.38
C LEU A 595 16.76 -58.80 -25.97
N SER A 596 16.86 -58.31 -27.20
CA SER A 596 18.15 -58.02 -27.83
C SER A 596 18.30 -56.50 -28.04
N LEU A 597 19.20 -55.85 -27.31
CA LEU A 597 19.24 -54.39 -27.30
C LEU A 597 20.60 -53.77 -27.68
N THR A 598 20.57 -52.50 -28.09
CA THR A 598 21.79 -51.69 -28.08
C THR A 598 22.05 -51.16 -26.67
N LEU A 599 23.25 -51.36 -26.16
CA LEU A 599 23.67 -50.63 -24.97
C LEU A 599 24.70 -49.57 -25.36
N PRO A 600 24.32 -48.29 -25.29
CA PRO A 600 25.23 -47.16 -25.55
C PRO A 600 26.48 -47.23 -24.64
N PRO A 601 27.63 -46.73 -25.12
CA PRO A 601 28.88 -46.68 -24.38
C PRO A 601 28.78 -45.85 -23.11
N LEU A 602 29.46 -46.28 -22.05
CA LEU A 602 29.48 -45.54 -20.79
C LEU A 602 28.13 -44.88 -20.58
N ALA A 603 27.09 -45.71 -20.51
CA ALA A 603 25.74 -45.21 -20.30
C ALA A 603 24.88 -46.19 -19.49
N THR A 604 23.81 -45.68 -18.90
CA THR A 604 22.77 -46.57 -18.40
C THR A 604 21.41 -46.16 -18.92
N ILE A 605 20.56 -47.15 -19.19
CA ILE A 605 19.22 -46.88 -19.68
C ILE A 605 18.15 -47.59 -18.84
N TRP A 606 16.94 -47.05 -18.86
CA TRP A 606 15.84 -47.62 -18.14
C TRP A 606 14.77 -47.89 -19.17
N LEU A 607 14.20 -49.10 -19.14
CA LEU A 607 13.13 -49.52 -20.05
C LEU A 607 11.82 -49.72 -19.31
N VAL A 608 10.73 -49.31 -19.93
CA VAL A 608 9.39 -49.58 -19.40
C VAL A 608 8.59 -50.42 -20.42
N ARG A 609 7.60 -51.16 -19.94
CA ARG A 609 6.78 -52.02 -20.79
C ARG A 609 5.50 -51.31 -21.22
N GLU A 610 5.16 -51.41 -22.49
CA GLU A 610 3.98 -50.75 -23.02
C GLU A 610 2.74 -51.64 -22.89
N ALA A 611 1.71 -51.16 -22.22
CA ALA A 611 0.46 -51.88 -22.19
C ALA A 611 0.01 -52.16 -23.63
N GLU A 612 -0.76 -53.23 -23.83
CA GLU A 612 -1.22 -53.61 -25.16
C GLU A 612 -2.69 -54.05 -25.16
N THR B 1 -33.24 -31.94 1.25
CA THR B 1 -34.38 -31.18 0.64
C THR B 1 -34.52 -31.46 -0.87
N HIS B 2 -35.01 -30.46 -1.60
CA HIS B 2 -35.33 -30.59 -3.01
C HIS B 2 -34.13 -30.37 -3.94
N LEU B 3 -32.97 -30.06 -3.36
CA LEU B 3 -31.75 -29.87 -4.13
C LEU B 3 -31.14 -31.18 -4.63
N ARG B 4 -31.38 -32.26 -3.89
CA ARG B 4 -30.83 -33.57 -4.23
C ARG B 4 -31.92 -34.65 -4.37
N PRO B 5 -32.58 -34.68 -5.54
CA PRO B 5 -33.67 -35.65 -5.78
C PRO B 5 -33.15 -37.07 -5.95
N TYR B 6 -31.90 -37.19 -6.37
CA TYR B 6 -31.27 -38.51 -6.56
C TYR B 6 -31.12 -39.31 -5.26
N GLU B 7 -31.32 -38.64 -4.12
CA GLU B 7 -31.22 -39.32 -2.82
C GLU B 7 -32.47 -40.12 -2.45
N THR B 8 -33.67 -39.61 -2.77
CA THR B 8 -34.91 -40.34 -2.47
C THR B 8 -35.62 -40.93 -3.69
N LEU B 9 -35.23 -40.51 -4.90
CA LEU B 9 -35.85 -41.00 -6.12
C LEU B 9 -34.99 -42.09 -6.75
N GLY B 10 -35.63 -43.01 -7.48
CA GLY B 10 -34.92 -44.10 -8.14
C GLY B 10 -34.95 -45.38 -7.33
N ALA B 11 -34.01 -46.27 -7.61
CA ALA B 11 -33.91 -47.53 -6.86
C ALA B 11 -32.87 -47.44 -5.76
N HIS B 12 -33.31 -47.64 -4.52
CA HIS B 12 -32.42 -47.59 -3.34
C HIS B 12 -32.73 -48.76 -2.42
N ALA B 13 -31.69 -49.35 -1.84
CA ALA B 13 -31.86 -50.47 -0.91
C ALA B 13 -32.43 -49.99 0.41
N ASP B 14 -33.32 -50.80 0.99
CA ASP B 14 -34.02 -50.41 2.21
C ASP B 14 -34.45 -51.64 3.01
N THR B 15 -35.04 -51.42 4.18
CA THR B 15 -35.47 -52.49 5.07
C THR B 15 -36.81 -52.15 5.74
N MET B 16 -37.91 -52.64 5.21
CA MET B 16 -39.22 -52.41 5.83
C MET B 16 -39.50 -53.36 7.00
N ASP B 17 -39.22 -52.87 8.21
CA ASP B 17 -39.41 -53.62 9.44
C ASP B 17 -38.97 -55.09 9.34
N GLY B 18 -37.67 -55.30 9.18
CA GLY B 18 -37.08 -56.64 9.16
C GLY B 18 -36.53 -57.11 7.82
N VAL B 19 -37.30 -56.88 6.75
CA VAL B 19 -36.97 -57.47 5.45
C VAL B 19 -36.20 -56.51 4.55
N THR B 20 -35.11 -57.01 3.95
CA THR B 20 -34.33 -56.21 3.01
C THR B 20 -34.94 -56.26 1.61
N GLY B 21 -34.65 -55.26 0.81
CA GLY B 21 -35.17 -55.17 -0.54
C GLY B 21 -34.74 -53.85 -1.14
N THR B 22 -35.50 -53.37 -2.12
CA THR B 22 -35.22 -52.08 -2.74
C THR B 22 -36.49 -51.23 -2.84
N ARG B 23 -36.36 -49.96 -2.47
CA ARG B 23 -37.46 -48.99 -2.61
C ARG B 23 -37.38 -48.36 -3.99
N PHE B 24 -38.53 -48.24 -4.65
CA PHE B 24 -38.56 -47.65 -5.99
C PHE B 24 -39.35 -46.34 -5.96
N SER B 25 -38.98 -45.43 -6.86
CA SER B 25 -39.62 -44.13 -6.94
C SER B 25 -39.46 -43.54 -8.34
N VAL B 26 -40.56 -43.17 -8.97
CA VAL B 26 -40.50 -42.51 -10.27
C VAL B 26 -41.51 -41.38 -10.32
N TRP B 27 -41.11 -40.24 -10.86
CA TRP B 27 -42.02 -39.11 -10.98
C TRP B 27 -42.93 -39.25 -12.19
N ALA B 28 -44.22 -39.13 -11.99
CA ALA B 28 -45.17 -39.22 -13.10
C ALA B 28 -46.60 -38.90 -12.67
N PRO B 29 -46.89 -37.61 -12.41
CA PRO B 29 -48.19 -37.23 -11.86
C PRO B 29 -49.40 -37.73 -12.66
N ASN B 30 -49.27 -37.79 -13.99
CA ASN B 30 -50.43 -38.00 -14.87
C ASN B 30 -50.68 -39.42 -15.37
N ALA B 31 -49.67 -40.29 -15.28
CA ALA B 31 -49.85 -41.68 -15.68
C ALA B 31 -50.90 -42.37 -14.81
N ARG B 32 -51.79 -43.14 -15.43
CA ARG B 32 -52.90 -43.77 -14.71
C ARG B 32 -52.45 -44.99 -13.92
N ARG B 33 -51.36 -45.62 -14.35
CA ARG B 33 -50.82 -46.78 -13.65
C ARG B 33 -49.34 -47.05 -13.99
N VAL B 34 -48.54 -47.28 -12.95
CA VAL B 34 -47.13 -47.63 -13.10
C VAL B 34 -46.80 -48.88 -12.25
N SER B 35 -45.99 -49.77 -12.81
CA SER B 35 -45.59 -50.99 -12.11
C SER B 35 -44.08 -51.19 -12.23
N VAL B 36 -43.50 -52.03 -11.38
CA VAL B 36 -42.08 -52.36 -11.48
C VAL B 36 -41.86 -53.74 -12.10
N VAL B 37 -41.29 -53.77 -13.30
CA VAL B 37 -40.94 -55.03 -13.95
C VAL B 37 -39.43 -55.24 -13.91
N GLY B 38 -39.00 -56.49 -13.79
CA GLY B 38 -37.59 -56.81 -13.66
C GLY B 38 -37.33 -58.30 -13.47
N GLN B 39 -36.06 -58.65 -13.26
CA GLN B 39 -35.62 -60.04 -13.11
C GLN B 39 -36.19 -60.71 -11.88
N PHE B 40 -36.58 -59.90 -10.90
CA PHE B 40 -37.21 -60.42 -9.69
C PHE B 40 -38.66 -60.85 -9.96
N ASN B 41 -39.24 -60.31 -11.04
CA ASN B 41 -40.60 -60.62 -11.47
C ASN B 41 -40.62 -61.46 -12.73
N TYR B 42 -39.43 -61.79 -13.25
CA TYR B 42 -39.32 -62.50 -14.53
C TYR B 42 -40.02 -61.70 -15.63
N TRP B 43 -40.04 -60.37 -15.43
CA TRP B 43 -40.73 -59.42 -16.31
C TRP B 43 -42.22 -59.73 -16.41
N ASP B 44 -43.03 -58.87 -15.81
CA ASP B 44 -44.44 -59.18 -15.55
C ASP B 44 -45.13 -58.03 -14.84
N GLY B 45 -45.81 -57.18 -15.61
CA GLY B 45 -46.42 -55.97 -15.06
C GLY B 45 -47.62 -56.19 -14.17
N ARG B 46 -47.84 -57.42 -13.71
CA ARG B 46 -49.02 -57.73 -12.92
C ARG B 46 -48.75 -58.03 -11.44
N ARG B 47 -47.50 -58.34 -11.10
CA ARG B 47 -47.18 -58.75 -9.74
C ARG B 47 -46.66 -57.64 -8.82
N HIS B 48 -46.23 -56.51 -9.39
CA HIS B 48 -45.76 -55.40 -8.57
C HIS B 48 -46.23 -54.03 -9.04
N PRO B 49 -47.47 -53.65 -8.67
CA PRO B 49 -47.96 -52.31 -8.96
C PRO B 49 -47.47 -51.33 -7.89
N MET B 50 -47.43 -50.05 -8.23
CA MET B 50 -46.90 -49.05 -7.30
C MET B 50 -48.01 -48.10 -6.81
N ARG B 51 -47.96 -47.74 -5.53
CA ARG B 51 -48.91 -46.75 -5.01
C ARG B 51 -48.51 -45.36 -5.48
N LEU B 52 -49.51 -44.51 -5.71
CA LEU B 52 -49.30 -43.17 -6.23
C LEU B 52 -49.52 -42.16 -5.13
N ARG B 53 -48.45 -41.50 -4.69
CA ARG B 53 -48.57 -40.40 -3.74
C ARG B 53 -49.07 -39.18 -4.50
N LYS B 54 -50.22 -38.69 -4.08
CA LYS B 54 -50.98 -37.70 -4.85
C LYS B 54 -50.24 -36.37 -4.99
N GLU B 55 -50.01 -35.72 -3.86
CA GLU B 55 -49.50 -34.35 -3.84
C GLU B 55 -48.01 -34.29 -4.18
N SER B 56 -47.42 -35.48 -4.34
CA SER B 56 -46.01 -35.58 -4.70
C SER B 56 -45.87 -35.89 -6.19
N GLY B 57 -46.92 -36.50 -6.76
CA GLY B 57 -46.91 -36.96 -8.14
C GLY B 57 -46.00 -38.16 -8.34
N ILE B 58 -45.54 -38.72 -7.21
CA ILE B 58 -44.54 -39.78 -7.23
C ILE B 58 -45.10 -41.17 -6.84
N TRP B 59 -44.96 -42.13 -7.76
CA TRP B 59 -45.32 -43.51 -7.51
C TRP B 59 -44.22 -44.19 -6.71
N GLU B 60 -44.59 -45.00 -5.72
CA GLU B 60 -43.58 -45.75 -4.93
C GLU B 60 -43.97 -47.18 -4.56
N LEU B 61 -42.95 -47.99 -4.27
CA LEU B 61 -43.14 -49.39 -3.91
C LEU B 61 -41.88 -49.98 -3.28
N PHE B 62 -42.03 -50.67 -2.16
CA PHE B 62 -40.92 -51.44 -1.59
C PHE B 62 -41.06 -52.90 -1.97
N ILE B 63 -40.01 -53.47 -2.54
CA ILE B 63 -40.05 -54.86 -2.96
C ILE B 63 -39.02 -55.72 -2.23
N PRO B 64 -39.50 -56.67 -1.42
CA PRO B 64 -38.61 -57.62 -0.74
C PRO B 64 -38.02 -58.63 -1.72
N GLY B 65 -36.71 -58.85 -1.65
CA GLY B 65 -36.04 -59.79 -2.54
C GLY B 65 -35.17 -59.06 -3.55
N ALA B 66 -35.71 -57.99 -4.13
CA ALA B 66 -34.96 -57.17 -5.07
C ALA B 66 -33.71 -56.59 -4.43
N HIS B 67 -32.58 -56.77 -5.09
CA HIS B 67 -31.29 -56.39 -4.51
C HIS B 67 -30.34 -55.84 -5.55
N ASN B 68 -29.27 -55.18 -5.10
CA ASN B 68 -28.23 -54.69 -5.99
C ASN B 68 -27.86 -55.73 -7.03
N GLY B 69 -27.93 -55.36 -8.31
CA GLY B 69 -27.40 -56.21 -9.37
C GLY B 69 -28.37 -56.69 -10.42
N GLN B 70 -29.66 -56.63 -10.14
CA GLN B 70 -30.66 -57.10 -11.11
C GLN B 70 -31.33 -55.95 -11.85
N LEU B 71 -31.63 -56.17 -13.12
CA LEU B 71 -32.18 -55.11 -13.98
C LEU B 71 -33.67 -54.92 -13.81
N TYR B 72 -34.18 -53.81 -14.32
CA TYR B 72 -35.58 -53.45 -14.15
C TYR B 72 -35.99 -52.29 -15.04
N LYS B 73 -37.31 -52.10 -15.18
CA LYS B 73 -37.89 -50.97 -15.90
C LYS B 73 -39.26 -50.64 -15.29
N TYR B 74 -39.96 -49.68 -15.90
CA TYR B 74 -41.31 -49.38 -15.46
C TYR B 74 -42.34 -49.66 -16.56
N GLU B 75 -43.42 -50.34 -16.18
CA GLU B 75 -44.58 -50.50 -17.06
C GLU B 75 -45.66 -49.51 -16.62
N MET B 76 -45.91 -48.50 -17.43
CA MET B 76 -46.96 -47.54 -17.09
C MET B 76 -48.09 -47.56 -18.09
N ILE B 77 -49.26 -47.09 -17.65
CA ILE B 77 -50.35 -46.82 -18.57
C ILE B 77 -50.34 -45.31 -18.82
N ASP B 78 -50.01 -44.91 -20.04
CA ASP B 78 -49.89 -43.50 -20.39
C ASP B 78 -51.17 -42.73 -20.11
N ALA B 79 -51.04 -41.42 -19.88
CA ALA B 79 -52.19 -40.56 -19.58
C ALA B 79 -53.25 -40.62 -20.66
N ASN B 80 -52.96 -41.36 -21.73
CA ASN B 80 -53.88 -41.53 -22.84
C ASN B 80 -54.51 -42.92 -22.86
N GLY B 81 -54.02 -43.80 -22.00
CA GLY B 81 -54.54 -45.17 -21.92
C GLY B 81 -53.66 -46.17 -22.63
N ASN B 82 -52.43 -45.76 -22.94
CA ASN B 82 -51.46 -46.60 -23.64
C ASN B 82 -50.42 -47.20 -22.70
N LEU B 83 -50.13 -48.49 -22.86
CA LEU B 83 -49.07 -49.11 -22.07
C LEU B 83 -47.69 -48.93 -22.71
N ARG B 84 -46.67 -48.84 -21.86
CA ARG B 84 -45.29 -48.62 -22.31
C ARG B 84 -44.27 -49.07 -21.28
N LEU B 85 -43.11 -49.53 -21.74
CA LEU B 85 -42.00 -49.81 -20.86
C LEU B 85 -41.06 -48.60 -20.76
N LYS B 86 -41.00 -47.99 -19.57
CA LYS B 86 -40.17 -46.80 -19.37
C LYS B 86 -38.93 -47.06 -18.51
N SER B 87 -37.76 -46.74 -19.06
CA SER B 87 -36.50 -46.80 -18.33
C SER B 87 -36.44 -45.67 -17.29
N ASP B 88 -35.70 -45.90 -16.21
CA ASP B 88 -35.66 -44.98 -15.07
C ASP B 88 -34.81 -43.74 -15.30
N PRO B 89 -35.43 -42.54 -15.24
CA PRO B 89 -34.71 -41.26 -15.37
C PRO B 89 -33.59 -41.14 -14.34
N TYR B 90 -33.72 -41.83 -13.21
CA TYR B 90 -32.70 -41.82 -12.17
C TYR B 90 -31.86 -43.07 -12.12
N ALA B 91 -31.63 -43.69 -13.27
CA ALA B 91 -30.86 -44.92 -13.36
C ALA B 91 -29.40 -44.63 -13.05
N PHE B 92 -28.88 -45.27 -12.01
CA PHE B 92 -27.52 -45.03 -11.57
C PHE B 92 -26.50 -45.91 -12.31
N GLU B 93 -27.02 -46.91 -13.02
CA GLU B 93 -26.26 -47.63 -14.03
C GLU B 93 -27.27 -48.14 -15.04
N ALA B 94 -26.80 -48.58 -16.21
CA ALA B 94 -27.70 -49.09 -17.25
C ALA B 94 -27.10 -50.30 -17.96
N GLN B 95 -27.75 -50.75 -19.03
CA GLN B 95 -27.18 -51.82 -19.83
C GLN B 95 -26.38 -51.31 -21.02
N MET B 96 -26.42 -52.03 -22.13
CA MET B 96 -25.45 -51.82 -23.21
C MET B 96 -25.95 -52.30 -24.58
N ARG B 97 -26.98 -53.14 -24.55
CA ARG B 97 -27.44 -53.94 -25.70
C ARG B 97 -27.65 -53.26 -27.07
N PRO B 98 -28.02 -51.98 -27.10
CA PRO B 98 -28.19 -51.04 -25.99
C PRO B 98 -29.29 -51.44 -25.01
N GLU B 99 -30.53 -51.58 -25.51
CA GLU B 99 -31.68 -51.81 -24.64
C GLU B 99 -31.71 -50.85 -23.46
N THR B 100 -32.90 -50.42 -23.06
CA THR B 100 -32.99 -49.38 -22.05
C THR B 100 -33.31 -49.94 -20.67
N ALA B 101 -32.46 -50.84 -20.17
CA ALA B 101 -32.70 -51.45 -18.86
C ALA B 101 -31.78 -50.87 -17.77
N SER B 102 -32.37 -50.60 -16.60
CA SER B 102 -31.65 -50.02 -15.48
C SER B 102 -31.13 -51.07 -14.52
N LEU B 103 -30.06 -50.77 -13.80
CA LEU B 103 -29.56 -51.68 -12.77
C LEU B 103 -29.69 -51.10 -11.38
N ILE B 104 -30.04 -51.95 -10.42
CA ILE B 104 -30.12 -51.54 -9.02
C ILE B 104 -28.73 -51.56 -8.41
N CYS B 105 -28.26 -50.38 -7.99
CA CYS B 105 -26.94 -50.28 -7.38
C CYS B 105 -26.86 -49.16 -6.34
N GLY B 106 -27.87 -48.29 -6.33
CA GLY B 106 -27.92 -47.22 -5.36
C GLY B 106 -26.80 -46.20 -5.54
N LEU B 107 -26.57 -45.40 -4.51
CA LEU B 107 -25.67 -44.30 -4.61
C LEU B 107 -24.26 -44.72 -4.20
N PRO B 108 -23.25 -44.18 -4.91
CA PRO B 108 -21.89 -44.36 -4.42
C PRO B 108 -21.73 -43.56 -3.13
N GLU B 109 -20.84 -44.02 -2.26
CA GLU B 109 -20.61 -43.42 -0.95
C GLU B 109 -20.83 -41.89 -0.88
N LYS B 110 -19.79 -41.11 -1.19
CA LYS B 110 -19.83 -39.66 -1.03
C LYS B 110 -18.42 -39.11 -0.80
N VAL B 111 -18.05 -38.09 -1.57
CA VAL B 111 -16.67 -37.62 -1.63
C VAL B 111 -16.50 -36.19 -1.13
N VAL B 112 -15.48 -36.00 -0.30
CA VAL B 112 -15.12 -34.68 0.21
C VAL B 112 -14.08 -34.11 -0.72
N GLN B 113 -14.25 -32.86 -1.13
CA GLN B 113 -13.20 -32.21 -1.92
C GLN B 113 -12.11 -31.68 -1.01
N THR B 114 -10.85 -31.92 -1.40
CA THR B 114 -9.71 -31.55 -0.59
C THR B 114 -9.31 -30.08 -0.76
N GLU B 115 -8.45 -29.61 0.14
CA GLU B 115 -7.89 -28.27 0.01
C GLU B 115 -7.12 -28.14 -1.30
N GLU B 116 -6.36 -29.17 -1.63
CA GLU B 116 -5.43 -29.15 -2.74
C GLU B 116 -6.16 -29.05 -4.09
N ARG B 117 -7.41 -29.49 -4.11
CA ARG B 117 -8.21 -29.55 -5.33
C ARG B 117 -9.10 -28.33 -5.52
N LYS B 118 -9.51 -27.74 -4.41
CA LYS B 118 -10.20 -26.44 -4.41
C LYS B 118 -9.26 -25.34 -4.89
N LYS B 119 -8.02 -25.38 -4.42
CA LYS B 119 -7.01 -24.38 -4.79
C LYS B 119 -6.63 -24.45 -6.25
N ALA B 120 -6.64 -25.66 -6.80
CA ALA B 120 -6.28 -25.89 -8.20
C ALA B 120 -7.30 -25.36 -9.21
N ASN B 121 -8.51 -25.03 -8.77
CA ASN B 121 -9.50 -24.43 -9.66
C ASN B 121 -9.47 -22.91 -9.63
N GLN B 122 -8.61 -22.34 -8.80
CA GLN B 122 -8.69 -20.91 -8.53
C GLN B 122 -8.14 -20.05 -9.67
N PHE B 123 -8.58 -18.80 -9.70
CA PHE B 123 -8.18 -17.86 -10.74
C PHE B 123 -6.68 -17.62 -10.78
N ASP B 124 -6.04 -17.63 -9.63
CA ASP B 124 -4.59 -17.48 -9.58
C ASP B 124 -3.82 -18.79 -9.77
N ALA B 125 -4.53 -19.89 -9.99
CA ALA B 125 -3.87 -21.17 -10.26
C ALA B 125 -3.41 -21.36 -11.72
N PRO B 126 -2.33 -22.11 -11.91
CA PRO B 126 -2.01 -22.52 -13.28
C PRO B 126 -2.98 -23.65 -13.69
N ILE B 127 -3.72 -23.42 -14.78
CA ILE B 127 -4.73 -24.37 -15.21
C ILE B 127 -4.46 -24.76 -16.65
N SER B 128 -4.04 -26.00 -16.82
CA SER B 128 -3.76 -26.54 -18.14
C SER B 128 -4.63 -27.78 -18.35
N ILE B 129 -5.60 -27.70 -19.26
CA ILE B 129 -6.54 -28.83 -19.46
C ILE B 129 -6.26 -29.79 -20.65
N TYR B 130 -6.26 -31.08 -20.37
CA TYR B 130 -6.16 -32.11 -21.40
C TYR B 130 -7.55 -32.67 -21.67
N GLU B 131 -8.15 -32.26 -22.77
CA GLU B 131 -9.50 -32.65 -23.09
C GLU B 131 -9.53 -34.03 -23.76
N VAL B 132 -10.49 -34.86 -23.36
CA VAL B 132 -10.48 -36.24 -23.82
C VAL B 132 -11.85 -36.87 -24.08
N HIS B 133 -11.96 -37.60 -25.19
CA HIS B 133 -13.07 -38.51 -25.45
C HIS B 133 -12.63 -39.90 -25.06
N LEU B 134 -13.20 -40.43 -23.98
CA LEU B 134 -12.79 -41.74 -23.47
C LEU B 134 -12.82 -42.89 -24.50
N GLY B 135 -13.72 -42.81 -25.48
CA GLY B 135 -13.90 -43.89 -26.45
C GLY B 135 -12.99 -43.85 -27.66
N SER B 136 -12.08 -42.88 -27.71
CA SER B 136 -11.17 -42.75 -28.86
C SER B 136 -9.75 -42.31 -28.52
N TRP B 137 -9.41 -42.30 -27.23
CA TRP B 137 -8.03 -42.02 -26.81
C TRP B 137 -7.11 -43.14 -27.29
N ARG B 138 -7.35 -44.34 -26.76
CA ARG B 138 -6.63 -45.54 -27.18
C ARG B 138 -7.58 -46.69 -27.56
N ARG B 139 -7.02 -47.70 -28.20
CA ARG B 139 -7.73 -48.97 -28.45
C ARG B 139 -6.80 -50.14 -28.14
N HIS B 140 -7.37 -51.28 -27.81
CA HIS B 140 -6.57 -52.48 -27.58
C HIS B 140 -5.87 -53.00 -28.84
N THR B 141 -4.55 -53.16 -28.74
CA THR B 141 -3.68 -53.37 -29.90
C THR B 141 -4.22 -54.39 -30.90
N ASP B 142 -4.84 -55.44 -30.38
CA ASP B 142 -5.48 -56.38 -31.27
C ASP B 142 -6.95 -55.97 -31.49
N ASN B 143 -7.85 -56.70 -30.84
CA ASN B 143 -9.30 -56.64 -31.10
C ASN B 143 -9.86 -55.26 -31.42
N ASN B 144 -9.13 -54.22 -31.03
CA ASN B 144 -9.59 -52.83 -31.21
C ASN B 144 -10.72 -52.42 -30.24
N PHE B 145 -10.89 -53.17 -29.16
CA PHE B 145 -11.93 -52.82 -28.20
C PHE B 145 -11.52 -51.59 -27.38
N TRP B 146 -12.50 -51.00 -26.71
CA TRP B 146 -12.27 -49.88 -25.83
C TRP B 146 -11.40 -50.29 -24.66
N LEU B 147 -10.72 -49.32 -24.06
CA LEU B 147 -10.09 -49.52 -22.79
C LEU B 147 -11.18 -49.44 -21.75
N SER B 148 -11.05 -50.20 -20.67
CA SER B 148 -11.94 -50.00 -19.53
C SER B 148 -11.49 -48.77 -18.69
N TYR B 149 -12.31 -48.37 -17.72
CA TYR B 149 -11.91 -47.29 -16.82
C TYR B 149 -10.61 -47.65 -16.09
N ARG B 150 -10.48 -48.89 -15.59
CA ARG B 150 -9.28 -49.26 -14.84
C ARG B 150 -8.02 -49.16 -15.68
N GLU B 151 -8.16 -49.46 -16.97
CA GLU B 151 -7.05 -49.34 -17.91
C GLU B 151 -6.75 -47.87 -18.20
N LEU B 152 -7.79 -47.07 -18.33
CA LEU B 152 -7.63 -45.64 -18.48
C LEU B 152 -6.94 -45.08 -17.23
N ALA B 153 -7.37 -45.55 -16.06
CA ALA B 153 -6.73 -45.17 -14.81
C ALA B 153 -5.26 -45.60 -14.73
N ASP B 154 -4.91 -46.66 -15.48
CA ASP B 154 -3.54 -47.16 -15.56
C ASP B 154 -2.68 -46.40 -16.57
N GLN B 155 -3.29 -45.91 -17.65
CA GLN B 155 -2.55 -45.36 -18.78
C GLN B 155 -2.81 -43.87 -19.00
N LEU B 156 -4.07 -43.47 -19.00
CA LEU B 156 -4.40 -42.06 -19.28
C LEU B 156 -4.05 -41.11 -18.13
N VAL B 157 -4.28 -41.55 -16.90
CA VAL B 157 -4.00 -40.73 -15.73
C VAL B 157 -2.50 -40.41 -15.55
N PRO B 158 -1.65 -41.43 -15.62
CA PRO B 158 -0.21 -41.22 -15.54
C PRO B 158 0.35 -40.43 -16.73
N TYR B 159 -0.30 -40.54 -17.88
CA TYR B 159 0.19 -39.87 -19.09
C TYR B 159 -0.12 -38.38 -19.02
N ALA B 160 -1.30 -38.03 -18.51
CA ALA B 160 -1.65 -36.63 -18.31
C ALA B 160 -0.85 -35.98 -17.17
N LYS B 161 -0.49 -36.76 -16.15
CA LYS B 161 0.38 -36.26 -15.07
C LYS B 161 1.80 -35.95 -15.56
N TRP B 162 2.43 -36.93 -16.20
CA TRP B 162 3.75 -36.80 -16.82
C TRP B 162 3.81 -35.64 -17.80
N MET B 163 2.77 -35.46 -18.60
CA MET B 163 2.76 -34.36 -19.57
C MET B 163 2.57 -32.97 -18.91
N GLY B 164 2.53 -32.92 -17.58
CA GLY B 164 2.44 -31.66 -16.86
C GLY B 164 1.07 -30.99 -16.81
N PHE B 165 0.02 -31.69 -17.25
CA PHE B 165 -1.34 -31.12 -17.18
C PHE B 165 -1.85 -31.08 -15.74
N THR B 166 -2.80 -30.20 -15.45
CA THR B 166 -3.35 -30.08 -14.08
C THR B 166 -4.81 -30.55 -14.01
N HIS B 167 -5.52 -30.44 -15.13
CA HIS B 167 -6.89 -30.92 -15.23
C HIS B 167 -7.09 -31.92 -16.37
N LEU B 168 -8.06 -32.79 -16.19
CA LEU B 168 -8.42 -33.74 -17.18
C LEU B 168 -9.88 -33.41 -17.48
N GLU B 169 -10.21 -33.18 -18.74
CA GLU B 169 -11.59 -32.88 -19.09
C GLU B 169 -12.17 -34.04 -19.91
N LEU B 170 -13.27 -34.62 -19.45
CA LEU B 170 -13.90 -35.73 -20.17
C LEU B 170 -15.08 -35.26 -21.01
N LEU B 171 -15.11 -35.64 -22.27
CA LEU B 171 -16.34 -35.49 -23.06
C LEU B 171 -17.46 -36.31 -22.41
N PRO B 172 -18.72 -35.94 -22.67
CA PRO B 172 -19.78 -36.46 -21.79
C PRO B 172 -19.71 -37.98 -21.56
N ILE B 173 -19.79 -38.39 -20.29
CA ILE B 173 -19.76 -39.82 -19.93
C ILE B 173 -21.14 -40.34 -19.52
N ASN B 174 -22.14 -39.47 -19.62
CA ASN B 174 -23.50 -39.88 -19.36
C ASN B 174 -23.94 -40.88 -20.43
N GLU B 175 -24.84 -41.80 -20.08
CA GLU B 175 -25.22 -42.89 -20.97
C GLU B 175 -25.90 -42.41 -22.25
N HIS B 176 -25.41 -42.91 -23.39
CA HIS B 176 -25.94 -42.53 -24.71
C HIS B 176 -25.83 -43.70 -25.68
N PRO B 177 -26.76 -43.79 -26.65
CA PRO B 177 -26.85 -44.96 -27.51
C PRO B 177 -26.02 -44.91 -28.80
N PHE B 178 -25.87 -43.72 -29.38
CA PHE B 178 -25.13 -43.55 -30.64
C PHE B 178 -23.77 -42.94 -30.35
N ASP B 179 -22.70 -43.69 -30.63
CA ASP B 179 -21.33 -43.20 -30.44
C ASP B 179 -21.10 -41.84 -31.11
N GLY B 180 -21.75 -41.64 -32.26
CA GLY B 180 -21.57 -40.44 -33.06
C GLY B 180 -21.93 -39.14 -32.38
N SER B 181 -22.72 -39.21 -31.32
CA SER B 181 -23.08 -38.00 -30.61
C SER B 181 -21.91 -37.49 -29.77
N TRP B 182 -20.94 -38.37 -29.53
CA TRP B 182 -19.77 -38.12 -28.69
C TRP B 182 -20.17 -37.97 -27.22
N GLY B 183 -21.47 -38.07 -26.95
CA GLY B 183 -21.95 -37.94 -25.59
C GLY B 183 -22.95 -36.80 -25.48
N TYR B 184 -23.11 -36.04 -26.56
CA TYR B 184 -23.97 -34.86 -26.56
C TYR B 184 -25.45 -35.11 -26.91
N GLN B 185 -25.80 -36.37 -27.15
CA GLN B 185 -27.21 -36.75 -27.24
C GLN B 185 -27.41 -37.89 -26.25
N PRO B 186 -27.61 -37.55 -24.98
CA PRO B 186 -27.55 -38.56 -23.93
C PRO B 186 -28.90 -39.20 -23.72
N THR B 187 -28.95 -40.28 -22.95
CA THR B 187 -30.21 -40.93 -22.62
C THR B 187 -30.39 -41.05 -21.11
N GLY B 188 -29.26 -41.17 -20.39
CA GLY B 188 -29.28 -41.31 -18.94
C GLY B 188 -28.28 -40.37 -18.28
N LEU B 189 -28.81 -39.38 -17.57
CA LEU B 189 -28.00 -38.32 -17.00
C LEU B 189 -27.27 -38.74 -15.74
N TYR B 190 -27.64 -39.89 -15.17
CA TYR B 190 -27.11 -40.31 -13.87
C TYR B 190 -26.29 -41.58 -13.94
N ALA B 191 -26.33 -42.24 -15.09
CA ALA B 191 -25.57 -43.46 -15.29
C ALA B 191 -24.32 -43.13 -16.07
N PRO B 192 -23.16 -43.50 -15.52
CA PRO B 192 -21.94 -43.40 -16.32
C PRO B 192 -22.01 -44.48 -17.38
N THR B 193 -21.61 -44.15 -18.60
CA THR B 193 -21.73 -45.10 -19.70
C THR B 193 -21.13 -46.47 -19.38
N ARG B 194 -21.76 -47.51 -19.93
CA ARG B 194 -21.34 -48.88 -19.73
C ARG B 194 -20.13 -49.24 -20.59
N ARG B 195 -19.94 -48.50 -21.68
CA ARG B 195 -18.88 -48.80 -22.64
C ARG B 195 -17.55 -49.20 -21.99
N PHE B 196 -17.21 -48.56 -20.88
CA PHE B 196 -15.87 -48.73 -20.32
C PHE B 196 -15.87 -49.45 -18.96
N GLY B 197 -17.02 -49.92 -18.51
CA GLY B 197 -17.07 -50.64 -17.24
C GLY B 197 -18.19 -50.16 -16.33
N THR B 198 -18.10 -50.52 -15.04
CA THR B 198 -19.14 -50.17 -14.08
C THR B 198 -19.00 -48.75 -13.55
N ARG B 199 -20.04 -48.30 -12.84
CA ARG B 199 -20.04 -46.99 -12.18
C ARG B 199 -19.04 -46.98 -11.02
N ASP B 200 -18.75 -48.15 -10.47
CA ASP B 200 -17.72 -48.25 -9.43
C ASP B 200 -16.33 -48.23 -10.05
N ASP B 201 -16.24 -48.57 -11.34
CA ASP B 201 -14.99 -48.49 -12.09
C ASP B 201 -14.68 -47.04 -12.46
N PHE B 202 -15.71 -46.31 -12.87
CA PHE B 202 -15.56 -44.90 -13.21
C PHE B 202 -15.07 -44.18 -11.95
N ARG B 203 -15.69 -44.52 -10.82
CA ARG B 203 -15.32 -43.95 -9.54
C ARG B 203 -13.85 -44.27 -9.22
N TYR B 204 -13.40 -45.44 -9.65
CA TYR B 204 -12.00 -45.81 -9.49
C TYR B 204 -11.09 -44.94 -10.37
N PHE B 205 -11.53 -44.66 -11.59
CA PHE B 205 -10.77 -43.84 -12.51
C PHE B 205 -10.56 -42.43 -11.95
N ILE B 206 -11.65 -41.80 -11.51
CA ILE B 206 -11.61 -40.46 -10.93
C ILE B 206 -10.78 -40.41 -9.66
N ASP B 207 -10.82 -41.47 -8.86
CA ASP B 207 -9.99 -41.54 -7.67
C ASP B 207 -8.50 -41.69 -8.00
N ALA B 208 -8.21 -42.37 -9.11
CA ALA B 208 -6.83 -42.56 -9.54
C ALA B 208 -6.26 -41.26 -10.04
N ALA B 209 -7.11 -40.44 -10.66
CA ALA B 209 -6.69 -39.13 -11.13
C ALA B 209 -6.34 -38.22 -9.93
N HIS B 210 -7.16 -38.30 -8.88
CA HIS B 210 -6.90 -37.49 -7.71
C HIS B 210 -5.60 -37.82 -7.00
N ALA B 211 -5.37 -39.12 -6.77
CA ALA B 211 -4.14 -39.58 -6.12
C ALA B 211 -2.91 -39.17 -6.91
N ALA B 212 -3.07 -38.99 -8.22
CA ALA B 212 -2.00 -38.53 -9.08
C ALA B 212 -1.84 -36.99 -9.09
N GLY B 213 -2.78 -36.27 -8.46
CA GLY B 213 -2.72 -34.82 -8.42
C GLY B 213 -3.37 -34.11 -9.60
N LEU B 214 -4.40 -34.70 -10.18
CA LEU B 214 -5.11 -34.06 -11.29
C LEU B 214 -6.54 -33.74 -10.85
N ASN B 215 -7.06 -32.60 -11.27
CA ASN B 215 -8.48 -32.34 -11.15
C ASN B 215 -9.24 -32.89 -12.37
N VAL B 216 -10.52 -33.20 -12.20
CA VAL B 216 -11.28 -33.71 -13.34
C VAL B 216 -12.44 -32.79 -13.62
N ILE B 217 -12.52 -32.36 -14.88
CA ILE B 217 -13.69 -31.66 -15.39
C ILE B 217 -14.55 -32.62 -16.21
N LEU B 218 -15.84 -32.66 -15.88
CA LEU B 218 -16.78 -33.40 -16.69
C LEU B 218 -17.59 -32.45 -17.60
N ASP B 219 -17.63 -32.76 -18.90
CA ASP B 219 -18.60 -32.11 -19.79
C ASP B 219 -20.02 -32.47 -19.35
N TRP B 220 -20.84 -31.45 -19.15
CA TRP B 220 -22.17 -31.64 -18.60
C TRP B 220 -23.19 -31.10 -19.60
N VAL B 221 -24.29 -31.81 -19.77
CA VAL B 221 -25.17 -31.54 -20.91
C VAL B 221 -26.63 -31.16 -20.58
N PRO B 222 -26.84 -30.22 -19.65
CA PRO B 222 -28.23 -29.88 -19.31
C PRO B 222 -28.95 -29.19 -20.47
N GLY B 223 -28.23 -28.89 -21.53
CA GLY B 223 -28.81 -28.16 -22.65
C GLY B 223 -29.41 -29.05 -23.71
N HIS B 224 -29.05 -30.33 -23.69
CA HIS B 224 -29.45 -31.29 -24.74
C HIS B 224 -30.42 -32.36 -24.27
N PHE B 225 -31.70 -32.15 -24.57
CA PHE B 225 -32.75 -33.09 -24.20
C PHE B 225 -32.52 -34.44 -24.88
N PRO B 226 -32.74 -35.54 -24.15
CA PRO B 226 -32.70 -36.92 -24.68
C PRO B 226 -33.68 -37.10 -25.83
N THR B 227 -33.16 -37.55 -26.99
CA THR B 227 -34.01 -37.70 -28.17
C THR B 227 -34.12 -39.13 -28.69
N ASP B 228 -33.44 -40.08 -28.05
CA ASP B 228 -33.41 -41.45 -28.52
C ASP B 228 -34.10 -42.42 -27.58
N ASP B 229 -34.67 -43.49 -28.17
CA ASP B 229 -35.37 -44.56 -27.43
C ASP B 229 -36.55 -44.03 -26.61
N PHE B 230 -37.02 -42.83 -26.93
CA PHE B 230 -38.01 -42.15 -26.10
C PHE B 230 -37.61 -42.26 -24.62
N ALA B 231 -36.41 -41.80 -24.30
CA ALA B 231 -35.86 -41.96 -22.95
C ALA B 231 -36.52 -41.08 -21.90
N LEU B 232 -36.88 -39.86 -22.29
CA LEU B 232 -37.42 -38.87 -21.35
C LEU B 232 -38.54 -38.08 -22.02
N ALA B 233 -38.55 -38.09 -23.34
CA ALA B 233 -39.57 -37.39 -24.10
C ALA B 233 -40.94 -38.00 -23.84
N GLU B 234 -41.93 -37.16 -23.60
CA GLU B 234 -43.30 -37.61 -23.37
C GLU B 234 -43.33 -38.78 -22.38
N PHE B 235 -42.84 -38.55 -21.18
CA PHE B 235 -42.59 -39.60 -20.20
C PHE B 235 -43.85 -40.26 -19.63
N ASP B 236 -44.87 -39.47 -19.30
CA ASP B 236 -46.08 -40.02 -18.68
C ASP B 236 -47.32 -39.75 -19.55
N GLY B 237 -47.13 -39.71 -20.86
CA GLY B 237 -48.20 -39.38 -21.77
C GLY B 237 -48.21 -37.89 -22.04
N THR B 238 -47.91 -37.09 -21.02
CA THR B 238 -47.88 -35.65 -21.17
C THR B 238 -46.46 -35.14 -21.41
N ASN B 239 -46.34 -33.84 -21.65
CA ASN B 239 -45.06 -33.19 -21.73
C ASN B 239 -44.57 -32.84 -20.33
N LEU B 240 -43.75 -33.74 -19.77
CA LEU B 240 -43.32 -33.64 -18.37
C LEU B 240 -42.02 -32.87 -18.22
N TYR B 241 -40.98 -33.37 -18.88
CA TYR B 241 -39.66 -32.78 -18.82
C TYR B 241 -39.44 -31.77 -19.93
N GLU B 242 -40.25 -31.86 -20.99
CA GLU B 242 -40.11 -30.96 -22.12
C GLU B 242 -41.18 -29.86 -22.11
N HIS B 243 -40.98 -28.87 -22.96
CA HIS B 243 -41.88 -27.72 -23.05
C HIS B 243 -42.28 -27.48 -24.49
N SER B 244 -43.34 -26.71 -24.69
CA SER B 244 -43.72 -26.16 -25.99
C SER B 244 -44.77 -25.07 -25.79
N ASP B 245 -44.87 -24.14 -26.75
CA ASP B 245 -45.81 -23.03 -26.68
C ASP B 245 -47.02 -23.26 -27.56
N PRO B 246 -48.23 -22.95 -27.06
CA PRO B 246 -49.46 -23.04 -27.84
C PRO B 246 -49.46 -22.07 -29.03
N ASN B 255 -39.16 -32.71 -35.38
CA ASN B 255 -39.18 -32.43 -33.94
C ASN B 255 -38.27 -31.27 -33.56
N THR B 256 -38.15 -31.04 -32.24
CA THR B 256 -37.20 -30.09 -31.68
C THR B 256 -37.03 -30.44 -30.20
N LEU B 257 -37.92 -29.90 -29.36
CA LEU B 257 -38.05 -30.27 -27.94
C LEU B 257 -36.84 -29.98 -27.04
N ILE B 258 -37.12 -29.21 -25.99
CA ILE B 258 -36.14 -28.74 -25.02
C ILE B 258 -36.73 -28.87 -23.62
N TYR B 259 -35.89 -28.79 -22.60
CA TYR B 259 -36.35 -28.90 -21.21
C TYR B 259 -37.22 -27.71 -20.81
N ASN B 260 -38.29 -27.97 -20.06
CA ASN B 260 -39.04 -26.91 -19.41
C ASN B 260 -38.30 -26.46 -18.14
N TYR B 261 -37.29 -25.61 -18.32
CA TYR B 261 -36.43 -25.18 -17.23
C TYR B 261 -37.21 -24.54 -16.07
N GLY B 262 -38.33 -23.91 -16.39
CA GLY B 262 -39.14 -23.21 -15.40
C GLY B 262 -39.85 -24.11 -14.42
N ARG B 263 -40.05 -25.37 -14.79
CA ARG B 263 -40.77 -26.31 -13.93
C ARG B 263 -39.92 -26.71 -12.71
N ARG B 264 -40.49 -26.54 -11.54
CA ARG B 264 -39.79 -26.80 -10.29
C ARG B 264 -39.12 -28.17 -10.29
N GLU B 265 -39.88 -29.20 -10.64
CA GLU B 265 -39.40 -30.58 -10.57
C GLU B 265 -38.29 -30.87 -11.58
N VAL B 266 -38.33 -30.19 -12.71
CA VAL B 266 -37.45 -30.51 -13.81
C VAL B 266 -36.06 -29.88 -13.66
N SER B 267 -36.00 -28.69 -13.07
CA SER B 267 -34.71 -28.07 -12.80
C SER B 267 -34.04 -28.74 -11.60
N ASN B 268 -34.85 -29.33 -10.71
CA ASN B 268 -34.33 -30.12 -9.59
C ASN B 268 -33.58 -31.35 -10.10
N PHE B 269 -34.19 -32.02 -11.07
CA PHE B 269 -33.58 -33.12 -11.80
C PHE B 269 -32.19 -32.73 -12.34
N LEU B 270 -32.08 -31.52 -12.89
CA LEU B 270 -30.84 -31.07 -13.55
C LEU B 270 -29.79 -30.49 -12.59
N VAL B 271 -30.21 -29.58 -11.71
CA VAL B 271 -29.36 -29.05 -10.66
C VAL B 271 -28.89 -30.19 -9.76
N GLY B 272 -29.83 -31.08 -9.40
CA GLY B 272 -29.51 -32.23 -8.57
C GLY B 272 -28.51 -33.12 -9.25
N ASN B 273 -28.64 -33.28 -10.57
CA ASN B 273 -27.65 -34.03 -11.34
C ASN B 273 -26.23 -33.50 -11.26
N ALA B 274 -26.08 -32.17 -11.26
CA ALA B 274 -24.78 -31.51 -11.17
C ALA B 274 -24.13 -31.76 -9.81
N LEU B 275 -24.94 -31.63 -8.77
CA LEU B 275 -24.50 -31.88 -7.43
C LEU B 275 -24.14 -33.37 -7.27
N TYR B 276 -24.83 -34.23 -8.00
CA TYR B 276 -24.58 -35.67 -7.95
C TYR B 276 -23.13 -35.98 -8.36
N TRP B 277 -22.75 -35.51 -9.54
CA TRP B 277 -21.42 -35.82 -10.06
C TRP B 277 -20.30 -35.33 -9.15
N ILE B 278 -20.55 -34.20 -8.49
CA ILE B 278 -19.56 -33.56 -7.65
C ILE B 278 -19.48 -34.17 -6.26
N GLU B 279 -20.63 -34.43 -5.66
CA GLU B 279 -20.67 -35.00 -4.32
C GLU B 279 -20.47 -36.53 -4.29
N ARG B 280 -20.83 -37.22 -5.36
CA ARG B 280 -20.85 -38.68 -5.35
C ARG B 280 -19.76 -39.29 -6.21
N PHE B 281 -19.10 -38.47 -7.00
CA PHE B 281 -18.00 -38.95 -7.82
C PHE B 281 -16.73 -38.15 -7.64
N GLY B 282 -16.82 -37.03 -6.92
CA GLY B 282 -15.63 -36.22 -6.63
C GLY B 282 -15.17 -35.44 -7.84
N ILE B 283 -16.11 -35.19 -8.77
CA ILE B 283 -15.86 -34.33 -9.92
C ILE B 283 -15.53 -32.91 -9.44
N ASP B 284 -14.51 -32.31 -10.03
CA ASP B 284 -14.01 -31.02 -9.54
C ASP B 284 -14.59 -29.81 -10.25
N ALA B 285 -15.10 -30.03 -11.46
CA ALA B 285 -15.61 -28.96 -12.30
C ALA B 285 -16.56 -29.50 -13.34
N LEU B 286 -17.53 -28.68 -13.72
CA LEU B 286 -18.46 -28.99 -14.78
C LEU B 286 -18.30 -27.96 -15.90
N ARG B 287 -18.49 -28.40 -17.13
CA ARG B 287 -18.47 -27.50 -18.26
C ARG B 287 -19.76 -27.65 -19.04
N VAL B 288 -20.44 -26.53 -19.29
CA VAL B 288 -21.64 -26.58 -20.12
C VAL B 288 -21.24 -26.21 -21.55
N ASP B 289 -21.94 -26.80 -22.52
CA ASP B 289 -21.67 -26.53 -23.93
C ASP B 289 -22.90 -25.91 -24.55
N ALA B 290 -22.72 -25.35 -25.74
CA ALA B 290 -23.81 -24.76 -26.51
C ALA B 290 -24.76 -23.97 -25.61
N VAL B 291 -24.21 -23.10 -24.78
CA VAL B 291 -25.00 -22.19 -23.94
C VAL B 291 -25.89 -21.27 -24.77
N ALA B 292 -25.45 -20.92 -25.98
CA ALA B 292 -26.28 -20.13 -26.89
C ALA B 292 -27.62 -20.80 -27.23
N SER B 293 -27.59 -22.12 -27.52
CA SER B 293 -28.83 -22.87 -27.80
C SER B 293 -29.83 -22.73 -26.67
N MET B 294 -29.31 -22.75 -25.44
CA MET B 294 -30.15 -22.67 -24.25
C MET B 294 -30.80 -21.31 -24.10
N ILE B 295 -30.02 -20.25 -24.24
CA ILE B 295 -30.50 -18.92 -23.85
C ILE B 295 -31.31 -18.20 -24.93
N TYR B 296 -31.19 -18.64 -26.19
CA TYR B 296 -31.96 -18.04 -27.28
C TYR B 296 -33.00 -19.02 -27.82
N ARG B 297 -34.23 -18.56 -27.96
CA ARG B 297 -35.31 -19.38 -28.49
C ARG B 297 -35.22 -19.46 -30.01
N ASP B 298 -34.71 -18.39 -30.63
CA ASP B 298 -34.68 -18.25 -32.10
C ASP B 298 -36.10 -18.09 -32.65
N ILE B 307 -40.07 -17.97 -32.05
CA ILE B 307 -40.93 -17.16 -31.19
C ILE B 307 -40.09 -16.42 -30.15
N PRO B 308 -40.35 -15.11 -29.97
CA PRO B 308 -39.65 -14.29 -28.99
C PRO B 308 -40.08 -14.60 -27.56
N ASN B 309 -39.39 -14.01 -26.59
CA ASN B 309 -39.66 -14.28 -25.17
C ASN B 309 -40.86 -13.51 -24.65
N GLU B 310 -41.06 -13.57 -23.33
CA GLU B 310 -42.17 -12.89 -22.67
C GLU B 310 -42.11 -11.37 -22.85
N PHE B 311 -40.94 -10.86 -23.25
CA PHE B 311 -40.73 -9.42 -23.37
C PHE B 311 -40.55 -8.93 -24.82
N GLY B 312 -40.45 -9.86 -25.76
CA GLY B 312 -40.30 -9.51 -27.17
C GLY B 312 -38.91 -9.78 -27.73
N GLY B 313 -37.96 -10.08 -26.85
CA GLY B 313 -36.57 -10.34 -27.25
C GLY B 313 -36.34 -11.79 -27.65
N ARG B 314 -35.12 -12.07 -28.11
CA ARG B 314 -34.78 -13.39 -28.62
C ARG B 314 -34.19 -14.31 -27.54
N GLU B 315 -34.04 -13.80 -26.31
CA GLU B 315 -33.50 -14.61 -25.23
C GLU B 315 -34.54 -15.56 -24.62
N ASN B 316 -34.10 -16.35 -23.64
CA ASN B 316 -34.96 -17.32 -22.97
C ASN B 316 -34.81 -17.11 -21.47
N LEU B 317 -35.69 -16.29 -20.89
CA LEU B 317 -35.59 -15.93 -19.48
C LEU B 317 -35.57 -17.12 -18.53
N GLU B 318 -36.07 -18.27 -19.00
CA GLU B 318 -36.15 -19.47 -18.18
C GLU B 318 -34.83 -20.22 -18.12
N ALA B 319 -34.14 -20.29 -19.25
CA ALA B 319 -32.85 -20.97 -19.30
C ALA B 319 -31.75 -20.10 -18.71
N ILE B 320 -31.85 -18.79 -18.91
CA ILE B 320 -30.90 -17.85 -18.32
C ILE B 320 -30.97 -17.97 -16.79
N GLU B 321 -32.20 -17.97 -16.26
CA GLU B 321 -32.42 -18.08 -14.83
C GLU B 321 -32.00 -19.44 -14.28
N PHE B 322 -32.17 -20.49 -15.08
CA PHE B 322 -31.75 -21.81 -14.68
C PHE B 322 -30.22 -21.84 -14.53
N LEU B 323 -29.54 -21.12 -15.41
CA LEU B 323 -28.07 -21.04 -15.40
C LEU B 323 -27.53 -20.24 -14.23
N ARG B 324 -28.24 -19.17 -13.86
CA ARG B 324 -27.84 -18.34 -12.74
C ARG B 324 -28.01 -19.09 -11.43
N ASN B 325 -29.17 -19.71 -11.25
CA ASN B 325 -29.46 -20.58 -10.11
C ASN B 325 -28.46 -21.70 -9.90
N THR B 326 -28.27 -22.54 -10.92
CA THR B 326 -27.33 -23.64 -10.81
C THR B 326 -26.01 -23.14 -10.26
N ASN B 327 -25.43 -22.17 -10.94
CA ASN B 327 -24.16 -21.61 -10.50
C ASN B 327 -24.19 -21.10 -9.07
N ARG B 328 -25.31 -20.50 -8.65
CA ARG B 328 -25.43 -19.98 -7.30
C ARG B 328 -25.44 -21.10 -6.26
N ILE B 329 -26.24 -22.12 -6.53
CA ILE B 329 -26.34 -23.29 -5.66
C ILE B 329 -24.98 -24.01 -5.61
N LEU B 330 -24.35 -24.19 -6.76
CA LEU B 330 -23.03 -24.79 -6.79
C LEU B 330 -22.05 -24.01 -5.92
N GLY B 331 -22.08 -22.69 -6.03
CA GLY B 331 -21.26 -21.82 -5.19
C GLY B 331 -21.51 -22.02 -3.71
N GLU B 332 -22.76 -22.28 -3.34
CA GLU B 332 -23.12 -22.47 -1.92
C GLU B 332 -22.93 -23.89 -1.42
N GLN B 333 -23.40 -24.86 -2.18
CA GLN B 333 -23.39 -26.26 -1.78
C GLN B 333 -22.03 -26.97 -1.89
N VAL B 334 -21.26 -26.65 -2.92
CA VAL B 334 -19.98 -27.34 -3.13
C VAL B 334 -18.83 -26.36 -3.36
N SER B 335 -18.59 -25.50 -2.39
CA SER B 335 -17.53 -24.52 -2.51
C SER B 335 -16.25 -25.20 -3.00
N GLY B 336 -15.60 -24.60 -3.97
CA GLY B 336 -14.39 -25.16 -4.55
C GLY B 336 -14.60 -25.86 -5.88
N ALA B 337 -15.86 -26.06 -6.25
CA ALA B 337 -16.15 -26.64 -7.56
C ALA B 337 -16.45 -25.49 -8.52
N VAL B 338 -15.97 -25.59 -9.74
CA VAL B 338 -16.17 -24.48 -10.69
C VAL B 338 -16.91 -24.94 -11.94
N THR B 339 -17.61 -24.01 -12.58
CA THR B 339 -18.22 -24.33 -13.88
C THR B 339 -17.59 -23.48 -15.00
N MET B 340 -17.56 -24.05 -16.20
CA MET B 340 -17.03 -23.34 -17.35
C MET B 340 -18.07 -23.34 -18.45
N ALA B 341 -18.08 -22.31 -19.30
CA ALA B 341 -19.09 -22.24 -20.35
C ALA B 341 -18.49 -22.02 -21.70
N GLU B 342 -19.19 -22.54 -22.70
CA GLU B 342 -18.95 -22.18 -24.07
C GLU B 342 -20.18 -21.46 -24.57
N GLU B 343 -20.04 -20.17 -24.81
CA GLU B 343 -21.12 -19.36 -25.37
C GLU B 343 -20.55 -18.68 -26.61
N SER B 344 -21.36 -18.55 -27.66
CA SER B 344 -20.82 -18.16 -28.98
C SER B 344 -21.45 -16.90 -29.56
N THR B 345 -22.12 -16.11 -28.73
CA THR B 345 -22.79 -14.91 -29.23
C THR B 345 -22.42 -13.66 -28.44
N ASP B 346 -21.31 -13.72 -27.73
CA ASP B 346 -20.85 -12.58 -26.91
C ASP B 346 -21.96 -12.07 -25.99
N PHE B 347 -22.64 -13.00 -25.33
CA PHE B 347 -23.64 -12.65 -24.33
C PHE B 347 -22.86 -11.97 -23.22
N PRO B 348 -23.34 -10.80 -22.75
CA PRO B 348 -22.55 -10.05 -21.79
C PRO B 348 -22.60 -10.64 -20.39
N GLY B 349 -21.43 -10.98 -19.85
CA GLY B 349 -21.30 -11.40 -18.46
C GLY B 349 -21.52 -12.88 -18.21
N VAL B 350 -21.10 -13.71 -19.15
CA VAL B 350 -21.21 -15.16 -18.97
C VAL B 350 -20.48 -15.57 -17.69
N SER B 351 -19.23 -15.17 -17.56
CA SER B 351 -18.46 -15.46 -16.37
C SER B 351 -18.41 -14.26 -15.44
N ARG B 352 -19.56 -13.65 -15.17
CA ARG B 352 -19.64 -12.55 -14.19
C ARG B 352 -20.75 -12.83 -13.19
N PRO B 353 -20.67 -12.23 -11.99
CA PRO B 353 -21.65 -12.55 -10.95
C PRO B 353 -23.08 -12.25 -11.39
N GLN B 354 -24.03 -12.90 -10.75
CA GLN B 354 -25.45 -12.77 -11.07
C GLN B 354 -25.99 -11.36 -10.75
N ASP B 355 -25.46 -10.75 -9.69
CA ASP B 355 -25.94 -9.44 -9.24
C ASP B 355 -25.40 -8.26 -10.07
N MET B 356 -24.62 -8.56 -11.11
CA MET B 356 -24.25 -7.58 -12.12
C MET B 356 -24.94 -7.94 -13.43
N GLY B 357 -25.87 -8.89 -13.33
CA GLY B 357 -26.59 -9.42 -14.50
C GLY B 357 -25.83 -10.44 -15.34
N GLY B 358 -24.90 -11.15 -14.72
CA GLY B 358 -24.16 -12.20 -15.40
C GLY B 358 -24.84 -13.55 -15.29
N LEU B 359 -24.17 -14.60 -15.77
CA LEU B 359 -24.70 -15.95 -15.73
C LEU B 359 -24.12 -16.74 -14.57
N GLY B 360 -23.09 -16.18 -13.93
CA GLY B 360 -22.49 -16.78 -12.74
C GLY B 360 -21.44 -17.86 -12.95
N PHE B 361 -21.08 -18.14 -14.21
CA PHE B 361 -19.98 -19.07 -14.52
C PHE B 361 -18.62 -18.53 -14.06
N TRP B 362 -17.73 -19.41 -13.64
CA TRP B 362 -16.37 -19.00 -13.26
C TRP B 362 -15.49 -18.71 -14.49
N TYR B 363 -15.54 -19.60 -15.50
CA TYR B 363 -14.72 -19.47 -16.72
C TYR B 363 -15.48 -19.52 -18.04
N LYS B 364 -14.88 -18.93 -19.07
CA LYS B 364 -15.48 -18.91 -20.40
C LYS B 364 -14.45 -19.36 -21.42
N TRP B 365 -14.85 -20.23 -22.34
CA TRP B 365 -13.98 -20.56 -23.48
C TRP B 365 -13.86 -19.31 -24.32
N ASN B 366 -12.67 -19.09 -24.85
CA ASN B 366 -12.36 -17.89 -25.62
C ASN B 366 -12.40 -18.26 -27.10
N LEU B 367 -13.61 -18.33 -27.68
CA LEU B 367 -13.74 -18.73 -29.07
C LEU B 367 -13.14 -17.70 -29.99
N GLY B 368 -13.33 -16.43 -29.65
CA GLY B 368 -12.80 -15.33 -30.42
C GLY B 368 -11.32 -15.49 -30.63
N TRP B 369 -10.61 -15.91 -29.59
CA TRP B 369 -9.16 -16.05 -29.64
C TRP B 369 -8.76 -17.25 -30.49
N MET B 370 -9.49 -18.35 -30.34
CA MET B 370 -9.23 -19.56 -31.09
C MET B 370 -9.39 -19.23 -32.59
N HIS B 371 -10.48 -18.57 -32.93
CA HIS B 371 -10.73 -18.14 -34.30
C HIS B 371 -9.68 -17.17 -34.81
N ASP B 372 -9.34 -16.16 -34.00
CA ASP B 372 -8.44 -15.11 -34.46
C ASP B 372 -7.03 -15.62 -34.69
N THR B 373 -6.50 -16.40 -33.75
CA THR B 373 -5.12 -16.84 -33.82
C THR B 373 -4.90 -17.97 -34.85
N LEU B 374 -5.88 -18.86 -34.98
CA LEU B 374 -5.84 -19.88 -36.02
C LEU B 374 -5.92 -19.28 -37.44
N ASP B 375 -6.73 -18.25 -37.64
CA ASP B 375 -6.76 -17.57 -38.94
C ASP B 375 -5.42 -16.91 -39.25
N TYR B 376 -4.78 -16.36 -38.21
CA TYR B 376 -3.43 -15.82 -38.33
C TYR B 376 -2.40 -16.87 -38.76
N MET B 377 -2.33 -17.97 -38.01
CA MET B 377 -1.34 -19.02 -38.28
C MET B 377 -1.52 -19.68 -39.67
N LYS B 378 -2.75 -19.75 -40.16
CA LYS B 378 -3.01 -20.33 -41.46
C LYS B 378 -2.36 -19.51 -42.58
N LEU B 379 -2.22 -18.21 -42.37
CA LEU B 379 -1.61 -17.36 -43.37
C LEU B 379 -0.17 -17.77 -43.61
N ASP B 380 0.28 -17.58 -44.86
CA ASP B 380 1.69 -17.64 -45.18
C ASP B 380 2.33 -16.37 -44.61
N PRO B 381 3.51 -16.49 -43.96
CA PRO B 381 4.27 -15.38 -43.37
C PRO B 381 4.21 -14.07 -44.17
N VAL B 382 4.29 -14.18 -45.49
CA VAL B 382 4.16 -13.06 -46.41
C VAL B 382 3.01 -12.09 -46.09
N TYR B 383 1.83 -12.64 -45.77
CA TYR B 383 0.62 -11.87 -45.54
C TYR B 383 0.39 -11.57 -44.05
N ARG B 384 1.23 -12.13 -43.21
CA ARG B 384 1.09 -11.99 -41.77
C ARG B 384 1.14 -10.49 -41.34
N GLN B 385 2.06 -9.73 -41.90
CA GLN B 385 2.16 -8.27 -41.62
C GLN B 385 0.87 -7.47 -41.75
N TYR B 386 -0.07 -7.94 -42.57
CA TYR B 386 -1.34 -7.25 -42.82
C TYR B 386 -2.47 -7.73 -41.91
N HIS B 387 -2.15 -8.64 -41.00
CA HIS B 387 -3.18 -9.18 -40.11
C HIS B 387 -2.75 -9.23 -38.63
N HIS B 388 -1.81 -8.35 -38.31
CA HIS B 388 -1.22 -8.22 -36.97
C HIS B 388 -2.28 -8.05 -35.89
N ASP B 389 -3.40 -7.43 -36.23
CA ASP B 389 -4.50 -7.22 -35.29
C ASP B 389 -5.14 -8.51 -34.80
N LYS B 390 -4.89 -9.62 -35.50
CA LYS B 390 -5.48 -10.89 -35.10
C LYS B 390 -4.76 -11.47 -33.89
N LEU B 391 -3.55 -10.99 -33.64
CA LEU B 391 -2.77 -11.42 -32.47
C LEU B 391 -2.86 -10.43 -31.29
N THR B 392 -3.22 -9.17 -31.60
CA THR B 392 -3.27 -8.10 -30.60
C THR B 392 -4.69 -7.76 -30.16
N PHE B 393 -5.70 -8.20 -30.89
CA PHE B 393 -7.07 -7.88 -30.53
C PHE B 393 -7.47 -8.50 -29.19
N GLY B 394 -6.88 -9.64 -28.86
CA GLY B 394 -7.23 -10.41 -27.66
C GLY B 394 -7.25 -9.61 -26.37
N ILE B 395 -6.17 -8.89 -26.11
CA ILE B 395 -6.06 -8.10 -24.92
C ILE B 395 -7.23 -7.16 -24.70
N LEU B 396 -7.71 -6.54 -25.78
CA LEU B 396 -8.76 -5.53 -25.65
C LEU B 396 -10.03 -5.97 -24.88
N TYR B 397 -10.42 -7.25 -24.96
CA TYR B 397 -11.63 -7.75 -24.26
C TYR B 397 -11.31 -8.85 -23.23
N ASN B 398 -10.02 -9.13 -23.04
CA ASN B 398 -9.56 -10.10 -22.04
C ASN B 398 -10.05 -9.90 -20.59
N TYR B 399 -10.44 -8.67 -20.23
CA TYR B 399 -10.86 -8.36 -18.86
C TYR B 399 -12.39 -8.27 -18.73
N THR B 400 -13.08 -8.68 -19.77
CA THR B 400 -14.54 -8.74 -19.72
C THR B 400 -15.00 -10.12 -19.25
N GLU B 401 -14.10 -11.11 -19.32
CA GLU B 401 -14.45 -12.49 -19.00
C GLU B 401 -13.20 -13.25 -18.54
N ASN B 402 -13.38 -14.28 -17.72
CA ASN B 402 -12.28 -15.15 -17.32
C ASN B 402 -12.11 -16.29 -18.34
N PHE B 403 -11.23 -16.06 -19.30
CA PHE B 403 -11.14 -16.95 -20.45
C PHE B 403 -10.32 -18.22 -20.28
N VAL B 404 -10.73 -19.26 -21.02
CA VAL B 404 -9.89 -20.39 -21.30
C VAL B 404 -9.55 -20.40 -22.81
N LEU B 405 -8.28 -20.54 -23.15
CA LEU B 405 -7.84 -20.60 -24.55
C LEU B 405 -7.95 -22.04 -24.99
N PRO B 406 -8.92 -22.32 -25.88
CA PRO B 406 -9.29 -23.68 -26.17
C PRO B 406 -8.88 -24.16 -27.56
N LEU B 407 -8.00 -25.15 -27.63
CA LEU B 407 -7.74 -25.87 -28.89
C LEU B 407 -8.49 -27.19 -28.78
N SER B 408 -9.81 -27.15 -28.99
CA SER B 408 -10.65 -28.31 -28.67
C SER B 408 -11.09 -29.15 -29.87
N HIS B 409 -11.95 -30.12 -29.59
CA HIS B 409 -12.35 -31.09 -30.60
C HIS B 409 -13.16 -30.45 -31.71
N ASP B 410 -13.91 -29.39 -31.40
CA ASP B 410 -14.73 -28.72 -32.40
C ASP B 410 -13.89 -28.17 -33.55
N GLU B 411 -12.58 -28.10 -33.35
CA GLU B 411 -11.71 -27.44 -34.30
C GLU B 411 -10.99 -28.43 -35.20
N VAL B 412 -11.06 -29.70 -34.86
CA VAL B 412 -10.32 -30.74 -35.56
C VAL B 412 -11.19 -31.84 -36.17
N VAL B 413 -12.44 -31.53 -36.50
CA VAL B 413 -13.34 -32.53 -37.09
C VAL B 413 -13.91 -32.10 -38.44
N HIS B 414 -15.11 -32.59 -38.75
CA HIS B 414 -15.83 -32.40 -40.03
C HIS B 414 -15.22 -31.48 -41.10
N GLY B 415 -14.09 -31.86 -41.67
CA GLY B 415 -13.50 -31.06 -42.73
C GLY B 415 -12.81 -29.81 -42.25
N LYS B 416 -12.84 -29.56 -40.94
CA LYS B 416 -12.12 -28.45 -40.32
C LYS B 416 -10.62 -28.69 -40.40
N LYS B 417 -10.22 -29.94 -40.60
CA LYS B 417 -8.81 -30.37 -40.58
C LYS B 417 -8.23 -30.37 -39.14
N SER B 418 -6.96 -30.76 -39.02
CA SER B 418 -6.32 -30.90 -37.73
C SER B 418 -5.69 -29.56 -37.42
N ILE B 419 -4.96 -29.45 -36.31
CA ILE B 419 -4.20 -28.22 -36.05
C ILE B 419 -2.92 -28.17 -36.88
N LEU B 420 -2.16 -29.25 -36.89
CA LEU B 420 -0.95 -29.31 -37.71
C LEU B 420 -1.18 -28.97 -39.19
N ASP B 421 -2.24 -29.51 -39.80
CA ASP B 421 -2.43 -29.30 -41.24
C ASP B 421 -2.89 -27.88 -41.61
N ARG B 422 -3.14 -27.04 -40.63
CA ARG B 422 -3.56 -25.68 -40.91
C ARG B 422 -2.34 -24.78 -41.16
N MET B 423 -1.17 -25.28 -40.77
CA MET B 423 0.08 -24.53 -40.88
C MET B 423 0.59 -24.55 -42.31
N PRO B 424 1.30 -23.48 -42.72
CA PRO B 424 1.85 -23.31 -44.07
C PRO B 424 3.34 -23.73 -44.18
N GLY B 425 3.81 -23.92 -45.41
CA GLY B 425 5.22 -24.19 -45.64
C GLY B 425 5.61 -25.66 -45.70
N ASP B 426 6.92 -25.90 -45.86
CA ASP B 426 7.48 -27.24 -45.87
C ASP B 426 7.40 -27.90 -44.48
N ALA B 427 7.96 -29.10 -44.36
CA ALA B 427 7.81 -29.89 -43.15
C ALA B 427 8.37 -29.15 -41.95
N TRP B 428 9.56 -28.60 -42.10
CA TRP B 428 10.21 -27.91 -40.99
C TRP B 428 9.36 -26.71 -40.55
N GLN B 429 8.79 -26.00 -41.52
CA GLN B 429 8.07 -24.75 -41.27
C GLN B 429 6.65 -25.00 -40.78
N LYS B 430 6.10 -26.17 -41.07
CA LYS B 430 4.78 -26.52 -40.55
C LYS B 430 4.82 -26.75 -39.03
N PHE B 431 5.84 -27.47 -38.56
CA PHE B 431 5.96 -27.80 -37.16
C PHE B 431 6.53 -26.63 -36.37
N ALA B 432 7.35 -25.80 -37.03
CA ALA B 432 7.88 -24.61 -36.38
C ALA B 432 6.74 -23.65 -36.06
N ASN B 433 5.88 -23.38 -37.05
CA ASN B 433 4.71 -22.57 -36.80
C ASN B 433 3.90 -23.08 -35.62
N LEU B 434 3.71 -24.40 -35.54
CA LEU B 434 2.92 -25.03 -34.48
C LEU B 434 3.58 -24.82 -33.11
N ARG B 435 4.87 -25.10 -33.00
CA ARG B 435 5.57 -24.92 -31.74
C ARG B 435 5.56 -23.45 -31.27
N ALA B 436 5.73 -22.52 -32.21
CA ALA B 436 5.72 -21.10 -31.88
C ALA B 436 4.33 -20.71 -31.40
N TYR B 437 3.33 -21.27 -32.06
CA TYR B 437 1.94 -20.99 -31.71
C TYR B 437 1.60 -21.46 -30.30
N TYR B 438 2.04 -22.68 -29.95
CA TYR B 438 1.88 -23.18 -28.57
C TYR B 438 2.65 -22.29 -27.58
N GLY B 439 3.85 -21.88 -27.96
CA GLY B 439 4.66 -21.00 -27.13
C GLY B 439 3.93 -19.71 -26.82
N TRP B 440 3.21 -19.18 -27.82
CA TRP B 440 2.38 -17.99 -27.67
C TRP B 440 1.17 -18.25 -26.77
N MET B 441 0.45 -19.32 -27.07
CA MET B 441 -0.73 -19.70 -26.32
C MET B 441 -0.42 -19.84 -24.81
N TRP B 442 0.65 -20.56 -24.48
CA TRP B 442 0.99 -20.78 -23.08
C TRP B 442 1.49 -19.52 -22.38
N ALA B 443 1.77 -18.46 -23.14
CA ALA B 443 2.22 -17.21 -22.56
C ALA B 443 1.11 -16.21 -22.49
N PHE B 444 0.06 -16.44 -23.29
CA PHE B 444 -0.99 -15.44 -23.43
C PHE B 444 -2.00 -15.56 -22.28
N PRO B 445 -2.51 -14.42 -21.78
CA PRO B 445 -3.43 -14.45 -20.64
C PRO B 445 -4.63 -15.39 -20.88
N GLY B 446 -4.96 -16.17 -19.86
CA GLY B 446 -6.02 -17.17 -19.96
C GLY B 446 -5.49 -18.55 -19.59
N LYS B 447 -6.39 -19.41 -19.12
CA LYS B 447 -6.07 -20.83 -18.88
C LYS B 447 -5.89 -21.56 -20.22
N LYS B 448 -5.34 -22.78 -20.18
CA LYS B 448 -4.99 -23.47 -21.42
C LYS B 448 -5.75 -24.77 -21.59
N LEU B 449 -6.39 -24.95 -22.75
CA LEU B 449 -7.10 -26.20 -23.02
C LEU B 449 -6.63 -26.84 -24.31
N LEU B 450 -6.17 -28.09 -24.19
CA LEU B 450 -5.70 -28.86 -25.36
C LEU B 450 -6.45 -30.20 -25.58
N PHE B 451 -7.04 -30.40 -26.75
CA PHE B 451 -7.69 -31.67 -27.06
C PHE B 451 -6.64 -32.74 -27.38
N MET B 452 -6.89 -33.96 -26.93
CA MET B 452 -6.03 -35.11 -27.19
C MET B 452 -5.72 -35.32 -28.68
N GLY B 453 -4.44 -35.50 -29.00
CA GLY B 453 -4.00 -35.56 -30.40
C GLY B 453 -3.14 -34.36 -30.71
N ASN B 454 -3.57 -33.18 -30.25
CA ASN B 454 -2.86 -31.94 -30.50
C ASN B 454 -1.48 -31.88 -29.87
N GLU B 455 -1.27 -32.63 -28.78
CA GLU B 455 0.00 -32.51 -28.05
C GLU B 455 1.16 -33.13 -28.81
N PHE B 456 0.86 -34.04 -29.72
CA PHE B 456 1.91 -34.68 -30.50
C PHE B 456 1.71 -34.41 -32.00
N ALA B 457 0.80 -33.47 -32.28
CA ALA B 457 0.59 -32.97 -33.63
C ALA B 457 0.09 -34.05 -34.63
N GLN B 458 -1.02 -34.71 -34.29
CA GLN B 458 -1.67 -35.67 -35.17
C GLN B 458 -1.94 -35.00 -36.52
N GLY B 459 -1.72 -35.74 -37.63
CA GLY B 459 -1.87 -35.18 -38.97
C GLY B 459 -3.30 -35.18 -39.48
N ARG B 460 -4.08 -36.15 -38.99
CA ARG B 460 -5.45 -36.34 -39.46
C ARG B 460 -6.46 -35.81 -38.46
N GLU B 461 -7.67 -35.54 -38.93
CA GLU B 461 -8.77 -35.15 -38.07
C GLU B 461 -8.96 -36.20 -36.99
N TRP B 462 -9.63 -35.80 -35.92
CA TRP B 462 -9.97 -36.76 -34.89
C TRP B 462 -11.11 -37.66 -35.36
N ASN B 463 -10.92 -38.96 -35.18
CA ASN B 463 -11.91 -39.96 -35.53
C ASN B 463 -12.43 -40.68 -34.28
N HIS B 464 -13.63 -40.30 -33.85
CA HIS B 464 -14.23 -40.81 -32.60
C HIS B 464 -14.37 -42.33 -32.59
N ASP B 465 -14.13 -42.95 -33.74
CA ASP B 465 -14.35 -44.39 -33.90
C ASP B 465 -13.07 -45.24 -34.01
N ALA B 466 -11.92 -44.60 -33.86
CA ALA B 466 -10.66 -45.31 -33.88
C ALA B 466 -9.78 -44.81 -32.74
N SER B 467 -8.56 -45.31 -32.66
CA SER B 467 -7.60 -44.81 -31.70
C SER B 467 -6.92 -43.59 -32.29
N LEU B 468 -6.45 -42.68 -31.44
CA LEU B 468 -5.58 -41.60 -31.89
C LEU B 468 -4.41 -42.22 -32.63
N ASP B 469 -3.76 -41.46 -33.51
CA ASP B 469 -2.67 -41.98 -34.32
C ASP B 469 -1.33 -42.06 -33.56
N TRP B 470 -1.36 -42.77 -32.42
CA TRP B 470 -0.20 -43.01 -31.56
C TRP B 470 1.00 -43.63 -32.26
N HIS B 471 0.80 -44.08 -33.51
CA HIS B 471 1.88 -44.68 -34.32
C HIS B 471 2.84 -43.63 -34.87
N LEU B 472 2.49 -42.35 -34.78
CA LEU B 472 3.41 -41.27 -35.19
C LEU B 472 4.62 -41.19 -34.26
N LEU B 473 4.44 -41.69 -33.04
CA LEU B 473 5.46 -41.65 -32.01
C LEU B 473 6.23 -42.96 -31.95
N GLU B 474 6.13 -43.73 -33.03
CA GLU B 474 6.80 -45.02 -33.17
C GLU B 474 8.05 -44.80 -34.03
N GLY B 475 9.07 -45.64 -33.84
CA GLY B 475 10.32 -45.50 -34.58
C GLY B 475 11.22 -44.44 -33.97
N GLY B 476 12.14 -43.92 -34.77
CA GLY B 476 13.11 -42.95 -34.28
C GLY B 476 12.50 -41.60 -33.92
N ASP B 477 13.30 -40.79 -33.23
CA ASP B 477 12.90 -39.45 -32.76
C ASP B 477 12.50 -38.58 -33.94
N ASN B 478 11.28 -38.05 -33.92
CA ASN B 478 10.80 -37.23 -35.02
C ASN B 478 10.07 -35.96 -34.59
N TRP B 479 9.58 -35.19 -35.56
CA TRP B 479 8.95 -33.92 -35.28
C TRP B 479 7.92 -34.08 -34.19
N HIS B 480 7.17 -35.18 -34.26
CA HIS B 480 6.07 -35.45 -33.33
C HIS B 480 6.54 -35.63 -31.87
N HIS B 481 7.72 -36.19 -31.69
CA HIS B 481 8.28 -36.28 -30.35
C HIS B 481 8.66 -34.88 -29.87
N GLY B 482 9.16 -34.06 -30.79
CA GLY B 482 9.59 -32.72 -30.50
C GLY B 482 8.43 -31.86 -30.02
N VAL B 483 7.30 -31.93 -30.71
CA VAL B 483 6.11 -31.22 -30.23
C VAL B 483 5.74 -31.70 -28.83
N GLN B 484 5.62 -33.01 -28.65
CA GLN B 484 5.31 -33.61 -27.35
C GLN B 484 6.22 -33.12 -26.24
N ARG B 485 7.53 -33.10 -26.48
CA ARG B 485 8.46 -32.61 -25.46
C ARG B 485 8.20 -31.13 -25.16
N LEU B 486 7.87 -30.38 -26.21
CA LEU B 486 7.56 -28.97 -26.05
C LEU B 486 6.36 -28.72 -25.15
N VAL B 487 5.24 -29.36 -25.48
CA VAL B 487 4.00 -29.18 -24.70
C VAL B 487 4.26 -29.46 -23.23
N ARG B 488 5.03 -30.51 -22.95
CA ARG B 488 5.37 -30.89 -21.60
C ARG B 488 6.18 -29.79 -20.91
N ASP B 489 7.25 -29.31 -21.57
CA ASP B 489 8.06 -28.21 -21.05
C ASP B 489 7.19 -26.96 -20.83
N LEU B 490 6.34 -26.66 -21.79
CA LEU B 490 5.39 -25.55 -21.64
C LEU B 490 4.58 -25.66 -20.35
N ASN B 491 3.99 -26.82 -20.10
CA ASN B 491 3.25 -27.04 -18.85
C ASN B 491 4.13 -26.92 -17.61
N LEU B 492 5.32 -27.52 -17.64
CA LEU B 492 6.18 -27.45 -16.45
C LEU B 492 6.72 -26.01 -16.18
N THR B 493 7.00 -25.26 -17.23
CA THR B 493 7.52 -23.89 -17.08
C THR B 493 6.40 -22.94 -16.68
N TYR B 494 5.23 -23.14 -17.28
CA TYR B 494 4.04 -22.36 -16.97
C TYR B 494 3.58 -22.56 -15.52
N ARG B 495 3.73 -23.77 -14.99
CA ARG B 495 3.29 -24.03 -13.62
C ARG B 495 4.27 -23.51 -12.56
N HIS B 496 5.57 -23.58 -12.84
CA HIS B 496 6.63 -23.16 -11.93
C HIS B 496 6.73 -21.62 -11.71
N HIS B 497 6.39 -20.82 -12.71
CA HIS B 497 6.52 -19.35 -12.64
C HIS B 497 5.18 -18.62 -12.44
N LYS B 498 4.97 -18.06 -11.25
CA LYS B 498 3.78 -17.28 -10.98
C LYS B 498 3.41 -16.27 -12.06
N ALA B 499 4.40 -15.55 -12.56
CA ALA B 499 4.19 -14.55 -13.60
C ALA B 499 3.32 -15.04 -14.79
N MET B 500 3.51 -16.29 -15.23
CA MET B 500 2.71 -16.83 -16.34
C MET B 500 1.28 -17.20 -15.99
N HIS B 501 0.87 -17.12 -14.74
CA HIS B 501 -0.51 -17.54 -14.45
C HIS B 501 -1.19 -16.81 -13.31
N GLU B 502 -0.41 -16.11 -12.49
CA GLU B 502 -0.99 -15.55 -11.30
C GLU B 502 -1.93 -14.38 -11.58
N LEU B 503 -1.66 -13.65 -12.65
CA LEU B 503 -2.45 -12.44 -12.95
C LEU B 503 -3.03 -12.43 -14.36
N ASP B 504 -3.65 -13.52 -14.80
CA ASP B 504 -4.32 -13.54 -16.10
C ASP B 504 -5.42 -12.47 -16.21
N PHE B 505 -6.08 -12.15 -15.10
CA PHE B 505 -7.33 -11.39 -15.12
C PHE B 505 -7.23 -9.96 -14.55
N ASP B 506 -6.00 -9.54 -14.29
CA ASP B 506 -5.67 -8.20 -13.79
C ASP B 506 -4.85 -7.50 -14.89
N PRO B 507 -5.22 -6.26 -15.25
CA PRO B 507 -4.43 -5.58 -16.28
C PRO B 507 -2.94 -5.49 -15.95
N TYR B 508 -2.60 -5.52 -14.66
CA TYR B 508 -1.20 -5.49 -14.23
C TYR B 508 -0.37 -6.71 -14.68
N GLY B 509 -1.02 -7.82 -15.00
CA GLY B 509 -0.30 -9.04 -15.36
C GLY B 509 0.16 -9.12 -16.80
N PHE B 510 -0.15 -8.10 -17.61
CA PHE B 510 0.24 -8.11 -19.01
C PHE B 510 0.60 -6.72 -19.51
N GLU B 511 1.69 -6.59 -20.26
CA GLU B 511 2.09 -5.34 -20.86
C GLU B 511 2.85 -5.58 -22.18
N TRP B 512 2.46 -4.88 -23.23
CA TRP B 512 3.20 -4.86 -24.48
C TRP B 512 4.58 -4.18 -24.39
N LEU B 513 5.55 -4.74 -25.10
CA LEU B 513 6.85 -4.08 -25.29
C LEU B 513 7.04 -3.70 -26.76
N VAL B 514 6.65 -4.62 -27.66
CA VAL B 514 6.59 -4.34 -29.08
C VAL B 514 5.25 -4.86 -29.65
N VAL B 515 4.33 -3.94 -29.93
CA VAL B 515 2.97 -4.26 -30.34
C VAL B 515 2.73 -3.81 -31.78
N ASP B 516 3.68 -3.07 -32.36
CA ASP B 516 3.47 -2.46 -33.67
C ASP B 516 4.52 -2.73 -34.76
N ASP B 517 5.37 -3.74 -34.55
CA ASP B 517 6.32 -4.17 -35.56
C ASP B 517 5.62 -5.11 -36.55
N LYS B 518 4.88 -4.54 -37.49
CA LYS B 518 4.13 -5.32 -38.48
C LYS B 518 4.96 -5.96 -39.60
N GLU B 519 5.86 -5.20 -40.23
CA GLU B 519 6.67 -5.74 -41.33
C GLU B 519 7.39 -7.06 -40.98
N ARG B 520 7.95 -7.12 -39.77
CA ARG B 520 8.73 -8.29 -39.38
C ARG B 520 7.93 -9.35 -38.64
N SER B 521 6.65 -9.09 -38.41
CA SER B 521 5.80 -9.98 -37.61
C SER B 521 6.47 -10.40 -36.31
N VAL B 522 6.91 -9.41 -35.54
CA VAL B 522 7.44 -9.68 -34.21
C VAL B 522 6.56 -9.05 -33.14
N LEU B 523 6.20 -9.85 -32.16
CA LEU B 523 5.42 -9.33 -31.05
C LEU B 523 6.14 -9.69 -29.76
N ILE B 524 6.26 -8.70 -28.88
CA ILE B 524 6.94 -8.88 -27.61
C ILE B 524 6.10 -8.31 -26.50
N PHE B 525 5.84 -9.12 -25.48
CA PHE B 525 5.15 -8.67 -24.29
C PHE B 525 5.77 -9.25 -23.04
N VAL B 526 5.28 -8.75 -21.91
CA VAL B 526 5.83 -9.10 -20.60
C VAL B 526 4.68 -9.65 -19.76
N ARG B 527 4.92 -10.74 -19.03
CA ARG B 527 3.95 -11.22 -18.04
C ARG B 527 4.47 -10.93 -16.63
N ARG B 528 3.56 -10.56 -15.71
CA ARG B 528 3.96 -10.18 -14.35
C ARG B 528 3.18 -10.88 -13.22
N ASP B 529 3.89 -11.21 -12.14
CA ASP B 529 3.27 -11.72 -10.92
C ASP B 529 2.97 -10.62 -9.88
N LYS B 530 2.24 -10.99 -8.83
CA LYS B 530 1.91 -10.07 -7.75
C LYS B 530 3.11 -9.38 -7.11
N GLU B 531 4.28 -10.02 -7.14
CA GLU B 531 5.52 -9.47 -6.57
C GLU B 531 6.28 -8.60 -7.58
N GLY B 532 5.71 -8.41 -8.76
CA GLY B 532 6.31 -7.54 -9.77
C GLY B 532 7.26 -8.20 -10.74
N ASN B 533 7.57 -9.48 -10.54
CA ASN B 533 8.45 -10.15 -11.48
C ASN B 533 7.87 -10.21 -12.90
N GLU B 534 8.72 -10.03 -13.90
CA GLU B 534 8.25 -10.13 -15.27
C GLU B 534 9.07 -11.10 -16.10
N ILE B 535 8.38 -11.89 -16.91
CA ILE B 535 9.11 -12.67 -17.91
C ILE B 535 8.77 -12.12 -19.30
N ILE B 536 9.80 -11.93 -20.11
CA ILE B 536 9.58 -11.40 -21.43
C ILE B 536 9.25 -12.53 -22.39
N VAL B 537 8.22 -12.30 -23.19
CA VAL B 537 7.79 -13.26 -24.19
C VAL B 537 7.92 -12.62 -25.57
N ALA B 538 8.77 -13.19 -26.41
CA ALA B 538 9.01 -12.66 -27.75
C ALA B 538 8.78 -13.71 -28.83
N SER B 539 7.94 -13.36 -29.81
CA SER B 539 7.56 -14.27 -30.89
C SER B 539 7.93 -13.68 -32.25
N ASN B 540 8.41 -14.53 -33.14
CA ASN B 540 8.84 -14.14 -34.47
C ASN B 540 8.13 -15.06 -35.47
N PHE B 541 7.18 -14.51 -36.24
CA PHE B 541 6.28 -15.33 -37.06
C PHE B 541 6.67 -15.38 -38.52
N THR B 542 7.97 -15.17 -38.74
CA THR B 542 8.58 -15.18 -40.05
C THR B 542 9.71 -16.21 -40.01
N PRO B 543 10.09 -16.78 -41.16
CA PRO B 543 11.22 -17.70 -41.23
C PRO B 543 12.56 -16.97 -41.31
N VAL B 544 12.55 -15.66 -41.13
CA VAL B 544 13.78 -14.89 -41.12
C VAL B 544 14.26 -14.74 -39.68
N PRO B 545 15.47 -15.25 -39.39
CA PRO B 545 15.99 -14.99 -38.05
C PRO B 545 16.40 -13.53 -37.90
N ARG B 546 16.10 -12.93 -36.75
CA ARG B 546 16.44 -11.53 -36.51
C ARG B 546 17.57 -11.44 -35.50
N HIS B 547 18.67 -10.81 -35.90
CA HIS B 547 19.82 -10.57 -35.03
C HIS B 547 19.87 -9.12 -34.61
N ASP B 548 20.48 -8.86 -33.45
CA ASP B 548 20.59 -7.52 -32.88
C ASP B 548 19.24 -6.82 -32.87
N TYR B 549 18.18 -7.55 -32.54
CA TYR B 549 16.87 -6.95 -32.43
C TYR B 549 16.83 -6.24 -31.06
N ARG B 550 16.63 -4.92 -31.08
CA ARG B 550 16.65 -4.12 -29.86
C ARG B 550 15.25 -3.64 -29.49
N PHE B 551 14.90 -3.81 -28.22
CA PHE B 551 13.61 -3.34 -27.73
C PHE B 551 13.70 -2.94 -26.26
N GLY B 552 12.82 -2.05 -25.84
CA GLY B 552 12.90 -1.46 -24.53
C GLY B 552 12.29 -2.38 -23.51
N ILE B 553 12.80 -2.31 -22.29
CA ILE B 553 12.32 -3.14 -21.20
C ILE B 553 12.04 -2.27 -19.98
N ASN B 554 11.60 -2.90 -18.90
CA ASN B 554 11.23 -2.16 -17.71
C ASN B 554 12.26 -2.37 -16.62
N GLN B 555 12.79 -3.59 -16.52
CA GLN B 555 13.71 -3.91 -15.45
C GLN B 555 15.12 -4.19 -15.97
N PRO B 556 16.08 -3.32 -15.64
CA PRO B 556 17.44 -3.60 -16.07
C PRO B 556 18.03 -4.84 -15.38
N GLY B 557 19.12 -5.36 -15.95
CA GLY B 557 19.81 -6.51 -15.38
C GLY B 557 20.16 -7.62 -16.35
N LYS B 558 20.29 -8.82 -15.80
CA LYS B 558 20.71 -10.02 -16.54
C LYS B 558 19.51 -10.89 -16.92
N TRP B 559 19.37 -11.19 -18.21
CA TRP B 559 18.25 -11.96 -18.72
C TRP B 559 18.71 -13.20 -19.45
N ARG B 560 18.09 -14.33 -19.15
CA ARG B 560 18.46 -15.64 -19.68
C ARG B 560 17.20 -16.36 -20.28
N GLU B 561 17.37 -17.21 -21.29
CA GLU B 561 16.23 -17.97 -21.88
C GLU B 561 15.71 -19.10 -20.99
N ILE B 562 14.42 -19.14 -20.71
CA ILE B 562 13.88 -20.31 -20.00
C ILE B 562 13.00 -21.24 -20.85
N LEU B 563 12.74 -20.85 -22.10
CA LEU B 563 11.97 -21.61 -23.06
C LEU B 563 12.28 -21.12 -24.48
N ASN B 564 12.73 -22.03 -25.35
CA ASN B 564 13.01 -21.71 -26.75
C ASN B 564 12.33 -22.74 -27.64
N THR B 565 11.29 -22.36 -28.38
CA THR B 565 10.56 -23.37 -29.18
C THR B 565 11.34 -23.76 -30.47
N ASP B 566 12.50 -23.13 -30.67
CA ASP B 566 13.39 -23.45 -31.78
C ASP B 566 14.63 -24.24 -31.37
N SER B 567 14.65 -24.75 -30.15
CA SER B 567 15.72 -25.63 -29.69
C SER B 567 15.77 -26.95 -30.50
N MET B 568 16.96 -27.52 -30.66
CA MET B 568 17.06 -28.78 -31.39
C MET B 568 16.47 -29.90 -30.58
N HIS B 569 16.14 -29.60 -29.31
N HIS B 569 16.14 -29.61 -29.31
CA HIS B 569 15.50 -30.55 -28.40
CA HIS B 569 15.52 -30.59 -28.44
C HIS B 569 14.08 -30.84 -28.87
C HIS B 569 14.09 -30.85 -28.88
N TYR B 570 13.57 -29.95 -29.72
CA TYR B 570 12.24 -30.08 -30.30
C TYR B 570 12.36 -30.21 -31.81
N HIS B 571 13.59 -30.40 -32.28
CA HIS B 571 13.90 -30.45 -33.71
C HIS B 571 13.88 -29.09 -34.40
N GLY B 572 14.27 -28.05 -33.66
CA GLY B 572 14.41 -26.73 -34.23
C GLY B 572 15.81 -26.55 -34.81
N SER B 573 16.08 -25.36 -35.33
CA SER B 573 17.37 -25.04 -35.89
C SER B 573 18.40 -24.76 -34.80
N ASN B 574 17.92 -24.62 -33.57
CA ASN B 574 18.76 -24.33 -32.40
C ASN B 574 19.35 -22.91 -32.33
N ALA B 575 18.62 -21.93 -32.83
CA ALA B 575 19.09 -20.57 -32.76
C ALA B 575 18.63 -19.93 -31.44
N GLY B 576 19.49 -19.14 -30.81
CA GLY B 576 19.10 -18.36 -29.64
C GLY B 576 20.18 -17.41 -29.17
N ASN B 577 20.21 -17.16 -27.86
CA ASN B 577 21.12 -16.15 -27.33
C ASN B 577 22.40 -16.68 -26.68
N GLY B 578 22.44 -18.00 -26.46
CA GLY B 578 23.58 -18.62 -25.82
C GLY B 578 23.24 -18.69 -24.36
N GLY B 579 23.73 -17.71 -23.61
CA GLY B 579 23.36 -17.58 -22.21
C GLY B 579 22.86 -16.18 -21.87
N THR B 580 23.36 -15.63 -20.77
CA THR B 580 22.84 -14.36 -20.24
C THR B 580 23.11 -13.19 -21.17
N VAL B 581 22.07 -12.41 -21.42
CA VAL B 581 22.24 -11.13 -22.08
C VAL B 581 22.02 -10.03 -21.04
N HIS B 582 22.98 -9.11 -20.92
CA HIS B 582 22.82 -7.98 -20.01
C HIS B 582 22.11 -6.87 -20.77
N SER B 583 21.28 -6.11 -20.06
CA SER B 583 20.57 -4.98 -20.63
C SER B 583 21.52 -3.79 -20.86
N ASP B 584 21.12 -2.87 -21.75
CA ASP B 584 21.89 -1.66 -22.00
C ASP B 584 21.11 -0.44 -21.55
N GLU B 585 21.80 0.63 -21.18
CA GLU B 585 21.15 1.92 -20.99
C GLU B 585 21.09 2.70 -22.31
N ILE B 586 20.24 2.23 -23.22
CA ILE B 586 20.06 2.81 -24.55
C ILE B 586 18.57 2.82 -24.82
N ALA B 587 17.99 4.01 -24.91
CA ALA B 587 16.55 4.18 -25.03
C ALA B 587 15.96 3.41 -26.22
N SER B 588 14.80 2.82 -26.01
CA SER B 588 14.08 2.10 -27.07
C SER B 588 12.58 2.08 -26.75
N HIS B 589 11.75 2.32 -27.76
CA HIS B 589 10.28 2.27 -27.61
C HIS B 589 9.76 3.02 -26.39
N GLY B 590 10.39 4.14 -26.09
CA GLY B 590 9.98 4.97 -24.96
C GLY B 590 10.48 4.49 -23.62
N ARG B 591 11.37 3.50 -23.61
CA ARG B 591 11.91 3.02 -22.36
C ARG B 591 13.38 3.36 -22.16
N GLN B 592 13.75 3.57 -20.90
CA GLN B 592 15.12 3.93 -20.50
C GLN B 592 16.14 2.83 -20.86
N HIS B 593 15.88 1.59 -20.43
CA HIS B 593 16.77 0.47 -20.73
C HIS B 593 16.27 -0.38 -21.90
N SER B 594 17.12 -1.27 -22.42
CA SER B 594 16.74 -2.10 -23.56
C SER B 594 17.57 -3.38 -23.69
N LEU B 595 17.01 -4.37 -24.36
CA LEU B 595 17.71 -5.62 -24.66
C LEU B 595 17.98 -5.70 -26.14
N SER B 596 19.08 -6.35 -26.51
CA SER B 596 19.34 -6.64 -27.91
C SER B 596 19.48 -8.15 -28.05
N LEU B 597 18.48 -8.80 -28.64
CA LEU B 597 18.46 -10.25 -28.72
C LEU B 597 18.36 -10.78 -30.14
N THR B 598 18.77 -12.03 -30.30
CA THR B 598 18.42 -12.84 -31.45
C THR B 598 17.00 -13.39 -31.27
N LEU B 599 16.18 -13.23 -32.29
CA LEU B 599 14.88 -13.88 -32.30
C LEU B 599 14.90 -14.97 -33.36
N PRO B 600 14.86 -16.24 -32.90
CA PRO B 600 14.86 -17.42 -33.75
C PRO B 600 13.71 -17.36 -34.76
N PRO B 601 13.91 -17.99 -35.93
CA PRO B 601 12.91 -18.00 -36.99
C PRO B 601 11.72 -18.88 -36.59
N LEU B 602 10.50 -18.40 -36.89
CA LEU B 602 9.28 -19.12 -36.52
C LEU B 602 9.43 -19.78 -35.15
N ALA B 603 9.58 -18.94 -34.12
CA ALA B 603 9.76 -19.40 -32.76
C ALA B 603 9.34 -18.36 -31.72
N THR B 604 9.14 -18.83 -30.49
CA THR B 604 8.77 -18.00 -29.37
C THR B 604 9.76 -18.31 -28.26
N ILE B 605 10.25 -17.28 -27.60
CA ILE B 605 11.16 -17.50 -26.48
C ILE B 605 10.60 -16.81 -25.24
N TRP B 606 10.81 -17.41 -24.08
CA TRP B 606 10.50 -16.72 -22.82
C TRP B 606 11.80 -16.44 -22.10
N LEU B 607 11.94 -15.21 -21.61
CA LEU B 607 13.14 -14.80 -20.88
C LEU B 607 12.82 -14.47 -19.43
N VAL B 608 13.68 -14.92 -18.53
CA VAL B 608 13.59 -14.59 -17.10
C VAL B 608 14.72 -13.65 -16.70
N ARG B 609 14.55 -12.94 -15.60
CA ARG B 609 15.59 -12.03 -15.12
C ARG B 609 16.35 -12.66 -13.97
N GLU B 610 17.68 -12.61 -14.02
CA GLU B 610 18.51 -13.20 -12.97
C GLU B 610 18.69 -12.29 -11.73
N ALA B 611 18.64 -12.90 -10.54
CA ALA B 611 18.94 -12.16 -9.31
C ALA B 611 20.37 -11.61 -9.30
N GLU B 612 20.55 -10.45 -8.67
CA GLU B 612 21.88 -9.90 -8.42
C GLU B 612 22.46 -10.40 -7.08
N HIS C 2 -25.21 49.39 36.21
CA HIS C 2 -26.38 49.65 35.31
C HIS C 2 -26.27 48.91 33.98
N LEU C 3 -25.13 49.05 33.31
CA LEU C 3 -24.95 48.41 32.02
C LEU C 3 -24.66 46.93 32.13
N ARG C 4 -24.06 46.51 33.24
CA ARG C 4 -23.68 45.11 33.44
C ARG C 4 -24.24 44.57 34.78
N PRO C 5 -25.58 44.40 34.84
CA PRO C 5 -26.23 43.95 36.08
C PRO C 5 -25.73 42.58 36.56
N TYR C 6 -25.13 41.81 35.66
CA TYR C 6 -24.63 40.46 35.99
C TYR C 6 -23.42 40.47 36.90
N GLU C 7 -22.76 41.60 37.03
CA GLU C 7 -21.61 41.74 37.92
C GLU C 7 -22.03 41.96 39.37
N THR C 8 -23.32 42.20 39.61
CA THR C 8 -23.85 42.28 40.99
C THR C 8 -25.05 41.37 41.30
N LEU C 9 -26.00 41.27 40.38
CA LEU C 9 -27.15 40.37 40.55
C LEU C 9 -26.81 38.88 40.32
N GLY C 10 -27.61 38.00 40.91
CA GLY C 10 -27.30 36.58 40.94
C GLY C 10 -26.42 36.22 42.14
N ALA C 11 -25.63 35.16 42.01
CA ALA C 11 -24.82 34.65 43.12
C ALA C 11 -23.32 34.82 42.89
N HIS C 12 -22.65 35.51 43.81
CA HIS C 12 -21.25 35.88 43.67
C HIS C 12 -20.46 35.64 44.96
N ALA C 13 -19.21 35.20 44.85
CA ALA C 13 -18.35 35.04 46.04
C ALA C 13 -18.16 36.39 46.74
N ASP C 14 -18.18 36.38 48.07
CA ASP C 14 -18.09 37.63 48.81
C ASP C 14 -17.48 37.36 50.17
N THR C 15 -17.00 38.43 50.80
CA THR C 15 -16.30 38.35 52.08
C THR C 15 -16.82 39.43 53.01
N MET C 16 -17.36 39.02 54.16
CA MET C 16 -17.83 39.98 55.15
C MET C 16 -17.01 39.89 56.44
N ASP C 17 -15.99 40.74 56.56
CA ASP C 17 -15.11 40.76 57.75
C ASP C 17 -14.38 39.44 58.00
N GLY C 18 -13.60 39.00 57.01
CA GLY C 18 -12.88 37.72 57.09
C GLY C 18 -13.77 36.50 56.90
N VAL C 19 -15.06 36.72 56.66
CA VAL C 19 -16.02 35.63 56.51
C VAL C 19 -16.36 35.44 55.04
N THR C 20 -15.86 34.35 54.44
CA THR C 20 -16.17 34.09 53.04
C THR C 20 -17.43 33.27 52.88
N GLY C 21 -18.01 33.36 51.68
CA GLY C 21 -19.26 32.73 51.37
C GLY C 21 -19.82 33.39 50.13
N THR C 22 -21.14 33.29 49.96
CA THR C 22 -21.80 33.72 48.72
C THR C 22 -22.90 34.75 48.97
N ARG C 23 -22.91 35.82 48.20
CA ARG C 23 -23.96 36.81 48.25
C ARG C 23 -24.99 36.52 47.19
N PHE C 24 -26.27 36.56 47.58
CA PHE C 24 -27.39 36.34 46.68
C PHE C 24 -28.22 37.61 46.45
N SER C 25 -28.65 37.83 45.21
CA SER C 25 -29.33 39.06 44.82
C SER C 25 -30.31 38.75 43.72
N VAL C 26 -31.57 39.16 43.91
CA VAL C 26 -32.58 38.93 42.89
C VAL C 26 -33.64 40.03 42.91
N TRP C 27 -34.02 40.47 41.72
CA TRP C 27 -34.98 41.55 41.55
C TRP C 27 -36.43 41.01 41.60
N ALA C 28 -37.17 41.39 42.65
CA ALA C 28 -38.56 40.97 42.80
C ALA C 28 -39.34 41.97 43.67
N PRO C 29 -39.66 43.14 43.08
CA PRO C 29 -40.27 44.26 43.79
C PRO C 29 -41.57 43.90 44.52
N ASN C 30 -42.35 42.99 43.96
CA ASN C 30 -43.69 42.70 44.53
C ASN C 30 -43.82 41.38 45.25
N ALA C 31 -42.73 40.66 45.41
CA ALA C 31 -42.81 39.41 46.12
C ALA C 31 -43.13 39.77 47.57
N ARG C 32 -43.71 38.84 48.32
CA ARG C 32 -44.00 39.14 49.71
C ARG C 32 -42.87 38.68 50.59
N ARG C 33 -42.23 37.57 50.17
CA ARG C 33 -41.18 36.91 50.92
C ARG C 33 -40.30 36.20 49.89
N VAL C 34 -38.99 36.19 50.12
CA VAL C 34 -38.08 35.39 49.29
C VAL C 34 -36.99 34.75 50.14
N SER C 35 -36.77 33.46 49.94
CA SER C 35 -35.60 32.77 50.52
C SER C 35 -34.66 32.18 49.47
N VAL C 36 -33.39 32.00 49.86
CA VAL C 36 -32.42 31.18 49.10
C VAL C 36 -32.44 29.76 49.65
N VAL C 37 -32.69 28.78 48.80
CA VAL C 37 -32.68 27.39 49.20
C VAL C 37 -31.75 26.59 48.30
N GLY C 38 -31.03 25.63 48.85
CA GLY C 38 -30.05 24.92 48.07
C GLY C 38 -29.41 23.80 48.87
N GLN C 39 -28.28 23.30 48.37
CA GLN C 39 -27.59 22.16 48.99
C GLN C 39 -27.01 22.48 50.37
N PHE C 40 -26.73 23.75 50.60
CA PHE C 40 -26.21 24.25 51.86
C PHE C 40 -27.32 24.36 52.93
N ASN C 41 -28.54 24.04 52.55
CA ASN C 41 -29.71 24.27 53.38
C ASN C 41 -30.53 23.05 53.60
N TYR C 42 -30.19 21.97 52.90
CA TYR C 42 -31.14 20.88 52.74
C TYR C 42 -32.46 21.43 52.16
N TRP C 43 -32.37 22.44 51.31
CA TRP C 43 -33.52 23.01 50.59
C TRP C 43 -34.63 23.51 51.50
N ASP C 44 -34.25 23.87 52.73
CA ASP C 44 -35.19 24.29 53.75
C ASP C 44 -35.53 25.74 53.60
N GLY C 45 -36.79 26.00 53.27
CA GLY C 45 -37.28 27.33 52.94
C GLY C 45 -37.29 28.38 54.05
N ARG C 46 -37.30 27.96 55.31
CA ARG C 46 -37.33 28.94 56.38
C ARG C 46 -35.97 29.20 57.08
N ARG C 47 -34.88 28.69 56.51
CA ARG C 47 -33.53 28.89 57.10
C ARG C 47 -32.84 30.20 56.71
N HIS C 48 -33.05 30.63 55.46
CA HIS C 48 -32.28 31.74 54.93
C HIS C 48 -33.16 32.72 54.18
N PRO C 49 -34.03 33.44 54.94
CA PRO C 49 -34.85 34.51 54.39
C PRO C 49 -33.97 35.69 54.01
N MET C 50 -34.33 36.40 52.94
CA MET C 50 -33.54 37.52 52.44
C MET C 50 -34.29 38.78 52.82
N ARG C 51 -33.62 39.92 52.65
CA ARG C 51 -34.21 41.22 52.97
C ARG C 51 -34.25 42.13 51.76
N LEU C 52 -35.41 42.76 51.60
CA LEU C 52 -35.69 43.61 50.46
C LEU C 52 -35.12 45.00 50.69
N ARG C 53 -34.30 45.46 49.75
CA ARG C 53 -33.92 46.87 49.74
C ARG C 53 -35.03 47.58 48.94
N LYS C 54 -35.82 48.39 49.64
CA LYS C 54 -37.02 48.98 49.05
C LYS C 54 -36.73 49.87 47.85
N GLU C 55 -35.57 50.52 47.80
CA GLU C 55 -35.29 51.48 46.72
C GLU C 55 -35.25 50.78 45.37
N SER C 56 -34.76 49.54 45.35
CA SER C 56 -34.47 48.92 44.07
C SER C 56 -35.37 47.75 43.73
N GLY C 57 -35.92 47.12 44.76
CA GLY C 57 -36.76 45.95 44.54
C GLY C 57 -35.91 44.70 44.52
N ILE C 58 -34.70 44.83 45.08
CA ILE C 58 -33.72 43.77 45.04
C ILE C 58 -33.67 43.09 46.41
N TRP C 59 -33.98 41.80 46.45
CA TRP C 59 -33.75 40.98 47.65
C TRP C 59 -32.26 40.55 47.72
N GLU C 60 -31.63 40.75 48.88
CA GLU C 60 -30.23 40.44 49.05
C GLU C 60 -29.96 39.58 50.29
N LEU C 61 -28.94 38.72 50.22
CA LEU C 61 -28.48 37.98 51.39
C LEU C 61 -27.08 37.35 51.26
N PHE C 62 -26.31 37.46 52.34
CA PHE C 62 -25.03 36.80 52.40
C PHE C 62 -25.16 35.52 53.19
N ILE C 63 -24.62 34.43 52.65
CA ILE C 63 -24.63 33.16 53.33
C ILE C 63 -23.18 32.71 53.51
N PRO C 64 -22.69 32.77 54.75
CA PRO C 64 -21.34 32.27 55.00
C PRO C 64 -21.28 30.79 54.64
N GLY C 65 -20.20 30.37 54.00
CA GLY C 65 -19.99 28.95 53.74
C GLY C 65 -20.55 28.40 52.44
N ALA C 66 -21.64 28.97 51.95
CA ALA C 66 -22.17 28.58 50.65
C ALA C 66 -21.10 28.89 49.60
N HIS C 67 -20.78 27.91 48.76
CA HIS C 67 -19.62 28.04 47.89
C HIS C 67 -19.87 27.50 46.48
N ASN C 68 -18.91 27.79 45.59
CA ASN C 68 -18.92 27.29 44.20
C ASN C 68 -19.20 25.80 44.12
N GLY C 69 -19.94 25.39 43.09
CA GLY C 69 -20.33 23.98 42.94
C GLY C 69 -21.69 23.60 43.53
N GLN C 70 -22.24 24.44 44.42
CA GLN C 70 -23.50 24.11 45.08
C GLN C 70 -24.76 24.54 44.30
N LEU C 71 -25.74 23.64 44.22
CA LEU C 71 -27.04 23.95 43.62
C LEU C 71 -27.96 24.80 44.52
N TYR C 72 -28.73 25.71 43.92
CA TYR C 72 -29.70 26.53 44.68
C TYR C 72 -30.84 27.05 43.82
N LYS C 73 -31.85 27.60 44.51
CA LYS C 73 -33.01 28.27 43.92
C LYS C 73 -33.51 29.31 44.92
N TYR C 74 -34.45 30.15 44.52
CA TYR C 74 -35.15 31.03 45.45
C TYR C 74 -36.54 30.49 45.73
N GLU C 75 -36.91 30.42 47.01
CA GLU C 75 -38.29 30.12 47.35
C GLU C 75 -39.01 31.43 47.63
N MET C 76 -40.07 31.71 46.91
CA MET C 76 -40.81 32.95 47.17
C MET C 76 -42.30 32.79 47.43
N ILE C 77 -42.82 33.68 48.25
CA ILE C 77 -44.26 33.93 48.31
C ILE C 77 -44.56 35.08 47.35
N ASP C 78 -45.24 34.74 46.23
CA ASP C 78 -45.89 35.67 45.28
C ASP C 78 -46.40 37.01 45.82
N ALA C 79 -46.64 37.92 44.90
CA ALA C 79 -47.49 39.10 45.16
C ALA C 79 -48.91 38.65 45.51
N ASN C 80 -49.30 37.49 45.01
CA ASN C 80 -50.62 36.89 45.30
C ASN C 80 -50.62 35.74 46.32
N GLY C 81 -49.70 35.75 47.29
CA GLY C 81 -49.69 34.69 48.30
C GLY C 81 -49.10 33.35 47.90
N ASN C 82 -48.90 33.11 46.61
CA ASN C 82 -48.47 31.80 46.11
C ASN C 82 -47.02 31.38 46.40
N LEU C 83 -46.85 30.13 46.83
CA LEU C 83 -45.52 29.55 47.06
C LEU C 83 -44.91 29.02 45.76
N ARG C 84 -43.76 29.59 45.38
CA ARG C 84 -43.12 29.24 44.12
C ARG C 84 -41.61 29.10 44.32
N LEU C 85 -41.03 28.08 43.68
CA LEU C 85 -39.59 27.92 43.66
C LEU C 85 -39.11 28.49 42.35
N LYS C 86 -38.07 29.32 42.37
CA LYS C 86 -37.61 29.96 41.14
C LYS C 86 -36.12 29.77 40.85
N SER C 87 -35.80 29.58 39.58
CA SER C 87 -34.44 29.67 39.10
C SER C 87 -34.01 31.13 39.03
N ASP C 88 -32.73 31.36 39.24
CA ASP C 88 -32.14 32.66 39.14
C ASP C 88 -32.08 33.02 37.67
N PRO C 89 -32.67 34.16 37.27
CA PRO C 89 -32.52 34.59 35.87
C PRO C 89 -31.07 34.87 35.48
N TYR C 90 -30.26 35.17 36.49
CA TYR C 90 -28.83 35.37 36.30
C TYR C 90 -27.99 34.15 36.62
N ALA C 91 -28.57 32.95 36.46
CA ALA C 91 -27.82 31.70 36.63
C ALA C 91 -26.69 31.60 35.61
N PHE C 92 -25.45 31.51 36.08
CA PHE C 92 -24.31 31.38 35.17
C PHE C 92 -24.01 29.92 34.77
N GLU C 93 -24.67 29.00 35.44
CA GLU C 93 -24.69 27.59 35.02
C GLU C 93 -25.93 26.96 35.62
N ALA C 94 -26.47 25.97 34.94
CA ALA C 94 -27.69 25.31 35.39
C ALA C 94 -27.47 23.80 35.38
N GLN C 95 -28.41 23.05 35.92
CA GLN C 95 -28.45 21.60 35.73
C GLN C 95 -28.77 21.37 34.24
N MET C 96 -28.52 20.19 33.66
CA MET C 96 -28.30 18.89 34.30
C MET C 96 -29.71 18.32 34.46
N ARG C 97 -30.44 18.33 33.35
CA ARG C 97 -31.89 18.21 33.35
C ARG C 97 -32.38 16.78 33.54
N PRO C 98 -33.72 16.60 33.59
CA PRO C 98 -34.69 17.67 33.36
C PRO C 98 -34.66 18.76 34.44
N GLU C 99 -33.93 18.49 35.52
CA GLU C 99 -33.84 19.39 36.66
C GLU C 99 -33.62 20.84 36.22
N THR C 100 -33.81 21.79 37.14
CA THR C 100 -33.82 23.21 36.77
C THR C 100 -33.10 24.14 37.75
N ALA C 101 -32.46 23.57 38.77
CA ALA C 101 -31.74 24.40 39.75
C ALA C 101 -30.54 25.14 39.15
N SER C 102 -30.04 26.15 39.86
CA SER C 102 -28.92 26.96 39.40
C SER C 102 -27.68 26.64 40.23
N LEU C 103 -26.51 26.82 39.61
CA LEU C 103 -25.24 26.50 40.26
C LEU C 103 -24.53 27.81 40.63
N ILE C 104 -23.95 27.84 41.83
CA ILE C 104 -23.04 28.92 42.24
C ILE C 104 -21.71 28.72 41.54
N CYS C 105 -21.24 29.72 40.80
CA CYS C 105 -19.96 29.55 40.10
C CYS C 105 -19.29 30.89 39.74
N GLY C 106 -20.12 31.93 39.65
CA GLY C 106 -19.60 33.27 39.41
C GLY C 106 -19.27 33.51 37.95
N LEU C 107 -18.58 34.61 37.71
CA LEU C 107 -18.23 35.04 36.36
C LEU C 107 -16.89 34.47 35.94
N PRO C 108 -16.78 34.09 34.65
CA PRO C 108 -15.47 33.84 34.06
C PRO C 108 -14.64 35.13 34.05
N GLU C 109 -13.33 34.97 33.85
CA GLU C 109 -12.38 36.06 34.01
C GLU C 109 -12.63 37.32 33.18
N LYS C 110 -12.84 37.16 31.88
CA LYS C 110 -12.95 38.37 31.05
C LYS C 110 -11.89 38.46 29.95
N VAL C 111 -12.37 38.64 28.73
CA VAL C 111 -11.55 38.45 27.55
C VAL C 111 -11.42 39.74 26.76
N VAL C 112 -10.17 40.13 26.52
CA VAL C 112 -9.86 41.21 25.60
C VAL C 112 -10.00 40.71 24.17
N GLN C 113 -10.89 41.29 23.38
CA GLN C 113 -10.93 40.99 21.95
C GLN C 113 -9.67 41.53 21.27
N THR C 114 -9.00 40.69 20.48
CA THR C 114 -7.81 41.14 19.75
C THR C 114 -8.13 42.03 18.54
N GLU C 115 -7.16 42.86 18.15
CA GLU C 115 -7.30 43.68 16.97
C GLU C 115 -7.50 42.81 15.73
N GLU C 116 -6.89 41.62 15.73
CA GLU C 116 -7.02 40.69 14.61
C GLU C 116 -8.46 40.24 14.47
N ARG C 117 -9.09 39.89 15.58
CA ARG C 117 -10.48 39.47 15.53
C ARG C 117 -11.46 40.62 15.19
N LYS C 118 -11.15 41.85 15.63
CA LYS C 118 -11.95 43.03 15.27
C LYS C 118 -11.92 43.29 13.77
N LYS C 119 -10.73 43.14 13.19
CA LYS C 119 -10.52 43.38 11.79
C LYS C 119 -11.22 42.32 10.92
N ALA C 120 -11.30 41.08 11.42
CA ALA C 120 -11.96 40.01 10.66
C ALA C 120 -13.50 40.18 10.59
N ASN C 121 -14.04 41.19 11.28
CA ASN C 121 -15.49 41.46 11.26
C ASN C 121 -15.85 42.64 10.34
N GLN C 122 -14.84 43.38 9.86
CA GLN C 122 -15.11 44.67 9.22
C GLN C 122 -15.55 44.51 7.78
N PHE C 123 -16.15 45.58 7.22
CA PHE C 123 -16.76 45.51 5.90
C PHE C 123 -15.81 45.03 4.79
N ASP C 124 -14.54 45.42 4.88
CA ASP C 124 -13.57 45.05 3.83
C ASP C 124 -12.90 43.69 4.02
N ALA C 125 -13.33 42.91 5.01
CA ALA C 125 -12.74 41.62 5.28
C ALA C 125 -13.45 40.53 4.48
N PRO C 126 -12.75 39.41 4.21
CA PRO C 126 -13.52 38.27 3.68
C PRO C 126 -14.22 37.58 4.84
N ILE C 127 -15.54 37.43 4.77
CA ILE C 127 -16.28 36.75 5.82
C ILE C 127 -17.04 35.58 5.23
N SER C 128 -16.75 34.39 5.72
CA SER C 128 -17.40 33.20 5.24
C SER C 128 -17.81 32.38 6.45
N ILE C 129 -19.11 32.24 6.67
CA ILE C 129 -19.59 31.71 7.92
C ILE C 129 -20.07 30.27 7.77
N TYR C 130 -19.61 29.41 8.68
CA TYR C 130 -20.10 28.03 8.80
C TYR C 130 -21.12 27.99 9.95
N GLU C 131 -22.39 27.81 9.62
CA GLU C 131 -23.45 27.80 10.64
C GLU C 131 -23.67 26.39 11.22
N VAL C 132 -23.56 26.26 12.55
CA VAL C 132 -23.63 24.94 13.17
C VAL C 132 -24.57 24.84 14.38
N HIS C 133 -25.31 23.74 14.44
CA HIS C 133 -26.11 23.37 15.60
C HIS C 133 -25.32 22.33 16.38
N LEU C 134 -24.92 22.69 17.58
CA LEU C 134 -23.94 21.91 18.31
C LEU C 134 -24.45 20.50 18.66
N GLY C 135 -25.77 20.33 18.65
CA GLY C 135 -26.38 19.07 19.06
C GLY C 135 -26.53 18.04 17.95
N SER C 136 -26.33 18.45 16.70
CA SER C 136 -26.65 17.58 15.57
C SER C 136 -25.58 17.63 14.46
N TRP C 137 -24.47 18.30 14.75
CA TRP C 137 -23.32 18.33 13.82
C TRP C 137 -22.67 16.95 13.64
N ARG C 138 -22.24 16.34 14.74
CA ARG C 138 -21.79 14.94 14.78
C ARG C 138 -22.31 14.28 16.05
N ARG C 139 -22.22 12.94 16.09
CA ARG C 139 -22.63 12.17 17.27
C ARG C 139 -21.67 11.01 17.47
N HIS C 140 -21.66 10.45 18.68
CA HIS C 140 -20.92 9.22 18.91
C HIS C 140 -21.69 8.06 18.28
N THR C 141 -21.07 7.38 17.33
CA THR C 141 -21.75 6.32 16.57
C THR C 141 -22.25 5.18 17.48
N ASP C 142 -21.45 4.82 18.47
CA ASP C 142 -21.81 3.77 19.40
C ASP C 142 -23.21 3.95 20.00
N ASN C 143 -23.43 5.10 20.64
CA ASN C 143 -24.63 5.31 21.46
C ASN C 143 -25.55 6.44 20.98
N ASN C 144 -25.11 7.15 19.95
CA ASN C 144 -25.82 8.33 19.46
C ASN C 144 -25.74 9.54 20.41
N PHE C 145 -24.79 9.51 21.34
CA PHE C 145 -24.61 10.63 22.27
C PHE C 145 -24.01 11.87 21.61
N TRP C 146 -24.31 13.03 22.19
CA TRP C 146 -23.71 14.32 21.81
C TRP C 146 -22.19 14.31 21.98
N LEU C 147 -21.48 15.04 21.11
CA LEU C 147 -20.10 15.40 21.44
C LEU C 147 -20.15 16.42 22.58
N SER C 148 -19.14 16.41 23.45
CA SER C 148 -18.99 17.43 24.47
C SER C 148 -18.35 18.69 23.85
N TYR C 149 -18.31 19.80 24.60
CA TYR C 149 -17.67 21.03 24.11
C TYR C 149 -16.21 20.74 23.79
N ARG C 150 -15.58 19.90 24.61
CA ARG C 150 -14.17 19.53 24.41
C ARG C 150 -13.97 18.75 23.13
N GLU C 151 -14.78 17.72 22.91
CA GLU C 151 -14.74 16.99 21.67
C GLU C 151 -14.99 17.86 20.44
N LEU C 152 -15.84 18.88 20.57
CA LEU C 152 -16.14 19.83 19.49
C LEU C 152 -14.97 20.77 19.28
N ALA C 153 -14.26 21.08 20.36
CA ALA C 153 -13.01 21.83 20.23
C ALA C 153 -11.97 21.03 19.42
N ASP C 154 -11.97 19.71 19.59
CA ASP C 154 -10.99 18.85 18.94
C ASP C 154 -11.42 18.44 17.52
N GLN C 155 -12.69 18.64 17.17
CA GLN C 155 -13.21 18.15 15.87
C GLN C 155 -13.86 19.20 14.96
N LEU C 156 -14.76 20.02 15.52
CA LEU C 156 -15.41 21.03 14.71
C LEU C 156 -14.43 22.14 14.37
N VAL C 157 -13.69 22.60 15.35
CA VAL C 157 -12.79 23.73 15.09
C VAL C 157 -11.77 23.44 13.98
N PRO C 158 -10.99 22.35 14.09
CA PRO C 158 -10.04 21.99 13.00
C PRO C 158 -10.69 21.80 11.64
N TYR C 159 -11.88 21.20 11.61
CA TYR C 159 -12.68 21.04 10.39
C TYR C 159 -13.06 22.38 9.77
N ALA C 160 -13.57 23.32 10.56
CA ALA C 160 -13.95 24.64 9.99
C ALA C 160 -12.73 25.46 9.58
N LYS C 161 -11.61 25.27 10.27
CA LYS C 161 -10.37 25.92 9.89
C LYS C 161 -9.94 25.38 8.51
N TRP C 162 -9.80 24.06 8.44
CA TRP C 162 -9.40 23.37 7.22
C TRP C 162 -10.24 23.80 6.00
N MET C 163 -11.56 23.79 6.15
CA MET C 163 -12.50 24.09 5.06
C MET C 163 -12.42 25.56 4.64
N GLY C 164 -11.66 26.35 5.42
CA GLY C 164 -11.38 27.74 5.04
C GLY C 164 -12.40 28.79 5.48
N PHE C 165 -13.33 28.44 6.35
CA PHE C 165 -14.24 29.45 6.89
C PHE C 165 -13.46 30.38 7.83
N THR C 166 -13.90 31.63 7.94
CA THR C 166 -13.33 32.60 8.87
C THR C 166 -14.13 32.67 10.18
N HIS C 167 -15.38 32.26 10.11
CA HIS C 167 -16.30 32.41 11.24
C HIS C 167 -17.12 31.14 11.45
N LEU C 168 -17.37 30.89 12.71
CA LEU C 168 -18.25 29.85 13.14
C LEU C 168 -19.46 30.53 13.82
N GLU C 169 -20.66 30.28 13.31
CA GLU C 169 -21.89 30.78 13.95
C GLU C 169 -22.65 29.62 14.61
N LEU C 170 -22.85 29.75 15.92
CA LEU C 170 -23.59 28.78 16.70
C LEU C 170 -25.09 29.16 16.86
N LEU C 171 -25.97 28.21 16.52
CA LEU C 171 -27.37 28.30 16.95
C LEU C 171 -27.38 28.45 18.48
N PRO C 172 -28.44 29.05 19.03
CA PRO C 172 -28.34 29.53 20.41
C PRO C 172 -27.82 28.50 21.41
N ILE C 173 -26.85 28.87 22.23
CA ILE C 173 -26.38 27.92 23.23
C ILE C 173 -26.78 28.31 24.63
N ASN C 174 -27.63 29.33 24.74
CA ASN C 174 -28.29 29.62 26.01
C ASN C 174 -29.11 28.38 26.42
N GLU C 175 -29.20 28.09 27.71
CA GLU C 175 -29.87 26.86 28.17
C GLU C 175 -31.33 26.84 27.76
N HIS C 176 -31.81 25.65 27.39
CA HIS C 176 -33.16 25.49 26.88
C HIS C 176 -33.61 24.06 27.06
N PRO C 177 -34.88 23.85 27.44
CA PRO C 177 -35.27 22.50 27.83
C PRO C 177 -35.66 21.55 26.69
N PHE C 178 -36.02 22.06 25.52
CA PHE C 178 -36.46 21.16 24.45
C PHE C 178 -35.61 21.25 23.19
N ASP C 179 -34.95 20.14 22.83
CA ASP C 179 -34.04 20.13 21.70
C ASP C 179 -34.67 20.67 20.42
N GLY C 180 -35.97 20.38 20.24
CA GLY C 180 -36.69 20.66 19.00
C GLY C 180 -36.93 22.14 18.79
N SER C 181 -36.64 22.94 19.81
CA SER C 181 -36.68 24.39 19.68
C SER C 181 -35.39 24.91 19.04
N TRP C 182 -34.41 24.03 18.90
CA TRP C 182 -33.13 24.38 18.34
C TRP C 182 -32.35 25.41 19.17
N GLY C 183 -32.86 25.73 20.34
CA GLY C 183 -32.27 26.82 21.14
C GLY C 183 -33.08 28.12 21.14
N TYR C 184 -34.00 28.28 20.19
CA TYR C 184 -34.77 29.53 20.11
C TYR C 184 -35.84 29.75 21.20
N GLN C 185 -36.03 28.77 22.08
CA GLN C 185 -36.90 28.96 23.25
C GLN C 185 -36.13 28.74 24.53
N PRO C 186 -35.47 29.80 25.03
CA PRO C 186 -34.62 29.76 26.22
C PRO C 186 -35.36 29.63 27.55
N THR C 187 -34.64 29.22 28.59
CA THR C 187 -35.09 29.35 29.98
C THR C 187 -34.06 30.06 30.84
N GLY C 188 -32.83 30.15 30.34
CA GLY C 188 -31.72 30.79 31.05
C GLY C 188 -30.72 31.46 30.12
N LEU C 189 -30.90 32.77 29.91
CA LEU C 189 -30.06 33.58 29.02
C LEU C 189 -28.55 33.59 29.36
N TYR C 190 -28.20 33.41 30.63
CA TYR C 190 -26.83 33.62 31.05
C TYR C 190 -26.06 32.30 31.26
N ALA C 191 -26.73 31.17 31.05
CA ALA C 191 -26.10 29.86 31.20
C ALA C 191 -25.97 29.10 29.88
N PRO C 192 -24.74 28.77 29.48
CA PRO C 192 -24.54 27.90 28.29
C PRO C 192 -25.11 26.54 28.59
N THR C 193 -25.81 25.94 27.66
CA THR C 193 -26.44 24.65 27.93
C THR C 193 -25.46 23.61 28.54
N ARG C 194 -25.95 22.85 29.52
CA ARG C 194 -25.18 21.79 30.16
C ARG C 194 -25.13 20.55 29.25
N ARG C 195 -25.88 20.59 28.16
CA ARG C 195 -25.93 19.45 27.23
C ARG C 195 -24.53 18.92 26.89
N PHE C 196 -23.59 19.81 26.63
CA PHE C 196 -22.28 19.40 26.14
C PHE C 196 -21.12 19.58 27.14
N GLY C 197 -21.44 19.90 28.40
CA GLY C 197 -20.43 20.16 29.43
C GLY C 197 -20.69 21.42 30.25
N THR C 198 -19.72 21.82 31.05
CA THR C 198 -19.86 22.95 31.96
C THR C 198 -19.65 24.31 31.26
N ARG C 199 -19.79 25.43 31.96
CA ARG C 199 -19.58 26.71 31.29
C ARG C 199 -18.11 26.89 30.91
N ASP C 200 -17.23 26.30 31.72
CA ASP C 200 -15.81 26.36 31.48
C ASP C 200 -15.40 25.52 30.28
N ASP C 201 -16.12 24.41 30.05
CA ASP C 201 -15.93 23.64 28.84
C ASP C 201 -16.26 24.46 27.60
N PHE C 202 -17.36 25.22 27.66
CA PHE C 202 -17.76 26.06 26.55
C PHE C 202 -16.75 27.16 26.33
N ARG C 203 -16.16 27.66 27.42
CA ARG C 203 -15.13 28.68 27.27
C ARG C 203 -13.85 28.12 26.58
N TYR C 204 -13.53 26.87 26.89
CA TYR C 204 -12.39 26.22 26.29
C TYR C 204 -12.63 26.07 24.79
N PHE C 205 -13.87 25.72 24.43
CA PHE C 205 -14.27 25.65 23.03
C PHE C 205 -14.05 26.98 22.30
N ILE C 206 -14.54 28.09 22.86
CA ILE C 206 -14.30 29.42 22.23
C ILE C 206 -12.79 29.72 22.10
N ASP C 207 -12.06 29.59 23.20
CA ASP C 207 -10.58 29.69 23.19
C ASP C 207 -9.95 28.89 22.04
N ALA C 208 -10.38 27.63 21.89
CA ALA C 208 -9.87 26.79 20.81
C ALA C 208 -10.22 27.38 19.45
N ALA C 209 -11.45 27.88 19.28
CA ALA C 209 -11.80 28.55 18.04
C ALA C 209 -10.87 29.74 17.72
N HIS C 210 -10.67 30.62 18.70
CA HIS C 210 -9.76 31.77 18.51
C HIS C 210 -8.33 31.30 18.19
N ALA C 211 -7.87 30.23 18.86
CA ALA C 211 -6.48 29.79 18.73
C ALA C 211 -6.26 29.26 17.32
N ALA C 212 -7.34 28.88 16.65
CA ALA C 212 -7.26 28.41 15.27
C ALA C 212 -7.50 29.58 14.31
N GLY C 213 -7.62 30.78 14.85
CA GLY C 213 -7.88 31.91 13.99
C GLY C 213 -9.28 32.00 13.39
N LEU C 214 -10.28 31.43 14.06
CA LEU C 214 -11.69 31.65 13.65
C LEU C 214 -12.36 32.70 14.54
N ASN C 215 -13.33 33.45 14.00
CA ASN C 215 -14.23 34.23 14.84
C ASN C 215 -15.50 33.43 15.19
N VAL C 216 -16.06 33.69 16.36
CA VAL C 216 -17.31 33.03 16.73
C VAL C 216 -18.49 34.00 16.80
N ILE C 217 -19.52 33.73 15.99
CA ILE C 217 -20.78 34.43 16.09
C ILE C 217 -21.80 33.61 16.89
N LEU C 218 -22.49 34.26 17.83
CA LEU C 218 -23.46 33.54 18.62
C LEU C 218 -24.89 34.00 18.26
N ASP C 219 -25.78 33.06 17.95
CA ASP C 219 -27.21 33.39 17.81
C ASP C 219 -27.76 33.84 19.17
N TRP C 220 -28.17 35.09 19.25
CA TRP C 220 -28.61 35.67 20.51
C TRP C 220 -30.12 35.83 20.42
N VAL C 221 -30.83 35.67 21.54
CA VAL C 221 -32.29 35.58 21.50
C VAL C 221 -33.01 36.59 22.40
N PRO C 222 -32.82 37.89 22.16
CA PRO C 222 -33.55 38.83 23.00
C PRO C 222 -35.03 38.95 22.60
N GLY C 223 -35.45 38.26 21.55
CA GLY C 223 -36.80 38.38 21.01
C GLY C 223 -37.74 37.21 21.23
N HIS C 224 -37.30 36.19 21.96
CA HIS C 224 -38.18 35.10 22.32
C HIS C 224 -38.19 34.97 23.84
N PHE C 225 -39.19 35.60 24.44
CA PHE C 225 -39.52 35.45 25.85
C PHE C 225 -39.64 33.98 26.25
N PRO C 226 -39.12 33.63 27.43
CA PRO C 226 -39.20 32.25 27.93
C PRO C 226 -40.61 31.81 28.29
N THR C 227 -41.07 30.75 27.64
CA THR C 227 -42.43 30.25 27.85
C THR C 227 -42.45 28.87 28.52
N ASP C 228 -41.28 28.36 28.91
CA ASP C 228 -41.20 27.01 29.46
C ASP C 228 -40.79 26.95 30.93
N ASP C 229 -41.38 26.00 31.65
CA ASP C 229 -41.11 25.79 33.09
C ASP C 229 -41.32 27.05 33.96
N PHE C 230 -42.32 27.87 33.61
CA PHE C 230 -42.54 29.17 34.28
C PHE C 230 -41.24 29.91 34.62
N ALA C 231 -40.26 29.84 33.72
CA ALA C 231 -38.91 30.36 33.96
C ALA C 231 -38.82 31.84 34.32
N LEU C 232 -39.53 32.69 33.57
CA LEU C 232 -39.41 34.14 33.76
C LEU C 232 -40.77 34.84 33.87
N ALA C 233 -41.78 34.28 33.20
CA ALA C 233 -43.13 34.83 33.21
C ALA C 233 -43.64 35.05 34.63
N GLU C 234 -44.36 36.14 34.86
CA GLU C 234 -44.96 36.41 36.17
C GLU C 234 -43.95 36.27 37.30
N PHE C 235 -42.70 36.62 37.04
CA PHE C 235 -41.60 36.29 37.96
C PHE C 235 -41.91 36.46 39.45
N ASP C 236 -42.44 37.62 39.85
CA ASP C 236 -42.78 37.87 41.26
C ASP C 236 -44.28 37.83 41.55
N GLY C 237 -45.05 37.17 40.68
CA GLY C 237 -46.50 37.15 40.85
C GLY C 237 -47.18 38.19 39.97
N THR C 238 -46.43 39.18 39.50
CA THR C 238 -46.91 40.14 38.52
C THR C 238 -46.17 39.93 37.22
N ASN C 239 -46.54 40.70 36.20
CA ASN C 239 -45.83 40.72 34.95
C ASN C 239 -44.56 41.54 35.08
N LEU C 240 -43.53 40.95 35.65
CA LEU C 240 -42.29 41.67 35.95
C LEU C 240 -41.47 41.92 34.70
N TYR C 241 -41.24 40.85 33.94
CA TYR C 241 -40.33 40.88 32.80
C TYR C 241 -41.08 41.01 31.48
N GLU C 242 -42.29 40.48 31.44
CA GLU C 242 -43.07 40.40 30.21
C GLU C 242 -44.14 41.48 30.20
N HIS C 243 -44.54 41.94 29.02
CA HIS C 243 -45.75 42.77 28.92
C HIS C 243 -46.97 41.94 29.21
N SER C 244 -47.89 42.50 29.97
CA SER C 244 -49.18 41.86 30.23
C SER C 244 -50.03 41.83 28.97
N LEU C 257 -46.16 35.24 25.14
CA LEU C 257 -45.98 36.58 25.69
C LEU C 257 -44.62 37.19 25.25
N ILE C 258 -44.35 38.44 25.61
CA ILE C 258 -43.21 39.20 25.07
C ILE C 258 -42.57 40.13 26.11
N TYR C 259 -41.27 40.39 25.96
CA TYR C 259 -40.54 41.24 26.91
C TYR C 259 -41.08 42.65 27.00
N ASN C 260 -41.06 43.20 28.20
CA ASN C 260 -41.31 44.61 28.39
C ASN C 260 -40.01 45.38 28.16
N TYR C 261 -39.61 45.47 26.89
CA TYR C 261 -38.39 46.16 26.48
C TYR C 261 -38.23 47.55 27.11
N GLY C 262 -39.35 48.23 27.34
CA GLY C 262 -39.32 49.60 27.83
C GLY C 262 -38.99 49.80 29.31
N ARG C 263 -39.19 48.78 30.13
CA ARG C 263 -38.88 48.89 31.55
C ARG C 263 -37.35 48.84 31.73
N ARG C 264 -36.83 49.72 32.60
CA ARG C 264 -35.38 49.83 32.80
C ARG C 264 -34.65 48.51 33.11
N GLU C 265 -35.11 47.80 34.15
CA GLU C 265 -34.45 46.55 34.57
C GLU C 265 -34.55 45.44 33.52
N VAL C 266 -35.61 45.45 32.71
CA VAL C 266 -35.75 44.40 31.71
C VAL C 266 -34.75 44.65 30.58
N SER C 267 -34.59 45.92 30.24
CA SER C 267 -33.63 46.31 29.23
C SER C 267 -32.18 46.09 29.67
N ASN C 268 -31.88 46.33 30.93
CA ASN C 268 -30.54 46.10 31.45
C ASN C 268 -30.18 44.62 31.39
N PHE C 269 -31.10 43.81 31.88
CA PHE C 269 -31.08 42.37 31.78
C PHE C 269 -30.67 41.92 30.36
N LEU C 270 -31.31 42.49 29.34
CA LEU C 270 -31.05 42.07 27.95
C LEU C 270 -29.74 42.63 27.39
N VAL C 271 -29.52 43.93 27.53
CA VAL C 271 -28.31 44.56 27.05
C VAL C 271 -27.10 43.92 27.74
N GLY C 272 -27.23 43.77 29.06
CA GLY C 272 -26.19 43.13 29.87
C GLY C 272 -25.89 41.73 29.39
N ASN C 273 -26.90 41.02 28.91
CA ASN C 273 -26.65 39.67 28.44
C ASN C 273 -25.76 39.66 27.17
N ALA C 274 -25.90 40.68 26.33
CA ALA C 274 -25.04 40.85 25.16
C ALA C 274 -23.60 41.17 25.55
N LEU C 275 -23.44 42.09 26.50
CA LEU C 275 -22.13 42.45 27.00
C LEU C 275 -21.45 41.24 27.65
N TYR C 276 -22.26 40.36 28.21
CA TYR C 276 -21.77 39.23 28.98
C TYR C 276 -21.18 38.16 28.05
N TRP C 277 -21.89 37.83 26.97
CA TRP C 277 -21.34 36.87 26.04
C TRP C 277 -20.03 37.38 25.47
N ILE C 278 -20.04 38.64 25.05
CA ILE C 278 -18.89 39.24 24.40
C ILE C 278 -17.73 39.44 25.35
N GLU C 279 -18.01 39.84 26.58
CA GLU C 279 -16.94 40.19 27.53
C GLU C 279 -16.43 39.03 28.39
N ARG C 280 -17.34 38.13 28.75
CA ARG C 280 -16.97 37.04 29.64
C ARG C 280 -16.72 35.74 28.89
N PHE C 281 -17.08 35.65 27.62
CA PHE C 281 -16.82 34.43 26.86
C PHE C 281 -16.02 34.66 25.58
N GLY C 282 -15.78 35.93 25.27
CA GLY C 282 -15.01 36.25 24.09
C GLY C 282 -15.72 36.04 22.77
N ILE C 283 -17.04 35.96 22.77
CA ILE C 283 -17.70 35.84 21.48
C ILE C 283 -17.54 37.13 20.67
N ASP C 284 -17.47 37.00 19.36
CA ASP C 284 -17.00 38.08 18.49
C ASP C 284 -18.13 38.90 17.84
N ALA C 285 -19.34 38.34 17.85
CA ALA C 285 -20.44 38.87 17.07
C ALA C 285 -21.76 38.25 17.54
N LEU C 286 -22.83 39.03 17.47
CA LEU C 286 -24.16 38.55 17.83
C LEU C 286 -25.08 38.66 16.64
N ARG C 287 -25.90 37.62 16.47
CA ARG C 287 -26.86 37.61 15.42
C ARG C 287 -28.29 37.54 16.04
N VAL C 288 -29.15 38.50 15.69
CA VAL C 288 -30.55 38.50 16.16
C VAL C 288 -31.51 37.94 15.11
N ASP C 289 -32.14 36.81 15.43
CA ASP C 289 -33.11 36.18 14.53
C ASP C 289 -34.46 36.89 14.60
N ALA C 290 -35.28 36.69 13.57
CA ALA C 290 -36.69 37.07 13.62
C ALA C 290 -36.91 38.45 14.23
N VAL C 291 -36.29 39.46 13.63
CA VAL C 291 -36.43 40.85 14.07
C VAL C 291 -37.85 41.36 13.79
N ALA C 292 -38.49 40.80 12.76
CA ALA C 292 -39.82 41.22 12.36
C ALA C 292 -40.79 40.99 13.50
N SER C 293 -40.67 39.82 14.11
CA SER C 293 -41.51 39.40 15.22
C SER C 293 -41.29 40.22 16.49
N MET C 294 -40.22 41.02 16.52
CA MET C 294 -40.00 41.95 17.62
C MET C 294 -40.59 43.32 17.31
N ILE C 295 -40.65 43.66 16.01
CA ILE C 295 -40.99 45.02 15.61
C ILE C 295 -42.42 45.19 15.08
N TYR C 296 -43.16 44.09 14.94
CA TYR C 296 -44.56 44.12 14.50
C TYR C 296 -45.53 43.36 15.42
N ARG C 297 -46.58 44.04 15.87
CA ARG C 297 -47.70 43.39 16.60
C ARG C 297 -48.16 42.12 15.87
N ASP C 298 -47.85 42.08 14.57
CA ASP C 298 -48.18 40.97 13.67
C ASP C 298 -49.54 41.21 13.03
N ASN C 309 -51.51 49.41 18.46
CA ASN C 309 -51.52 50.13 17.20
C ASN C 309 -51.38 51.65 17.45
N GLU C 310 -50.72 51.99 18.55
CA GLU C 310 -50.40 53.36 18.96
C GLU C 310 -51.05 54.52 18.19
N PHE C 311 -50.29 55.16 17.32
CA PHE C 311 -50.74 56.41 16.71
C PHE C 311 -50.25 56.61 15.29
N GLY C 312 -50.81 55.86 14.35
CA GLY C 312 -51.87 54.89 14.60
C GLY C 312 -51.57 53.75 13.66
N GLY C 313 -51.77 52.52 14.11
CA GLY C 313 -51.08 51.39 13.48
C GLY C 313 -49.63 51.39 13.96
N ARG C 314 -48.90 50.29 13.87
CA ARG C 314 -49.32 48.99 13.36
C ARG C 314 -48.09 48.08 13.50
N GLU C 315 -47.08 48.62 14.19
CA GLU C 315 -45.91 47.89 14.66
C GLU C 315 -45.45 48.40 16.05
N ASN C 316 -44.23 48.05 16.48
CA ASN C 316 -43.84 48.20 17.91
C ASN C 316 -42.68 49.16 18.25
N LEU C 317 -43.00 50.31 18.84
CA LEU C 317 -42.02 51.36 19.11
C LEU C 317 -41.02 51.08 20.23
N GLU C 318 -41.39 50.28 21.22
CA GLU C 318 -40.46 49.95 22.31
C GLU C 318 -39.34 49.02 21.83
N ALA C 319 -39.70 48.08 20.96
CA ALA C 319 -38.74 47.13 20.40
C ALA C 319 -37.73 47.87 19.52
N ILE C 320 -38.22 48.69 18.61
CA ILE C 320 -37.38 49.48 17.73
C ILE C 320 -36.37 50.30 18.54
N GLU C 321 -36.86 50.98 19.59
CA GLU C 321 -35.97 51.75 20.46
C GLU C 321 -34.96 50.85 21.15
N PHE C 322 -35.41 49.70 21.66
CA PHE C 322 -34.53 48.75 22.35
C PHE C 322 -33.42 48.22 21.43
N LEU C 323 -33.76 47.87 20.19
CA LEU C 323 -32.76 47.39 19.25
C LEU C 323 -31.78 48.49 18.88
N ARG C 324 -32.28 49.72 18.82
CA ARG C 324 -31.45 50.89 18.55
C ARG C 324 -30.46 51.16 19.68
N ASN C 325 -30.96 51.25 20.91
CA ASN C 325 -30.10 51.51 22.07
C ASN C 325 -29.01 50.43 22.20
N THR C 326 -29.42 49.18 22.01
CA THR C 326 -28.59 48.01 22.15
C THR C 326 -27.36 48.06 21.22
N ASN C 327 -27.61 48.47 19.98
CA ASN C 327 -26.54 48.67 19.01
C ASN C 327 -25.69 49.88 19.35
N ARG C 328 -26.31 50.94 19.87
CA ARG C 328 -25.57 52.10 20.29
C ARG C 328 -24.59 51.72 21.42
N ILE C 329 -25.08 50.95 22.40
CA ILE C 329 -24.29 50.59 23.56
C ILE C 329 -23.08 49.71 23.19
N LEU C 330 -23.33 48.66 22.41
CA LEU C 330 -22.32 47.72 21.95
C LEU C 330 -21.22 48.45 21.14
N GLY C 331 -21.66 49.37 20.29
CA GLY C 331 -20.73 50.20 19.53
C GLY C 331 -19.78 51.00 20.41
N GLU C 332 -20.20 51.32 21.62
CA GLU C 332 -19.37 52.13 22.52
C GLU C 332 -18.59 51.26 23.51
N GLN C 333 -19.21 50.20 23.98
CA GLN C 333 -18.64 49.39 25.06
C GLN C 333 -17.67 48.33 24.55
N VAL C 334 -17.99 47.75 23.39
CA VAL C 334 -17.26 46.65 22.81
C VAL C 334 -17.12 46.85 21.31
N SER C 335 -16.42 47.93 20.95
CA SER C 335 -16.20 48.26 19.56
C SER C 335 -15.30 47.22 18.87
N GLY C 336 -15.70 46.83 17.67
CA GLY C 336 -15.04 45.74 16.97
C GLY C 336 -15.93 44.51 16.89
N ALA C 337 -16.78 44.34 17.89
CA ALA C 337 -17.72 43.21 17.92
C ALA C 337 -19.01 43.66 17.30
N VAL C 338 -19.37 43.05 16.18
CA VAL C 338 -20.49 43.50 15.35
C VAL C 338 -21.78 42.71 15.62
N THR C 339 -22.91 43.18 15.07
CA THR C 339 -24.23 42.56 15.21
C THR C 339 -24.90 42.30 13.86
N MET C 340 -25.65 41.20 13.77
CA MET C 340 -26.21 40.74 12.49
C MET C 340 -27.71 40.57 12.72
N ALA C 341 -28.51 40.82 11.69
CA ALA C 341 -29.98 40.72 11.85
C ALA C 341 -30.62 39.98 10.70
N GLU C 342 -31.66 39.22 11.03
CA GLU C 342 -32.54 38.62 10.02
C GLU C 342 -33.93 39.25 10.18
N GLU C 343 -34.39 39.92 9.12
CA GLU C 343 -35.64 40.65 9.13
C GLU C 343 -36.48 40.34 7.87
N SER C 344 -37.68 39.81 8.09
CA SER C 344 -38.42 39.12 7.03
C SER C 344 -39.30 40.01 6.17
N THR C 345 -39.66 41.19 6.68
CA THR C 345 -40.36 42.17 5.88
C THR C 345 -39.24 42.99 5.29
N ASP C 346 -39.55 44.06 4.57
CA ASP C 346 -38.47 44.89 4.05
C ASP C 346 -38.38 46.20 4.85
N PHE C 347 -38.18 46.06 6.14
CA PHE C 347 -37.95 47.20 7.02
C PHE C 347 -36.69 47.94 6.55
N PRO C 348 -36.82 49.25 6.30
CA PRO C 348 -35.68 49.99 5.74
C PRO C 348 -34.59 50.28 6.78
N GLY C 349 -33.34 50.31 6.32
CA GLY C 349 -32.19 50.67 7.15
C GLY C 349 -31.94 49.78 8.35
N VAL C 350 -32.02 48.47 8.16
CA VAL C 350 -31.70 47.56 9.25
C VAL C 350 -30.21 47.63 9.59
N SER C 351 -29.34 47.61 8.57
CA SER C 351 -27.90 47.78 8.81
C SER C 351 -27.41 49.20 8.52
N ARG C 352 -28.19 50.20 8.93
CA ARG C 352 -27.80 51.59 8.78
C ARG C 352 -27.85 52.22 10.15
N PRO C 353 -27.05 53.27 10.38
CA PRO C 353 -26.98 53.97 11.67
C PRO C 353 -28.34 54.45 12.16
N GLN C 354 -28.48 54.55 13.48
CA GLN C 354 -29.71 54.96 14.14
C GLN C 354 -30.18 56.37 13.79
N ASP C 355 -29.24 57.25 13.47
CA ASP C 355 -29.59 58.61 13.06
C ASP C 355 -30.32 58.76 11.73
N MET C 356 -30.01 57.92 10.75
CA MET C 356 -30.76 57.97 9.49
C MET C 356 -31.97 57.07 9.63
N GLY C 357 -32.45 56.90 10.85
CA GLY C 357 -33.67 56.15 11.08
C GLY C 357 -33.49 54.66 10.97
N GLY C 358 -32.24 54.21 11.09
CA GLY C 358 -31.94 52.80 11.02
C GLY C 358 -31.99 52.14 12.38
N LEU C 359 -31.84 50.82 12.39
CA LEU C 359 -31.82 50.03 13.63
C LEU C 359 -30.40 49.80 14.18
N GLY C 360 -29.38 50.14 13.40
CA GLY C 360 -28.00 50.09 13.89
C GLY C 360 -27.32 48.73 13.88
N PHE C 361 -27.87 47.73 13.20
CA PHE C 361 -27.10 46.50 13.01
C PHE C 361 -25.98 46.81 12.00
N TRP C 362 -25.02 45.88 11.92
CA TRP C 362 -23.85 46.03 11.07
C TRP C 362 -24.09 45.26 9.77
N TYR C 363 -24.76 44.11 9.85
CA TYR C 363 -25.03 43.28 8.66
C TYR C 363 -26.49 42.77 8.72
N LYS C 364 -27.02 42.42 7.55
CA LYS C 364 -28.35 41.85 7.44
C LYS C 364 -28.38 40.63 6.52
N TRP C 365 -29.13 39.59 6.90
CA TRP C 365 -29.35 38.46 5.99
C TRP C 365 -30.09 38.88 4.70
N ASN C 366 -29.67 38.37 3.55
CA ASN C 366 -30.30 38.72 2.26
C ASN C 366 -31.29 37.63 1.89
N LEU C 367 -32.44 37.64 2.56
CA LEU C 367 -33.49 36.70 2.27
C LEU C 367 -33.98 36.85 0.82
N GLY C 368 -34.17 38.10 0.38
CA GLY C 368 -34.53 38.39 -1.01
C GLY C 368 -33.68 37.59 -1.98
N TRP C 369 -32.35 37.77 -1.89
CA TRP C 369 -31.40 37.09 -2.75
C TRP C 369 -31.53 35.59 -2.67
N MET C 370 -31.71 35.07 -1.45
CA MET C 370 -31.84 33.63 -1.25
C MET C 370 -33.10 33.11 -1.95
N HIS C 371 -34.23 33.79 -1.78
CA HIS C 371 -35.45 33.41 -2.48
C HIS C 371 -35.31 33.49 -3.99
N ASP C 372 -34.78 34.61 -4.48
CA ASP C 372 -34.61 34.79 -5.91
C ASP C 372 -33.73 33.73 -6.58
N THR C 373 -32.55 33.46 -5.99
CA THR C 373 -31.58 32.57 -6.64
C THR C 373 -31.97 31.10 -6.55
N LEU C 374 -32.57 30.71 -5.43
CA LEU C 374 -33.11 29.35 -5.28
C LEU C 374 -34.31 29.12 -6.20
N ASP C 375 -35.14 30.15 -6.36
CA ASP C 375 -36.22 30.06 -7.33
C ASP C 375 -35.67 29.84 -8.73
N TYR C 376 -34.65 30.60 -9.11
CA TYR C 376 -34.05 30.43 -10.41
C TYR C 376 -33.48 29.03 -10.60
N MET C 377 -32.75 28.54 -9.59
CA MET C 377 -32.04 27.26 -9.70
C MET C 377 -33.00 26.07 -9.74
N LYS C 378 -34.17 26.22 -9.14
CA LYS C 378 -35.19 25.16 -9.18
C LYS C 378 -35.66 24.91 -10.60
N LEU C 379 -35.68 25.97 -11.41
CA LEU C 379 -36.22 25.89 -12.77
C LEU C 379 -35.44 24.94 -13.64
N ASP C 380 -36.16 24.22 -14.49
CA ASP C 380 -35.52 23.41 -15.53
C ASP C 380 -34.81 24.36 -16.49
N PRO C 381 -33.53 24.10 -16.79
CA PRO C 381 -32.71 24.99 -17.62
C PRO C 381 -33.48 25.64 -18.77
N VAL C 382 -34.27 24.85 -19.48
CA VAL C 382 -35.14 25.33 -20.58
C VAL C 382 -35.90 26.61 -20.24
N TYR C 383 -36.28 26.79 -18.98
CA TYR C 383 -37.14 27.90 -18.56
C TYR C 383 -36.39 29.12 -18.00
N ARG C 384 -35.09 28.99 -17.79
CA ARG C 384 -34.34 30.07 -17.17
C ARG C 384 -34.30 31.37 -17.99
N GLN C 385 -34.40 31.25 -19.32
CA GLN C 385 -34.42 32.42 -20.20
C GLN C 385 -35.55 33.42 -19.85
N TYR C 386 -36.62 32.92 -19.25
CA TYR C 386 -37.76 33.74 -18.88
C TYR C 386 -37.68 34.34 -17.50
N HIS C 387 -36.71 33.93 -16.69
CA HIS C 387 -36.57 34.47 -15.34
C HIS C 387 -35.15 34.94 -15.06
N HIS C 388 -34.54 35.53 -16.08
CA HIS C 388 -33.17 36.08 -15.98
C HIS C 388 -33.04 37.13 -14.88
N ASP C 389 -34.13 37.88 -14.67
CA ASP C 389 -34.18 38.94 -13.67
C ASP C 389 -33.94 38.43 -12.27
N LYS C 390 -34.13 37.14 -12.06
CA LYS C 390 -33.94 36.60 -10.73
C LYS C 390 -32.48 36.66 -10.29
N LEU C 391 -31.57 36.60 -11.26
CA LEU C 391 -30.14 36.69 -10.95
C LEU C 391 -29.61 38.12 -11.04
N THR C 392 -30.27 38.99 -11.81
CA THR C 392 -29.74 40.33 -11.98
C THR C 392 -30.36 41.33 -11.00
N PHE C 393 -31.41 40.91 -10.30
CA PHE C 393 -32.18 41.84 -9.47
C PHE C 393 -31.47 42.21 -8.19
N GLY C 394 -30.59 41.32 -7.71
CA GLY C 394 -29.86 41.54 -6.47
C GLY C 394 -29.04 42.81 -6.47
N ILE C 395 -28.39 43.08 -7.60
CA ILE C 395 -27.54 44.27 -7.71
C ILE C 395 -28.32 45.57 -7.58
N LEU C 396 -29.62 45.55 -7.91
CA LEU C 396 -30.44 46.76 -7.79
C LEU C 396 -30.61 47.29 -6.35
N TYR C 397 -30.60 46.43 -5.35
CA TYR C 397 -30.86 46.89 -3.99
C TYR C 397 -29.69 46.55 -3.06
N ASN C 398 -28.58 46.12 -3.65
CA ASN C 398 -27.40 45.70 -2.88
C ASN C 398 -26.76 46.79 -2.03
N TYR C 399 -26.84 48.03 -2.47
CA TYR C 399 -26.22 49.13 -1.75
C TYR C 399 -27.14 49.80 -0.70
N THR C 400 -28.28 49.17 -0.41
CA THR C 400 -29.19 49.69 0.63
C THR C 400 -28.89 49.08 2.01
N GLU C 401 -28.21 47.93 2.03
CA GLU C 401 -27.94 47.22 3.27
C GLU C 401 -26.60 46.55 3.13
N ASN C 402 -25.96 46.22 4.25
CA ASN C 402 -24.69 45.45 4.23
C ASN C 402 -25.00 43.97 4.31
N PHE C 403 -25.12 43.31 3.16
CA PHE C 403 -25.70 41.98 3.09
C PHE C 403 -24.82 40.78 3.44
N VAL C 404 -25.43 39.80 4.11
CA VAL C 404 -24.90 38.45 4.14
C VAL C 404 -25.77 37.53 3.29
N LEU C 405 -25.15 36.81 2.36
CA LEU C 405 -25.88 35.81 1.55
C LEU C 405 -26.03 34.52 2.34
N PRO C 406 -27.27 34.18 2.73
CA PRO C 406 -27.36 33.07 3.64
C PRO C 406 -28.01 31.83 3.02
N LEU C 407 -27.33 30.70 3.08
CA LEU C 407 -27.98 29.41 2.89
C LEU C 407 -28.10 28.73 4.24
N SER C 408 -29.12 29.13 5.00
CA SER C 408 -29.19 28.77 6.40
C SER C 408 -30.03 27.51 6.66
N HIS C 409 -30.12 27.15 7.93
CA HIS C 409 -30.85 25.97 8.37
C HIS C 409 -32.38 26.09 8.12
N ASP C 410 -32.88 27.32 8.06
CA ASP C 410 -34.30 27.52 7.86
C ASP C 410 -34.73 27.09 6.47
N GLU C 411 -33.79 27.08 5.55
CA GLU C 411 -34.10 26.75 4.18
C GLU C 411 -34.01 25.26 3.91
N VAL C 412 -33.74 24.47 4.96
CA VAL C 412 -33.57 23.01 4.80
C VAL C 412 -34.36 22.21 5.84
N VAL C 413 -35.44 22.79 6.36
CA VAL C 413 -36.31 22.10 7.33
C VAL C 413 -37.75 21.98 6.83
N HIS C 414 -38.60 21.38 7.67
CA HIS C 414 -40.06 21.28 7.45
C HIS C 414 -40.49 20.96 6.03
N GLY C 415 -40.00 19.85 5.48
CA GLY C 415 -40.32 19.48 4.11
C GLY C 415 -40.01 20.53 3.05
N LYS C 416 -39.02 21.38 3.31
CA LYS C 416 -38.52 22.34 2.31
C LYS C 416 -37.41 21.71 1.46
N LYS C 417 -36.96 20.52 1.88
CA LYS C 417 -35.86 19.77 1.23
C LYS C 417 -34.47 20.40 1.32
N SER C 418 -33.46 19.56 1.10
CA SER C 418 -32.07 19.98 1.08
C SER C 418 -31.85 20.93 -0.09
N ILE C 419 -30.70 21.60 -0.11
CA ILE C 419 -30.38 22.49 -1.22
C ILE C 419 -30.19 21.65 -2.48
N LEU C 420 -29.51 20.53 -2.32
CA LEU C 420 -29.29 19.62 -3.44
C LEU C 420 -30.61 19.19 -4.11
N ASP C 421 -31.61 18.81 -3.32
CA ASP C 421 -32.85 18.26 -3.89
C ASP C 421 -33.71 19.26 -4.66
N ARG C 422 -33.41 20.55 -4.53
CA ARG C 422 -34.04 21.55 -5.38
C ARG C 422 -33.45 21.59 -6.80
N MET C 423 -32.27 21.02 -6.99
CA MET C 423 -31.59 21.06 -8.29
C MET C 423 -32.24 20.08 -9.25
N PRO C 424 -32.51 20.53 -10.48
CA PRO C 424 -33.16 19.67 -11.48
C PRO C 424 -32.20 18.81 -12.31
N GLY C 425 -32.74 17.79 -12.98
CA GLY C 425 -31.96 16.96 -13.91
C GLY C 425 -31.45 15.65 -13.35
N ASP C 426 -30.64 14.96 -14.15
CA ASP C 426 -30.01 13.74 -13.69
C ASP C 426 -28.91 14.03 -12.66
N ALA C 427 -28.38 12.98 -12.04
CA ALA C 427 -27.34 13.10 -11.03
C ALA C 427 -26.27 14.12 -11.43
N TRP C 428 -25.62 13.87 -12.56
CA TRP C 428 -24.56 14.75 -13.05
C TRP C 428 -25.03 16.20 -13.01
N GLN C 429 -26.25 16.44 -13.50
CA GLN C 429 -26.78 17.78 -13.61
C GLN C 429 -27.14 18.43 -12.26
N LYS C 430 -27.72 17.66 -11.34
CA LYS C 430 -28.05 18.21 -10.03
C LYS C 430 -26.81 18.82 -9.39
N PHE C 431 -25.74 18.02 -9.30
CA PHE C 431 -24.47 18.46 -8.73
C PHE C 431 -23.80 19.60 -9.51
N ALA C 432 -23.88 19.52 -10.84
CA ALA C 432 -23.38 20.59 -11.67
C ALA C 432 -24.09 21.90 -11.32
N ASN C 433 -25.42 21.84 -11.20
CA ASN C 433 -26.18 23.02 -10.81
C ASN C 433 -25.78 23.54 -9.44
N LEU C 434 -25.67 22.65 -8.46
CA LEU C 434 -25.24 23.01 -7.14
C LEU C 434 -23.83 23.68 -7.14
N ARG C 435 -22.92 23.13 -7.94
CA ARG C 435 -21.56 23.65 -7.95
C ARG C 435 -21.52 25.03 -8.59
N ALA C 436 -22.20 25.17 -9.73
CA ALA C 436 -22.28 26.44 -10.44
C ALA C 436 -22.97 27.50 -9.55
N TYR C 437 -23.94 27.07 -8.77
CA TYR C 437 -24.58 27.97 -7.82
C TYR C 437 -23.58 28.51 -6.78
N TYR C 438 -22.88 27.60 -6.09
CA TYR C 438 -21.88 28.00 -5.12
C TYR C 438 -20.79 28.90 -5.72
N GLY C 439 -20.38 28.62 -6.95
CA GLY C 439 -19.41 29.48 -7.64
C GLY C 439 -19.91 30.92 -7.80
N TRP C 440 -21.20 31.05 -8.08
CA TRP C 440 -21.81 32.34 -8.35
C TRP C 440 -22.04 33.10 -7.04
N MET C 441 -22.33 32.34 -5.99
CA MET C 441 -22.65 32.90 -4.70
C MET C 441 -21.36 33.45 -4.02
N TRP C 442 -20.23 32.75 -4.17
CA TRP C 442 -18.96 33.22 -3.60
C TRP C 442 -18.43 34.45 -4.32
N ALA C 443 -18.83 34.62 -5.59
CA ALA C 443 -18.45 35.82 -6.35
C ALA C 443 -19.40 37.01 -6.13
N PHE C 444 -20.66 36.72 -5.82
CA PHE C 444 -21.65 37.80 -5.68
C PHE C 444 -21.38 38.72 -4.48
N PRO C 445 -21.61 40.02 -4.63
CA PRO C 445 -21.30 40.96 -3.52
C PRO C 445 -22.09 40.62 -2.25
N GLY C 446 -21.44 40.69 -1.11
CA GLY C 446 -22.07 40.29 0.13
C GLY C 446 -21.27 39.20 0.78
N LYS C 447 -21.28 39.18 2.10
CA LYS C 447 -20.60 38.13 2.88
C LYS C 447 -21.27 36.77 2.66
N LYS C 448 -20.69 35.71 3.25
CA LYS C 448 -21.15 34.34 2.95
C LYS C 448 -21.50 33.55 4.20
N LEU C 449 -22.70 32.94 4.19
CA LEU C 449 -23.13 32.01 5.23
C LEU C 449 -23.60 30.68 4.65
N LEU C 450 -23.18 29.59 5.27
CA LEU C 450 -23.51 28.26 4.81
C LEU C 450 -23.72 27.36 6.03
N PHE C 451 -24.88 26.70 6.07
CA PHE C 451 -25.23 25.83 7.17
C PHE C 451 -24.64 24.42 6.99
N MET C 452 -24.17 23.85 8.10
CA MET C 452 -23.54 22.53 8.10
C MET C 452 -24.34 21.54 7.27
N GLY C 453 -23.64 20.74 6.45
CA GLY C 453 -24.28 19.73 5.66
C GLY C 453 -24.39 20.19 4.22
N ASN C 454 -24.55 21.50 4.03
CA ASN C 454 -24.65 22.05 2.67
C ASN C 454 -23.35 21.90 1.92
N GLU C 455 -22.25 21.87 2.66
CA GLU C 455 -20.93 21.92 2.08
C GLU C 455 -20.52 20.59 1.50
N PHE C 456 -21.26 19.53 1.80
CA PHE C 456 -21.02 18.26 1.12
C PHE C 456 -22.28 17.77 0.44
N ALA C 457 -23.22 18.70 0.31
CA ALA C 457 -24.48 18.47 -0.37
C ALA C 457 -25.18 17.28 0.26
N GLN C 458 -25.52 17.40 1.53
CA GLN C 458 -26.41 16.44 2.14
C GLN C 458 -27.71 16.27 1.31
N GLY C 459 -28.07 15.01 1.04
CA GLY C 459 -29.27 14.68 0.28
C GLY C 459 -30.54 14.89 1.08
N ARG C 460 -30.56 14.41 2.32
CA ARG C 460 -31.72 14.52 3.20
C ARG C 460 -31.74 15.87 3.87
N GLU C 461 -32.91 16.29 4.37
CA GLU C 461 -32.96 17.59 5.04
C GLU C 461 -32.46 17.52 6.49
N TRP C 462 -32.14 18.67 7.07
CA TRP C 462 -31.50 18.69 8.37
C TRP C 462 -32.38 18.11 9.48
N ASN C 463 -31.80 17.24 10.29
CA ASN C 463 -32.49 16.58 11.40
C ASN C 463 -31.80 16.88 12.75
N HIS C 464 -32.40 17.74 13.56
CA HIS C 464 -31.79 18.19 14.81
C HIS C 464 -31.54 17.07 15.81
N ASP C 465 -32.18 15.94 15.60
CA ASP C 465 -32.15 14.84 16.57
C ASP C 465 -31.21 13.71 16.16
N ALA C 466 -30.37 13.97 15.17
CA ALA C 466 -29.43 12.98 14.68
C ALA C 466 -28.17 13.68 14.18
N SER C 467 -27.24 12.90 13.67
CA SER C 467 -26.04 13.45 13.08
C SER C 467 -26.35 13.75 11.63
N LEU C 468 -25.55 14.63 11.02
CA LEU C 468 -25.57 14.80 9.58
C LEU C 468 -25.13 13.50 8.90
N ASP C 469 -25.44 13.39 7.60
CA ASP C 469 -25.12 12.20 6.83
C ASP C 469 -23.65 12.14 6.35
N TRP C 470 -22.70 12.15 7.30
CA TRP C 470 -21.27 12.00 6.96
C TRP C 470 -20.98 10.71 6.21
N HIS C 471 -21.86 9.72 6.37
CA HIS C 471 -21.71 8.47 5.62
C HIS C 471 -21.72 8.69 4.11
N LEU C 472 -22.30 9.80 3.66
CA LEU C 472 -22.18 10.16 2.24
C LEU C 472 -20.73 10.21 1.79
N LEU C 473 -19.83 10.54 2.71
CA LEU C 473 -18.43 10.69 2.37
C LEU C 473 -17.65 9.41 2.64
N GLU C 474 -18.40 8.32 2.87
CA GLU C 474 -17.79 7.01 3.03
C GLU C 474 -17.52 6.39 1.67
N GLY C 475 -16.60 5.43 1.64
CA GLY C 475 -16.27 4.74 0.41
C GLY C 475 -15.42 5.59 -0.51
N GLY C 476 -15.37 5.20 -1.78
CA GLY C 476 -14.57 5.90 -2.76
C GLY C 476 -15.11 7.29 -3.07
N ASP C 477 -14.28 8.08 -3.75
CA ASP C 477 -14.64 9.43 -4.12
C ASP C 477 -15.95 9.55 -4.92
N ASN C 478 -16.91 10.26 -4.35
CA ASN C 478 -18.18 10.47 -5.01
C ASN C 478 -18.49 11.95 -5.19
N TRP C 479 -19.70 12.23 -5.68
CA TRP C 479 -20.09 13.58 -5.99
C TRP C 479 -20.00 14.52 -4.78
N HIS C 480 -20.24 13.95 -3.59
CA HIS C 480 -20.22 14.73 -2.34
C HIS C 480 -18.80 15.19 -1.95
N HIS C 481 -17.79 14.36 -2.20
CA HIS C 481 -16.41 14.78 -1.99
C HIS C 481 -16.10 15.95 -2.91
N GLY C 482 -16.59 15.85 -4.15
CA GLY C 482 -16.43 16.93 -5.11
C GLY C 482 -16.94 18.27 -4.60
N VAL C 483 -18.19 18.30 -4.12
CA VAL C 483 -18.79 19.53 -3.60
C VAL C 483 -18.00 20.12 -2.41
N GLN C 484 -17.52 19.24 -1.52
CA GLN C 484 -16.73 19.66 -0.36
C GLN C 484 -15.37 20.23 -0.76
N ARG C 485 -14.76 19.60 -1.75
CA ARG C 485 -13.50 20.13 -2.28
C ARG C 485 -13.77 21.52 -2.86
N LEU C 486 -14.92 21.69 -3.52
CA LEU C 486 -15.18 22.99 -4.11
C LEU C 486 -15.42 24.05 -3.04
N VAL C 487 -16.05 23.66 -1.94
CA VAL C 487 -16.33 24.65 -0.90
C VAL C 487 -15.05 25.18 -0.24
N ARG C 488 -14.08 24.27 0.03
CA ARG C 488 -12.76 24.69 0.53
C ARG C 488 -12.06 25.58 -0.51
N ASP C 489 -12.03 25.17 -1.78
CA ASP C 489 -11.32 25.96 -2.83
C ASP C 489 -11.96 27.38 -3.02
N LEU C 490 -13.29 27.47 -3.01
CA LEU C 490 -13.96 28.78 -3.04
C LEU C 490 -13.61 29.65 -1.81
N ASN C 491 -13.59 29.06 -0.61
CA ASN C 491 -13.25 29.82 0.58
C ASN C 491 -11.80 30.38 0.48
N LEU C 492 -10.85 29.51 0.11
CA LEU C 492 -9.43 29.90 0.07
C LEU C 492 -9.14 30.92 -1.02
N THR C 493 -9.79 30.75 -2.17
CA THR C 493 -9.69 31.66 -3.32
C THR C 493 -10.29 33.00 -3.00
N TYR C 494 -11.55 32.98 -2.56
CA TYR C 494 -12.23 34.12 -1.95
C TYR C 494 -11.35 34.97 -1.00
N ARG C 495 -10.67 34.33 -0.03
CA ARG C 495 -9.85 35.07 0.95
C ARG C 495 -8.53 35.56 0.38
N HIS C 496 -8.02 34.85 -0.63
CA HIS C 496 -6.74 35.21 -1.24
C HIS C 496 -6.85 36.47 -2.14
N HIS C 497 -7.91 36.58 -2.95
CA HIS C 497 -8.04 37.71 -3.87
C HIS C 497 -8.97 38.79 -3.32
N LYS C 498 -8.41 39.97 -3.06
CA LYS C 498 -9.13 41.08 -2.45
C LYS C 498 -10.38 41.51 -3.21
N ALA C 499 -10.31 41.46 -4.54
CA ALA C 499 -11.40 41.83 -5.41
C ALA C 499 -12.65 41.05 -5.05
N MET C 500 -12.47 39.83 -4.55
CA MET C 500 -13.64 39.02 -4.23
C MET C 500 -14.33 39.47 -2.94
N HIS C 501 -13.78 40.47 -2.24
CA HIS C 501 -14.31 40.81 -0.94
C HIS C 501 -13.99 42.19 -0.34
N GLU C 502 -13.18 43.00 -1.00
CA GLU C 502 -12.81 44.32 -0.48
C GLU C 502 -13.92 45.37 -0.55
N LEU C 503 -14.74 45.30 -1.59
CA LEU C 503 -15.64 46.39 -1.93
C LEU C 503 -17.02 45.89 -2.29
N ASP C 504 -17.55 44.96 -1.49
CA ASP C 504 -18.92 44.45 -1.64
C ASP C 504 -19.95 45.58 -1.57
N PHE C 505 -19.66 46.56 -0.71
CA PHE C 505 -20.60 47.63 -0.38
C PHE C 505 -20.29 48.92 -1.09
N ASP C 506 -19.47 48.81 -2.14
CA ASP C 506 -19.07 49.98 -2.95
C ASP C 506 -19.35 49.64 -4.43
N PRO C 507 -20.13 50.49 -5.12
CA PRO C 507 -20.51 50.16 -6.51
C PRO C 507 -19.28 49.94 -7.42
N TYR C 508 -18.18 50.63 -7.11
CA TYR C 508 -16.92 50.46 -7.85
C TYR C 508 -16.47 49.00 -7.88
N GLY C 509 -16.77 48.23 -6.84
CA GLY C 509 -16.33 46.83 -6.75
C GLY C 509 -17.08 45.78 -7.56
N PHE C 510 -18.03 46.21 -8.38
CA PHE C 510 -18.82 45.29 -9.18
C PHE C 510 -19.29 45.97 -10.48
N GLU C 511 -19.10 45.30 -11.61
CA GLU C 511 -19.59 45.82 -12.88
C GLU C 511 -20.08 44.68 -13.77
N TRP C 512 -21.23 44.88 -14.42
CA TRP C 512 -21.74 43.91 -15.39
C TRP C 512 -20.90 43.94 -16.68
N LEU C 513 -20.66 42.76 -17.25
CA LEU C 513 -20.04 42.67 -18.57
C LEU C 513 -21.07 42.11 -19.57
N VAL C 514 -21.79 41.07 -19.15
CA VAL C 514 -22.88 40.51 -19.94
C VAL C 514 -24.09 40.23 -19.04
N VAL C 515 -25.01 41.21 -18.98
CA VAL C 515 -26.19 41.14 -18.12
C VAL C 515 -27.45 40.72 -18.91
N ASP C 516 -27.46 40.96 -20.22
CA ASP C 516 -28.67 40.76 -20.99
C ASP C 516 -28.66 39.56 -21.93
N ASP C 517 -27.88 38.53 -21.64
CA ASP C 517 -27.96 37.31 -22.43
C ASP C 517 -28.95 36.30 -21.85
N LYS C 518 -30.25 36.53 -22.10
CA LYS C 518 -31.30 35.67 -21.55
C LYS C 518 -31.42 34.35 -22.31
N GLU C 519 -31.35 34.39 -23.63
CA GLU C 519 -31.59 33.20 -24.45
C GLU C 519 -30.66 32.03 -24.11
N ARG C 520 -29.40 32.33 -23.84
CA ARG C 520 -28.43 31.29 -23.49
C ARG C 520 -28.19 31.19 -21.98
N SER C 521 -28.78 32.12 -21.22
CA SER C 521 -28.63 32.10 -19.76
C SER C 521 -27.16 32.14 -19.33
N VAL C 522 -26.45 33.12 -19.87
CA VAL C 522 -25.06 33.33 -19.52
C VAL C 522 -24.96 34.68 -18.85
N LEU C 523 -24.27 34.74 -17.70
CA LEU C 523 -24.07 36.02 -17.01
C LEU C 523 -22.59 36.19 -16.68
N ILE C 524 -22.09 37.41 -16.90
CA ILE C 524 -20.69 37.70 -16.70
C ILE C 524 -20.52 39.04 -16.00
N PHE C 525 -19.77 39.04 -14.91
CA PHE C 525 -19.46 40.27 -14.21
C PHE C 525 -18.01 40.37 -13.70
N VAL C 526 -17.70 41.51 -13.12
CA VAL C 526 -16.36 41.85 -12.70
C VAL C 526 -16.37 42.26 -11.22
N ARG C 527 -15.51 41.65 -10.39
CA ARG C 527 -15.29 42.12 -9.02
C ARG C 527 -14.03 42.94 -9.06
N ARG C 528 -13.97 43.99 -8.25
CA ARG C 528 -12.85 44.91 -8.36
C ARG C 528 -12.34 45.33 -6.98
N ASP C 529 -11.02 45.31 -6.79
CA ASP C 529 -10.45 45.76 -5.53
C ASP C 529 -10.20 47.26 -5.49
N LYS C 530 -9.85 47.78 -4.31
CA LYS C 530 -9.46 49.19 -4.16
C LYS C 530 -8.35 49.63 -5.13
N GLU C 531 -7.56 48.69 -5.67
CA GLU C 531 -6.46 49.03 -6.59
C GLU C 531 -6.90 49.11 -8.05
N GLY C 532 -8.11 48.62 -8.34
CA GLY C 532 -8.58 48.54 -9.71
C GLY C 532 -8.35 47.18 -10.37
N ASN C 533 -7.77 46.24 -9.65
CA ASN C 533 -7.62 44.91 -10.21
C ASN C 533 -8.96 44.21 -10.30
N GLU C 534 -9.23 43.59 -11.44
CA GLU C 534 -10.50 42.95 -11.69
C GLU C 534 -10.37 41.43 -11.74
N ILE C 535 -11.37 40.70 -11.23
CA ILE C 535 -11.52 39.32 -11.65
C ILE C 535 -12.86 39.08 -12.35
N ILE C 536 -12.80 38.31 -13.43
CA ILE C 536 -13.97 38.03 -14.24
C ILE C 536 -14.69 36.77 -13.75
N VAL C 537 -16.02 36.89 -13.62
CA VAL C 537 -16.90 35.80 -13.21
C VAL C 537 -17.88 35.51 -14.35
N ALA C 538 -17.84 34.28 -14.86
CA ALA C 538 -18.71 33.92 -15.99
C ALA C 538 -19.49 32.64 -15.71
N SER C 539 -20.82 32.77 -15.71
CA SER C 539 -21.70 31.67 -15.40
C SER C 539 -22.52 31.27 -16.62
N ASN C 540 -22.60 29.96 -16.84
CA ASN C 540 -23.40 29.36 -17.89
C ASN C 540 -24.38 28.41 -17.21
N PHE C 541 -25.64 28.86 -17.08
CA PHE C 541 -26.66 28.13 -16.35
C PHE C 541 -27.50 27.21 -17.23
N THR C 542 -26.91 26.86 -18.37
CA THR C 542 -27.47 25.89 -19.30
C THR C 542 -26.48 24.70 -19.41
N PRO C 543 -26.98 23.48 -19.64
CA PRO C 543 -26.07 22.36 -19.85
C PRO C 543 -25.46 22.29 -21.27
N VAL C 544 -25.61 23.36 -22.06
CA VAL C 544 -24.95 23.43 -23.36
C VAL C 544 -23.61 24.15 -23.23
N PRO C 545 -22.50 23.48 -23.58
CA PRO C 545 -21.19 24.15 -23.58
C PRO C 545 -21.18 25.27 -24.63
N ARG C 546 -20.67 26.44 -24.23
CA ARG C 546 -20.53 27.56 -25.15
C ARG C 546 -19.07 27.70 -25.58
N HIS C 547 -18.82 27.62 -26.87
CA HIS C 547 -17.45 27.76 -27.40
C HIS C 547 -17.34 29.06 -28.17
N ASP C 548 -16.15 29.63 -28.19
CA ASP C 548 -15.92 30.89 -28.86
C ASP C 548 -16.91 31.96 -28.40
N TYR C 549 -17.19 32.00 -27.11
CA TYR C 549 -18.13 33.00 -26.59
C TYR C 549 -17.38 34.30 -26.36
N ARG C 550 -17.67 35.31 -27.20
CA ARG C 550 -16.99 36.61 -27.13
C ARG C 550 -17.71 37.65 -26.27
N PHE C 551 -16.97 38.33 -25.40
CA PHE C 551 -17.54 39.44 -24.62
C PHE C 551 -16.51 40.54 -24.33
N GLY C 552 -16.99 41.78 -24.18
CA GLY C 552 -16.13 42.93 -23.88
C GLY C 552 -15.55 42.93 -22.47
N ILE C 553 -14.31 43.36 -22.34
CA ILE C 553 -13.65 43.45 -21.02
C ILE C 553 -13.12 44.86 -20.88
N ASN C 554 -12.69 45.23 -19.68
CA ASN C 554 -12.17 46.58 -19.44
C ASN C 554 -10.64 46.64 -19.50
N GLN C 555 -9.99 45.49 -19.28
CA GLN C 555 -8.53 45.45 -19.16
C GLN C 555 -7.87 44.44 -20.10
N PRO C 556 -7.33 44.93 -21.23
CA PRO C 556 -6.67 44.03 -22.19
C PRO C 556 -5.47 43.32 -21.55
N GLY C 557 -5.16 42.11 -22.05
CA GLY C 557 -4.03 41.34 -21.57
C GLY C 557 -4.25 39.84 -21.57
N LYS C 558 -3.51 39.14 -20.72
CA LYS C 558 -3.60 37.69 -20.63
C LYS C 558 -4.45 37.29 -19.42
N TRP C 559 -5.43 36.42 -19.65
CA TRP C 559 -6.35 36.02 -18.59
C TRP C 559 -6.34 34.51 -18.42
N ARG C 560 -6.63 34.05 -17.20
CA ARG C 560 -6.54 32.64 -16.81
C ARG C 560 -7.59 32.27 -15.76
N GLU C 561 -8.09 31.04 -15.79
CA GLU C 561 -8.99 30.53 -14.76
C GLU C 561 -8.28 30.35 -13.42
N ILE C 562 -8.93 30.74 -12.32
CA ILE C 562 -8.42 30.43 -10.96
C ILE C 562 -9.43 29.54 -10.27
N LEU C 563 -10.64 29.51 -10.83
CA LEU C 563 -11.68 28.62 -10.37
C LEU C 563 -12.58 28.16 -11.54
N ASN C 564 -13.00 26.91 -11.51
CA ASN C 564 -13.81 26.32 -12.57
C ASN C 564 -14.63 25.22 -11.92
N THR C 565 -15.94 25.44 -11.77
CA THR C 565 -16.79 24.43 -11.12
C THR C 565 -17.03 23.13 -11.95
N ASP C 566 -16.71 23.16 -13.24
CA ASP C 566 -16.85 21.97 -14.08
C ASP C 566 -15.59 21.11 -14.09
N SER C 567 -14.61 21.49 -13.27
CA SER C 567 -13.36 20.74 -13.20
C SER C 567 -13.56 19.28 -12.77
N MET C 568 -12.73 18.41 -13.32
CA MET C 568 -12.70 17.01 -12.95
C MET C 568 -12.47 16.84 -11.44
N HIS C 569 -11.70 17.74 -10.82
CA HIS C 569 -11.44 17.63 -9.39
C HIS C 569 -12.74 17.66 -8.60
N TYR C 570 -13.78 18.26 -9.18
CA TYR C 570 -15.07 18.37 -8.53
C TYR C 570 -16.08 17.35 -9.05
N HIS C 571 -15.65 16.50 -9.99
CA HIS C 571 -16.55 15.59 -10.75
C HIS C 571 -17.35 16.27 -11.88
N GLY C 572 -16.88 17.43 -12.34
CA GLY C 572 -17.41 18.04 -13.55
C GLY C 572 -16.88 17.30 -14.77
N SER C 573 -17.22 17.77 -15.96
CA SER C 573 -16.77 17.12 -17.19
C SER C 573 -15.36 17.57 -17.62
N ASN C 574 -14.84 18.59 -16.94
CA ASN C 574 -13.46 19.07 -17.15
C ASN C 574 -13.29 19.88 -18.44
N ALA C 575 -14.35 20.60 -18.81
CA ALA C 575 -14.27 21.54 -19.91
C ALA C 575 -13.72 22.83 -19.34
N GLY C 576 -13.12 23.65 -20.20
CA GLY C 576 -12.61 24.95 -19.80
C GLY C 576 -11.70 25.52 -20.86
N ASN C 577 -10.97 26.57 -20.49
CA ASN C 577 -10.03 27.19 -21.40
C ASN C 577 -8.63 26.67 -21.06
N GLY C 578 -8.19 25.63 -21.73
CA GLY C 578 -6.97 24.94 -21.29
C GLY C 578 -5.75 25.84 -21.31
N GLY C 579 -5.65 26.72 -20.31
CA GLY C 579 -4.53 27.64 -20.21
C GLY C 579 -4.92 29.10 -20.39
N THR C 580 -3.91 29.94 -20.56
CA THR C 580 -4.07 31.37 -20.69
C THR C 580 -4.76 31.78 -22.00
N VAL C 581 -5.70 32.72 -21.91
CA VAL C 581 -6.29 33.31 -23.12
C VAL C 581 -5.94 34.79 -23.24
N HIS C 582 -5.54 35.23 -24.43
CA HIS C 582 -5.18 36.63 -24.65
C HIS C 582 -6.40 37.36 -25.18
N SER C 583 -6.55 38.62 -24.79
CA SER C 583 -7.65 39.43 -25.27
C SER C 583 -7.40 39.87 -26.73
N ASP C 584 -8.48 40.20 -27.45
CA ASP C 584 -8.34 40.71 -28.81
C ASP C 584 -8.79 42.18 -28.87
N GLU C 585 -8.26 42.92 -29.84
CA GLU C 585 -8.76 44.27 -30.08
C GLU C 585 -9.92 44.23 -31.09
N ILE C 586 -10.93 43.46 -30.73
CA ILE C 586 -12.18 43.34 -31.48
C ILE C 586 -13.29 43.86 -30.59
N ALA C 587 -13.97 44.91 -31.02
CA ALA C 587 -15.00 45.53 -30.20
C ALA C 587 -16.09 44.52 -29.76
N SER C 588 -16.58 44.68 -28.54
CA SER C 588 -17.70 43.86 -28.07
C SER C 588 -18.46 44.51 -26.92
N HIS C 589 -19.79 44.40 -26.98
CA HIS C 589 -20.67 44.94 -25.95
C HIS C 589 -20.33 46.38 -25.58
N GLY C 590 -19.95 47.18 -26.56
CA GLY C 590 -19.63 48.59 -26.34
C GLY C 590 -18.24 48.83 -25.79
N ARG C 591 -17.41 47.78 -25.77
CA ARG C 591 -16.07 47.90 -25.24
C ARG C 591 -15.00 47.70 -26.30
N GLN C 592 -13.81 48.23 -26.03
CA GLN C 592 -12.75 48.28 -27.02
C GLN C 592 -12.05 46.93 -27.19
N HIS C 593 -11.84 46.20 -26.09
CA HIS C 593 -11.19 44.89 -26.16
C HIS C 593 -12.14 43.78 -25.76
N SER C 594 -11.86 42.57 -26.21
CA SER C 594 -12.76 41.44 -25.97
C SER C 594 -12.02 40.16 -25.58
N LEU C 595 -12.74 39.27 -24.91
CA LEU C 595 -12.27 37.93 -24.62
C LEU C 595 -13.20 36.94 -25.30
N SER C 596 -12.62 35.86 -25.83
CA SER C 596 -13.41 34.82 -26.46
C SER C 596 -13.13 33.51 -25.73
N LEU C 597 -14.09 33.07 -24.95
CA LEU C 597 -13.87 31.97 -24.04
C LEU C 597 -14.73 30.76 -24.33
N THR C 598 -14.32 29.62 -23.77
CA THR C 598 -15.22 28.49 -23.62
C THR C 598 -15.86 28.59 -22.25
N LEU C 599 -17.19 28.53 -22.22
CA LEU C 599 -17.92 28.48 -20.97
C LEU C 599 -18.34 27.04 -20.78
N PRO C 600 -17.84 26.38 -19.72
CA PRO C 600 -18.19 24.98 -19.46
C PRO C 600 -19.69 24.83 -19.16
N PRO C 601 -20.25 23.63 -19.35
CA PRO C 601 -21.71 23.48 -19.17
C PRO C 601 -22.13 23.50 -17.71
N LEU C 602 -23.19 24.24 -17.39
CA LEU C 602 -23.70 24.33 -16.02
C LEU C 602 -22.55 24.55 -15.04
N ALA C 603 -21.76 25.59 -15.28
CA ALA C 603 -20.54 25.81 -14.52
C ALA C 603 -20.31 27.30 -14.35
N THR C 604 -19.56 27.67 -13.34
CA THR C 604 -19.12 29.05 -13.26
C THR C 604 -17.60 29.07 -13.15
N ILE C 605 -16.98 30.13 -13.64
CA ILE C 605 -15.53 30.22 -13.70
C ILE C 605 -15.06 31.60 -13.29
N TRP C 606 -13.90 31.68 -12.64
CA TRP C 606 -13.30 32.98 -12.36
C TRP C 606 -11.93 33.04 -13.06
N LEU C 607 -11.66 34.17 -13.71
CA LEU C 607 -10.41 34.38 -14.41
C LEU C 607 -9.69 35.53 -13.74
N VAL C 608 -8.35 35.45 -13.70
CA VAL C 608 -7.53 36.54 -13.19
C VAL C 608 -6.70 37.08 -14.34
N ARG C 609 -6.24 38.32 -14.22
CA ARG C 609 -5.30 38.88 -15.19
C ARG C 609 -3.81 38.68 -14.78
N GLU C 610 -3.00 38.10 -15.67
CA GLU C 610 -1.56 37.95 -15.40
C GLU C 610 -0.85 39.29 -15.43
N ALA C 611 0.20 39.44 -14.62
CA ALA C 611 1.00 40.66 -14.69
C ALA C 611 1.81 40.66 -15.98
N GLU C 612 2.05 41.83 -16.55
CA GLU C 612 2.87 41.91 -17.76
C GLU C 612 4.30 42.45 -17.48
N THR D 1 26.94 51.51 21.51
CA THR D 1 27.45 50.10 21.58
C THR D 1 28.38 49.82 20.41
N HIS D 2 29.50 49.14 20.71
N HIS D 2 29.50 49.16 20.72
CA HIS D 2 30.45 48.69 19.70
CA HIS D 2 30.46 48.67 19.73
C HIS D 2 29.91 47.44 19.00
C HIS D 2 29.86 47.51 18.94
N LEU D 3 28.73 47.01 19.43
CA LEU D 3 28.01 45.92 18.78
C LEU D 3 27.38 46.36 17.46
N ARG D 4 27.11 47.66 17.34
CA ARG D 4 26.44 48.23 16.16
C ARG D 4 27.26 49.39 15.57
N PRO D 5 28.45 49.10 15.00
CA PRO D 5 29.24 50.21 14.43
C PRO D 5 28.56 50.98 13.31
N TYR D 6 27.58 50.37 12.64
CA TYR D 6 26.92 51.03 11.50
C TYR D 6 26.04 52.23 11.95
N GLU D 7 25.85 52.37 13.25
CA GLU D 7 25.10 53.51 13.79
C GLU D 7 25.96 54.78 13.91
N THR D 8 27.27 54.65 13.76
CA THR D 8 28.20 55.78 13.87
C THR D 8 29.16 55.86 12.67
N LEU D 9 29.61 54.71 12.16
CA LEU D 9 30.49 54.70 10.98
C LEU D 9 29.65 54.86 9.71
N GLY D 10 30.26 55.40 8.65
CA GLY D 10 29.55 55.65 7.40
C GLY D 10 29.12 57.09 7.32
N ALA D 11 28.05 57.36 6.57
CA ALA D 11 27.51 58.72 6.43
C ALA D 11 26.16 58.87 7.13
N HIS D 12 26.06 59.80 8.10
CA HIS D 12 24.82 60.07 8.88
C HIS D 12 24.43 61.54 9.02
N ALA D 13 23.14 61.82 9.01
CA ALA D 13 22.64 63.17 9.19
C ALA D 13 23.11 63.63 10.56
N ASP D 14 23.52 64.88 10.65
CA ASP D 14 23.93 65.41 11.94
C ASP D 14 23.73 66.92 11.89
N THR D 15 23.69 67.50 13.08
CA THR D 15 23.48 68.92 13.24
C THR D 15 24.53 69.40 14.22
N MET D 16 25.35 70.36 13.80
CA MET D 16 26.36 70.97 14.67
C MET D 16 26.26 72.50 14.69
N ASP D 17 26.06 73.06 15.87
CA ASP D 17 25.86 74.51 16.05
C ASP D 17 24.61 75.00 15.30
N GLY D 18 23.57 74.18 15.31
CA GLY D 18 22.34 74.49 14.60
C GLY D 18 22.48 74.27 13.10
N VAL D 19 23.66 73.84 12.67
CA VAL D 19 23.92 73.65 11.25
C VAL D 19 23.75 72.19 10.80
N THR D 20 22.94 72.05 9.77
CA THR D 20 22.55 70.75 9.26
C THR D 20 23.52 70.22 8.22
N GLY D 21 23.74 68.91 8.22
CA GLY D 21 24.61 68.30 7.23
C GLY D 21 24.82 66.81 7.47
N THR D 22 25.92 66.30 6.94
CA THR D 22 26.24 64.90 7.04
C THR D 22 27.58 64.69 7.70
N ARG D 23 27.63 63.78 8.66
N ARG D 23 27.63 63.79 8.68
CA ARG D 23 28.88 63.37 9.29
CA ARG D 23 28.90 63.39 9.27
C ARG D 23 29.37 62.11 8.60
C ARG D 23 29.38 62.10 8.62
N PHE D 24 30.65 62.10 8.19
CA PHE D 24 31.28 60.93 7.55
C PHE D 24 32.32 60.29 8.46
N SER D 25 32.41 58.97 8.46
CA SER D 25 33.31 58.28 9.35
C SER D 25 33.74 56.97 8.74
N VAL D 26 35.06 56.76 8.70
CA VAL D 26 35.63 55.56 8.11
C VAL D 26 36.89 55.17 8.87
N TRP D 27 37.03 53.87 9.12
CA TRP D 27 38.14 53.32 9.89
C TRP D 27 39.29 53.03 8.93
N ALA D 28 40.43 53.68 9.15
CA ALA D 28 41.57 53.50 8.26
C ALA D 28 42.88 53.95 8.93
N PRO D 29 43.33 53.23 9.96
CA PRO D 29 44.42 53.68 10.85
C PRO D 29 45.76 54.00 10.19
N ASN D 30 46.12 53.31 9.13
CA ASN D 30 47.43 53.53 8.53
C ASN D 30 47.42 54.40 7.27
N ALA D 31 46.27 54.98 6.94
CA ALA D 31 46.21 55.90 5.81
C ALA D 31 47.01 57.14 6.18
N ARG D 32 47.69 57.74 5.23
CA ARG D 32 48.38 59.03 5.51
C ARG D 32 47.44 60.22 5.44
N ARG D 33 46.44 60.17 4.55
N ARG D 33 46.40 60.15 4.61
CA ARG D 33 45.48 61.25 4.30
CA ARG D 33 45.48 61.28 4.42
C ARG D 33 44.12 60.64 3.92
C ARG D 33 44.16 60.75 3.84
N VAL D 34 43.02 61.23 4.35
CA VAL D 34 41.71 60.85 3.78
C VAL D 34 40.84 62.07 3.59
N SER D 35 40.28 62.22 2.39
CA SER D 35 39.26 63.26 2.05
C SER D 35 37.90 62.63 1.78
N VAL D 36 36.86 63.44 1.88
CA VAL D 36 35.54 63.07 1.42
C VAL D 36 35.30 63.73 0.06
N VAL D 37 34.95 62.94 -0.95
CA VAL D 37 34.68 63.50 -2.27
C VAL D 37 33.28 63.10 -2.74
N GLY D 38 32.59 64.01 -3.42
CA GLY D 38 31.26 63.68 -3.94
C GLY D 38 30.64 64.86 -4.69
N GLN D 39 29.32 64.79 -4.88
CA GLN D 39 28.63 65.79 -5.71
C GLN D 39 28.65 67.19 -5.07
N PHE D 40 28.66 67.22 -3.74
CA PHE D 40 28.64 68.46 -2.98
C PHE D 40 29.96 69.24 -3.12
N ASN D 41 31.01 68.61 -3.66
CA ASN D 41 32.27 69.33 -3.86
C ASN D 41 32.91 69.14 -5.21
N TYR D 42 32.10 68.81 -6.20
CA TYR D 42 32.62 68.45 -7.53
C TYR D 42 33.73 67.42 -7.51
N TRP D 43 33.67 66.47 -6.58
CA TRP D 43 34.64 65.38 -6.53
C TRP D 43 36.08 65.90 -6.35
N ASP D 44 36.23 66.95 -5.56
CA ASP D 44 37.52 67.60 -5.39
C ASP D 44 38.14 67.22 -4.05
N GLY D 45 39.30 66.55 -4.11
CA GLY D 45 39.93 65.96 -2.95
C GLY D 45 40.65 66.94 -2.04
N ARG D 46 40.76 68.19 -2.46
CA ARG D 46 41.44 69.18 -1.62
C ARG D 46 40.45 69.97 -0.79
N ARG D 47 39.17 69.76 -1.08
CA ARG D 47 38.13 70.59 -0.50
C ARG D 47 37.77 70.20 0.95
N HIS D 48 37.75 68.90 1.24
CA HIS D 48 37.25 68.40 2.53
C HIS D 48 38.15 67.29 3.13
N PRO D 49 39.42 67.62 3.45
CA PRO D 49 40.24 66.65 4.17
C PRO D 49 39.63 66.30 5.52
N MET D 50 39.70 65.05 5.92
CA MET D 50 39.19 64.64 7.23
C MET D 50 40.30 64.67 8.29
N ARG D 51 39.90 64.64 9.56
CA ARG D 51 40.84 64.50 10.66
C ARG D 51 40.79 63.10 11.26
N LEU D 52 41.97 62.55 11.52
CA LEU D 52 42.15 61.23 12.13
C LEU D 52 42.08 61.25 13.66
N ARG D 53 41.23 60.41 14.25
CA ARG D 53 41.20 60.27 15.69
C ARG D 53 42.14 59.15 16.08
N LYS D 54 43.26 59.50 16.69
CA LYS D 54 44.36 58.55 16.89
C LYS D 54 44.02 57.43 17.85
N GLU D 55 43.19 57.71 18.84
CA GLU D 55 42.81 56.66 19.77
C GLU D 55 42.11 55.51 19.04
N SER D 56 41.39 55.79 17.96
CA SER D 56 40.56 54.74 17.35
C SER D 56 40.89 54.35 15.90
N GLY D 57 41.62 55.18 15.18
CA GLY D 57 41.88 54.93 13.75
C GLY D 57 40.73 55.39 12.85
N ILE D 58 39.83 56.22 13.38
CA ILE D 58 38.67 56.68 12.61
C ILE D 58 38.80 58.12 12.11
N TRP D 59 38.67 58.28 10.80
CA TRP D 59 38.69 59.59 10.15
C TRP D 59 37.27 60.13 10.19
N GLU D 60 37.12 61.39 10.54
CA GLU D 60 35.82 61.98 10.71
C GLU D 60 35.79 63.44 10.23
N LEU D 61 34.66 63.79 9.60
CA LEU D 61 34.38 65.13 9.10
C LEU D 61 32.88 65.39 9.00
N PHE D 62 32.47 66.54 9.51
CA PHE D 62 31.15 67.04 9.31
C PHE D 62 31.14 67.98 8.12
N ILE D 63 30.20 67.81 7.21
CA ILE D 63 30.08 68.72 6.07
C ILE D 63 28.68 69.32 6.05
N PRO D 64 28.56 70.61 6.37
CA PRO D 64 27.26 71.31 6.28
C PRO D 64 26.75 71.24 4.86
N GLY D 65 25.45 71.11 4.66
CA GLY D 65 24.88 71.05 3.31
C GLY D 65 24.90 69.71 2.57
N ALA D 66 25.83 68.81 2.88
CA ALA D 66 25.80 67.51 2.20
C ALA D 66 24.54 66.78 2.67
N HIS D 67 23.82 66.13 1.78
CA HIS D 67 22.50 65.65 2.18
C HIS D 67 22.08 64.36 1.51
N ASN D 68 21.06 63.70 2.06
CA ASN D 68 20.51 62.49 1.48
C ASN D 68 20.30 62.66 -0.03
N GLY D 69 20.59 61.61 -0.80
CA GLY D 69 20.52 61.69 -2.24
C GLY D 69 21.86 61.78 -2.96
N GLN D 70 22.89 62.29 -2.29
CA GLN D 70 24.12 62.63 -3.00
C GLN D 70 25.18 61.55 -2.96
N LEU D 71 25.89 61.39 -4.08
CA LEU D 71 26.95 60.39 -4.21
C LEU D 71 28.26 60.85 -3.58
N TYR D 72 29.06 59.90 -3.10
CA TYR D 72 30.37 60.20 -2.53
C TYR D 72 31.23 58.94 -2.42
N LYS D 73 32.54 59.17 -2.20
CA LYS D 73 33.59 58.19 -1.94
C LYS D 73 34.61 58.82 -0.98
N TYR D 74 35.66 58.07 -0.65
CA TYR D 74 36.79 58.62 0.09
C TYR D 74 37.97 58.63 -0.84
N GLU D 75 38.70 59.73 -0.83
CA GLU D 75 39.93 59.79 -1.57
C GLU D 75 41.05 59.66 -0.56
N MET D 76 41.79 58.57 -0.61
CA MET D 76 42.88 58.44 0.37
C MET D 76 44.27 58.47 -0.25
N ILE D 77 45.25 58.88 0.54
CA ILE D 77 46.63 58.51 0.29
C ILE D 77 46.86 57.36 1.26
N ASP D 78 47.04 56.14 0.76
CA ASP D 78 47.20 54.96 1.63
C ASP D 78 48.55 54.89 2.39
N ALA D 79 48.82 53.76 3.03
CA ALA D 79 50.03 53.61 3.87
C ALA D 79 51.36 53.65 3.08
N ASN D 80 51.33 53.37 1.79
CA ASN D 80 52.53 53.49 0.96
C ASN D 80 52.51 54.74 0.09
N GLY D 81 51.63 55.69 0.40
CA GLY D 81 51.56 56.93 -0.36
C GLY D 81 50.85 56.85 -1.70
N ASN D 82 50.05 55.82 -1.94
CA ASN D 82 49.31 55.74 -3.19
C ASN D 82 47.95 56.44 -3.11
N LEU D 83 47.62 57.19 -4.17
CA LEU D 83 46.30 57.84 -4.30
C LEU D 83 45.22 56.81 -4.70
N ARG D 84 44.12 56.80 -3.95
CA ARG D 84 43.07 55.77 -4.11
C ARG D 84 41.64 56.29 -3.84
N LEU D 85 40.69 55.95 -4.71
CA LEU D 85 39.26 56.17 -4.38
C LEU D 85 38.64 54.92 -3.73
N LYS D 86 37.96 55.11 -2.61
CA LYS D 86 37.37 54.01 -1.89
C LYS D 86 35.84 54.20 -1.77
N SER D 87 35.09 53.12 -1.96
CA SER D 87 33.71 53.03 -1.51
C SER D 87 33.73 52.85 -0.03
N ASP D 88 32.69 53.38 0.61
CA ASP D 88 32.49 53.26 2.03
C ASP D 88 32.08 51.81 2.30
N PRO D 89 32.83 51.10 3.13
CA PRO D 89 32.43 49.72 3.51
C PRO D 89 31.05 49.70 4.16
N TYR D 90 30.65 50.84 4.73
CA TYR D 90 29.36 51.02 5.37
C TYR D 90 28.40 51.79 4.46
N ALA D 91 28.54 51.63 3.15
CA ALA D 91 27.54 52.16 2.24
C ALA D 91 26.17 51.51 2.53
N PHE D 92 25.15 52.33 2.79
CA PHE D 92 23.79 51.82 3.00
C PHE D 92 22.97 51.69 1.71
N GLU D 93 23.55 52.22 0.64
CA GLU D 93 22.97 52.16 -0.70
C GLU D 93 24.06 52.55 -1.70
N ALA D 94 24.11 51.87 -2.82
CA ALA D 94 25.19 52.06 -3.77
C ALA D 94 24.67 52.50 -5.12
N GLN D 95 25.49 53.24 -5.85
CA GLN D 95 25.16 53.63 -7.23
C GLN D 95 24.86 52.38 -8.06
N MET D 96 24.08 52.54 -9.13
N MET D 96 24.06 52.51 -9.12
CA MET D 96 23.84 51.49 -10.11
CA MET D 96 23.83 51.36 -9.99
C MET D 96 25.14 51.18 -10.86
C MET D 96 25.04 51.15 -10.91
N ARG D 97 25.45 49.89 -11.00
CA ARG D 97 26.68 49.47 -11.69
C ARG D 97 27.03 50.20 -13.00
N PRO D 98 28.20 50.88 -13.04
CA PRO D 98 29.14 51.36 -11.98
C PRO D 98 29.24 52.91 -11.87
N GLU D 99 29.93 53.46 -10.86
CA GLU D 99 30.60 52.74 -9.77
C GLU D 99 29.55 51.92 -9.08
N THR D 100 29.72 51.52 -7.82
CA THR D 100 30.83 51.72 -6.84
C THR D 100 30.78 52.90 -5.87
N ALA D 101 30.25 54.05 -6.31
CA ALA D 101 30.08 55.17 -5.41
C ALA D 101 28.94 54.93 -4.42
N SER D 102 29.09 55.44 -3.21
CA SER D 102 28.13 55.23 -2.14
C SER D 102 27.15 56.38 -2.17
N LEU D 103 25.96 56.14 -1.63
CA LEU D 103 24.92 57.17 -1.54
C LEU D 103 24.67 57.52 -0.08
N ILE D 104 24.60 58.80 0.24
CA ILE D 104 24.21 59.25 1.56
C ILE D 104 22.71 58.95 1.71
N CYS D 105 22.33 58.22 2.75
CA CYS D 105 20.90 58.02 2.98
C CYS D 105 20.61 57.65 4.43
N GLY D 106 21.64 57.27 5.17
CA GLY D 106 21.42 56.91 6.58
C GLY D 106 20.64 55.62 6.79
N LEU D 107 20.28 55.37 8.04
CA LEU D 107 19.64 54.12 8.44
C LEU D 107 18.13 54.13 8.24
N PRO D 108 17.54 52.96 7.92
CA PRO D 108 16.11 52.91 8.02
C PRO D 108 15.70 52.85 9.48
N GLU D 109 14.42 53.10 9.75
N GLU D 109 14.42 53.10 9.75
CA GLU D 109 13.89 53.03 11.08
CA GLU D 109 13.88 53.05 11.09
C GLU D 109 13.85 51.57 11.50
C GLU D 109 13.77 51.59 11.52
N LYS D 110 14.12 51.31 12.78
CA LYS D 110 14.04 49.96 13.32
C LYS D 110 12.69 49.28 13.15
N VAL D 111 12.75 47.95 13.07
CA VAL D 111 11.61 47.09 13.00
C VAL D 111 11.61 46.23 14.26
N VAL D 112 10.48 46.19 14.97
CA VAL D 112 10.34 45.27 16.09
C VAL D 112 9.86 43.92 15.55
N GLN D 113 10.56 42.83 15.84
CA GLN D 113 10.07 41.51 15.42
C GLN D 113 8.82 41.16 16.23
N THR D 114 7.77 40.69 15.59
CA THR D 114 6.57 40.39 16.36
C THR D 114 6.70 39.03 17.07
N GLU D 115 5.97 38.83 18.16
CA GLU D 115 5.96 37.53 18.79
C GLU D 115 5.53 36.39 17.82
N GLU D 116 4.64 36.71 16.89
CA GLU D 116 4.18 35.68 15.98
C GLU D 116 5.28 35.24 15.02
N ARG D 117 6.10 36.17 14.56
CA ARG D 117 7.23 35.83 13.69
C ARG D 117 8.36 35.08 14.44
N LYS D 118 8.56 35.39 15.71
CA LYS D 118 9.49 34.62 16.52
C LYS D 118 8.99 33.20 16.76
N LYS D 119 7.69 33.03 17.03
N LYS D 119 7.69 33.03 17.02
CA LYS D 119 7.11 31.72 17.23
CA LYS D 119 7.15 31.70 17.27
C LYS D 119 7.43 30.89 16.01
C LYS D 119 7.23 30.84 16.01
N ALA D 120 7.18 31.48 14.85
CA ALA D 120 7.33 30.79 13.59
C ALA D 120 8.74 30.28 13.29
N ASN D 121 9.77 30.75 14.03
CA ASN D 121 11.15 30.26 13.81
C ASN D 121 11.50 29.10 14.74
N GLN D 122 10.65 28.83 15.73
CA GLN D 122 11.01 27.92 16.80
C GLN D 122 10.98 26.43 16.41
N PHE D 123 11.55 25.61 17.28
CA PHE D 123 11.66 24.17 17.09
C PHE D 123 10.36 23.46 16.80
N ASP D 124 9.28 23.85 17.47
CA ASP D 124 8.01 23.15 17.36
C ASP D 124 7.10 23.76 16.29
N ALA D 125 7.60 24.65 15.45
CA ALA D 125 6.77 25.22 14.38
C ALA D 125 6.90 24.43 13.06
N PRO D 126 5.84 24.43 12.23
CA PRO D 126 6.00 23.90 10.88
C PRO D 126 6.82 24.89 10.11
N ILE D 127 7.99 24.52 9.63
CA ILE D 127 8.80 25.47 8.83
C ILE D 127 9.05 24.86 7.45
N SER D 128 8.53 25.51 6.43
CA SER D 128 8.70 25.06 5.07
C SER D 128 9.15 26.30 4.28
N ILE D 129 10.36 26.23 3.69
CA ILE D 129 11.03 27.36 3.08
C ILE D 129 11.05 27.34 1.55
N TYR D 130 10.72 28.47 0.95
CA TYR D 130 10.84 28.60 -0.49
C TYR D 130 12.14 29.35 -0.74
N GLU D 131 13.12 28.68 -1.31
CA GLU D 131 14.41 29.31 -1.58
C GLU D 131 14.31 29.99 -2.95
N VAL D 132 14.66 31.27 -3.00
CA VAL D 132 14.56 32.07 -4.21
C VAL D 132 15.83 32.87 -4.50
N HIS D 133 16.24 32.88 -5.77
CA HIS D 133 17.21 33.83 -6.29
C HIS D 133 16.42 34.93 -7.04
N LEU D 134 16.36 36.14 -6.46
CA LEU D 134 15.52 37.20 -7.00
C LEU D 134 15.76 37.52 -8.47
N GLY D 135 16.99 37.33 -8.93
CA GLY D 135 17.32 37.68 -10.30
C GLY D 135 16.90 36.69 -11.36
N SER D 136 16.35 35.54 -10.99
CA SER D 136 15.98 34.58 -12.02
C SER D 136 14.66 33.82 -11.78
N TRP D 137 13.83 34.36 -10.89
CA TRP D 137 12.55 33.74 -10.58
C TRP D 137 11.55 33.91 -11.73
N ARG D 138 11.39 35.16 -12.18
CA ARG D 138 10.56 35.50 -13.32
C ARG D 138 11.18 36.70 -14.04
N ARG D 139 10.97 36.83 -15.34
CA ARG D 139 11.40 38.03 -16.07
C ARG D 139 10.25 38.60 -16.87
N HIS D 140 10.34 39.88 -17.23
CA HIS D 140 9.40 40.46 -18.18
C HIS D 140 9.55 39.79 -19.57
N THR D 141 8.45 39.55 -20.28
CA THR D 141 8.53 38.80 -21.55
C THR D 141 9.27 39.46 -22.71
N ASP D 142 9.03 40.76 -22.96
CA ASP D 142 9.85 41.46 -23.96
C ASP D 142 10.68 42.50 -23.24
N ASN D 143 12.02 42.35 -23.29
CA ASN D 143 12.91 42.93 -22.31
C ASN D 143 13.82 41.82 -21.77
N ASN D 144 13.19 40.76 -21.29
CA ASN D 144 13.86 39.82 -20.38
C ASN D 144 14.39 40.50 -19.10
N PHE D 145 13.91 41.70 -18.81
CA PHE D 145 14.30 42.47 -17.63
C PHE D 145 13.90 41.81 -16.33
N TRP D 146 14.64 42.12 -15.27
CA TRP D 146 14.32 41.69 -13.93
C TRP D 146 13.00 42.29 -13.47
N LEU D 147 12.28 41.59 -12.60
CA LEU D 147 11.22 42.24 -11.84
C LEU D 147 11.87 43.14 -10.77
N SER D 148 11.22 44.24 -10.41
CA SER D 148 11.71 45.08 -9.34
C SER D 148 11.29 44.49 -7.98
N TYR D 149 11.78 45.06 -6.88
CA TYR D 149 11.37 44.62 -5.53
C TYR D 149 9.85 44.76 -5.34
N ARG D 150 9.26 45.81 -5.90
CA ARG D 150 7.83 46.07 -5.79
C ARG D 150 7.01 45.10 -6.59
N GLU D 151 7.46 44.77 -7.79
CA GLU D 151 6.84 43.70 -8.57
C GLU D 151 6.94 42.35 -7.87
N LEU D 152 8.10 42.07 -7.24
CA LEU D 152 8.29 40.85 -6.46
C LEU D 152 7.37 40.84 -5.25
N ALA D 153 7.16 42.00 -4.65
CA ALA D 153 6.15 42.16 -3.60
C ALA D 153 4.73 41.81 -4.08
N ASP D 154 4.38 42.12 -5.33
CA ASP D 154 3.05 41.78 -5.85
C ASP D 154 2.94 40.39 -6.48
N GLN D 155 4.06 39.75 -6.76
CA GLN D 155 3.99 38.44 -7.44
C GLN D 155 4.62 37.31 -6.66
N LEU D 156 5.81 37.49 -6.14
CA LEU D 156 6.50 36.40 -5.46
C LEU D 156 5.80 36.10 -4.12
N VAL D 157 5.43 37.18 -3.41
CA VAL D 157 4.87 37.06 -2.06
C VAL D 157 3.48 36.39 -2.06
N PRO D 158 2.54 36.86 -2.88
CA PRO D 158 1.27 36.11 -2.94
C PRO D 158 1.42 34.64 -3.37
N TYR D 159 2.42 34.35 -4.19
CA TYR D 159 2.59 33.03 -4.73
C TYR D 159 3.14 32.13 -3.65
N ALA D 160 4.15 32.60 -2.90
CA ALA D 160 4.73 31.74 -1.87
C ALA D 160 3.68 31.49 -0.81
N LYS D 161 2.81 32.48 -0.58
CA LYS D 161 1.72 32.34 0.39
C LYS D 161 0.62 31.34 -0.03
N TRP D 162 0.13 31.50 -1.26
CA TRP D 162 -0.80 30.57 -1.86
C TRP D 162 -0.31 29.11 -1.75
N MET D 163 0.95 28.90 -2.10
CA MET D 163 1.60 27.58 -2.07
C MET D 163 1.77 27.01 -0.65
N GLY D 164 1.57 27.86 0.36
CA GLY D 164 1.58 27.40 1.74
C GLY D 164 2.93 27.30 2.40
N PHE D 165 3.95 27.99 1.86
CA PHE D 165 5.26 28.09 2.56
C PHE D 165 5.14 29.05 3.76
N THR D 166 5.95 28.83 4.79
CA THR D 166 5.91 29.71 5.95
C THR D 166 7.02 30.74 5.85
N HIS D 167 8.05 30.43 5.07
CA HIS D 167 9.26 31.23 5.00
C HIS D 167 9.73 31.40 3.60
N LEU D 168 10.33 32.56 3.35
CA LEU D 168 10.97 32.85 2.10
C LEU D 168 12.48 32.96 2.35
N GLU D 169 13.30 32.17 1.66
CA GLU D 169 14.76 32.34 1.81
C GLU D 169 15.35 32.99 0.56
N LEU D 170 16.01 34.13 0.74
CA LEU D 170 16.61 34.84 -0.38
C LEU D 170 18.12 34.58 -0.54
N LEU D 171 18.55 34.16 -1.72
CA LEU D 171 19.97 34.17 -2.01
C LEU D 171 20.51 35.61 -1.80
N PRO D 172 21.80 35.74 -1.50
CA PRO D 172 22.27 37.03 -0.97
C PRO D 172 21.81 38.24 -1.77
N ILE D 173 21.38 39.27 -1.04
CA ILE D 173 20.96 40.50 -1.71
C ILE D 173 21.92 41.65 -1.46
N ASN D 174 23.00 41.37 -0.74
CA ASN D 174 24.05 42.38 -0.58
C ASN D 174 24.55 42.76 -1.97
N GLU D 175 24.99 44.01 -2.14
CA GLU D 175 25.45 44.44 -3.46
C GLU D 175 26.59 43.54 -3.96
N HIS D 176 26.51 43.13 -5.22
CA HIS D 176 27.56 42.28 -5.83
C HIS D 176 27.69 42.57 -7.30
N PRO D 177 28.93 42.62 -7.79
CA PRO D 177 29.07 43.08 -9.16
C PRO D 177 28.79 42.04 -10.24
N PHE D 178 28.85 40.75 -9.91
CA PHE D 178 28.69 39.76 -10.98
C PHE D 178 27.51 38.83 -10.74
N ASP D 179 26.56 38.83 -11.68
CA ASP D 179 25.34 38.04 -11.55
C ASP D 179 25.67 36.58 -11.26
N GLY D 180 26.71 36.07 -11.95
CA GLY D 180 27.12 34.66 -11.90
C GLY D 180 27.66 34.20 -10.56
N SER D 181 27.93 35.14 -9.64
CA SER D 181 28.25 34.75 -8.27
C SER D 181 26.98 34.41 -7.49
N TRP D 182 25.83 34.85 -8.00
CA TRP D 182 24.54 34.62 -7.31
C TRP D 182 24.42 35.42 -6.02
N GLY D 183 25.38 36.30 -5.75
CA GLY D 183 25.41 37.07 -4.49
C GLY D 183 26.50 36.62 -3.52
N TYR D 184 27.14 35.48 -3.78
CA TYR D 184 28.13 34.94 -2.81
C TYR D 184 29.51 35.61 -2.88
N GLN D 185 29.70 36.52 -3.84
CA GLN D 185 30.90 37.36 -3.90
C GLN D 185 30.51 38.86 -3.83
N PRO D 186 30.34 39.40 -2.60
CA PRO D 186 29.83 40.74 -2.39
C PRO D 186 30.86 41.84 -2.53
N THR D 187 30.41 43.07 -2.75
CA THR D 187 31.29 44.22 -2.67
C THR D 187 30.84 45.23 -1.64
N GLY D 188 29.56 45.20 -1.29
CA GLY D 188 29.01 46.07 -0.26
C GLY D 188 28.07 45.31 0.65
N LEU D 189 28.58 44.98 1.83
CA LEU D 189 27.81 44.22 2.80
C LEU D 189 26.54 44.90 3.33
N TYR D 190 26.50 46.23 3.34
CA TYR D 190 25.40 46.95 3.99
C TYR D 190 24.38 47.56 3.00
N ALA D 191 24.55 47.29 1.71
CA ALA D 191 23.71 47.87 0.67
C ALA D 191 22.96 46.78 -0.08
N PRO D 192 21.62 46.78 -0.04
CA PRO D 192 20.91 45.78 -0.84
C PRO D 192 21.15 46.09 -2.28
N THR D 193 21.28 45.06 -3.13
CA THR D 193 21.64 45.26 -4.54
C THR D 193 20.70 46.22 -5.25
N ARG D 194 21.26 47.00 -6.15
CA ARG D 194 20.51 48.00 -6.85
C ARG D 194 19.86 47.45 -8.13
N ARG D 195 20.07 46.16 -8.41
CA ARG D 195 19.41 45.54 -9.55
C ARG D 195 17.88 45.73 -9.55
N PHE D 196 17.25 45.59 -8.39
CA PHE D 196 15.81 45.52 -8.31
C PHE D 196 15.15 46.76 -7.73
N GLY D 197 15.91 47.83 -7.54
CA GLY D 197 15.37 49.07 -7.01
C GLY D 197 16.20 49.57 -5.83
N THR D 198 15.63 50.45 -5.03
CA THR D 198 16.37 51.11 -3.98
C THR D 198 16.23 50.33 -2.68
N ARG D 199 16.90 50.81 -1.63
CA ARG D 199 16.85 50.11 -0.35
C ARG D 199 15.48 50.20 0.30
N ASP D 200 14.72 51.26 0.02
CA ASP D 200 13.31 51.38 0.49
C ASP D 200 12.35 50.46 -0.28
N ASP D 201 12.56 50.29 -1.59
CA ASP D 201 11.87 49.22 -2.35
C ASP D 201 12.06 47.84 -1.70
N PHE D 202 13.31 47.51 -1.32
CA PHE D 202 13.60 46.25 -0.62
C PHE D 202 12.90 46.15 0.74
N ARG D 203 12.93 47.24 1.50
CA ARG D 203 12.24 47.31 2.78
C ARG D 203 10.76 47.03 2.53
N TYR D 204 10.22 47.66 1.48
CA TYR D 204 8.82 47.48 1.02
C TYR D 204 8.49 46.02 0.69
N PHE D 205 9.39 45.35 -0.02
CA PHE D 205 9.25 43.92 -0.26
C PHE D 205 9.21 43.13 1.06
N ILE D 206 10.18 43.35 1.98
CA ILE D 206 10.14 42.69 3.29
C ILE D 206 8.81 42.89 4.02
N ASP D 207 8.38 44.14 4.22
CA ASP D 207 7.08 44.45 4.82
C ASP D 207 5.89 43.72 4.15
N ALA D 208 5.92 43.56 2.84
CA ALA D 208 4.85 42.84 2.14
C ALA D 208 4.88 41.37 2.54
N ALA D 209 6.10 40.80 2.62
CA ALA D 209 6.24 39.40 3.07
C ALA D 209 5.66 39.26 4.46
N HIS D 210 6.08 40.13 5.35
CA HIS D 210 5.50 40.15 6.69
C HIS D 210 3.96 40.29 6.69
N ALA D 211 3.41 41.15 5.84
CA ALA D 211 1.94 41.35 5.84
C ALA D 211 1.15 40.15 5.26
N ALA D 212 1.82 39.32 4.45
CA ALA D 212 1.22 38.10 3.93
C ALA D 212 1.44 36.94 4.92
N GLY D 213 1.97 37.26 6.11
CA GLY D 213 2.26 36.24 7.10
C GLY D 213 3.39 35.27 6.77
N LEU D 214 4.40 35.74 6.02
CA LEU D 214 5.65 34.98 5.76
C LEU D 214 6.83 35.53 6.55
N ASN D 215 7.71 34.64 7.05
CA ASN D 215 9.01 35.05 7.61
C ASN D 215 10.03 35.10 6.48
N VAL D 216 11.03 35.96 6.63
CA VAL D 216 12.07 36.05 5.59
C VAL D 216 13.44 35.65 6.12
N ILE D 217 14.10 34.75 5.43
CA ILE D 217 15.43 34.32 5.76
C ILE D 217 16.39 34.91 4.76
N LEU D 218 17.52 35.43 5.24
CA LEU D 218 18.50 36.01 4.35
C LEU D 218 19.78 35.16 4.36
N ASP D 219 20.25 34.80 3.17
CA ASP D 219 21.55 34.21 3.04
C ASP D 219 22.57 35.28 3.36
N TRP D 220 23.43 35.02 4.36
CA TRP D 220 24.33 36.03 4.84
C TRP D 220 25.78 35.58 4.54
N VAL D 221 26.70 36.49 4.21
CA VAL D 221 28.01 36.06 3.71
C VAL D 221 29.20 36.61 4.49
N PRO D 222 29.41 36.13 5.73
CA PRO D 222 30.60 36.51 6.47
C PRO D 222 31.80 35.61 6.12
N GLY D 223 31.56 34.60 5.31
CA GLY D 223 32.62 33.70 4.90
C GLY D 223 33.35 34.05 3.60
N HIS D 224 32.79 34.94 2.78
CA HIS D 224 33.43 35.25 1.49
C HIS D 224 33.95 36.70 1.40
N PHE D 225 35.26 36.86 1.57
CA PHE D 225 35.87 38.17 1.55
C PHE D 225 35.73 38.77 0.16
N PRO D 226 35.36 40.06 0.09
CA PRO D 226 35.22 40.77 -1.20
C PRO D 226 36.46 40.66 -2.08
N THR D 227 36.31 40.17 -3.30
CA THR D 227 37.45 40.06 -4.21
C THR D 227 37.39 41.06 -5.39
N ASP D 228 36.20 41.52 -5.76
CA ASP D 228 36.03 42.39 -6.93
C ASP D 228 36.24 43.90 -6.66
N ASP D 229 36.38 44.68 -7.73
CA ASP D 229 36.58 46.15 -7.69
C ASP D 229 37.44 46.69 -6.54
N PHE D 230 38.31 45.86 -5.96
CA PHE D 230 39.12 46.28 -4.81
C PHE D 230 38.28 46.96 -3.72
N ALA D 231 37.13 46.38 -3.39
CA ALA D 231 36.21 46.97 -2.43
C ALA D 231 36.76 47.06 -0.99
N LEU D 232 37.43 46.01 -0.54
CA LEU D 232 37.80 45.95 0.87
C LEU D 232 39.26 45.53 1.13
N ALA D 233 39.88 44.90 0.13
CA ALA D 233 41.28 44.44 0.25
C ALA D 233 42.26 45.58 0.43
N GLU D 234 43.24 45.39 1.30
CA GLU D 234 44.27 46.40 1.47
C GLU D 234 43.65 47.78 1.64
N PHE D 235 42.60 47.87 2.46
CA PHE D 235 41.84 49.10 2.60
C PHE D 235 42.65 50.37 2.86
N ASP D 236 43.58 50.36 3.81
CA ASP D 236 44.33 51.59 4.09
C ASP D 236 45.78 51.48 3.59
N GLY D 237 46.01 50.63 2.60
CA GLY D 237 47.37 50.30 2.20
C GLY D 237 48.03 49.17 2.99
N THR D 238 47.35 48.64 3.99
CA THR D 238 47.83 47.49 4.75
C THR D 238 46.71 46.48 4.72
N ASN D 239 46.97 45.28 5.22
CA ASN D 239 45.95 44.25 5.28
C ASN D 239 45.05 44.54 6.47
N LEU D 240 43.95 45.23 6.21
CA LEU D 240 43.18 45.81 7.29
C LEU D 240 42.10 44.85 7.74
N TYR D 241 41.27 44.43 6.79
CA TYR D 241 40.15 43.55 7.07
C TYR D 241 40.55 42.10 6.85
N GLU D 242 41.62 41.89 6.08
CA GLU D 242 41.97 40.55 5.64
C GLU D 242 43.33 40.15 6.24
N HIS D 243 43.57 38.84 6.30
CA HIS D 243 44.84 38.31 6.80
C HIS D 243 45.99 38.54 5.84
N SER D 244 47.12 38.96 6.39
CA SER D 244 48.31 39.10 5.57
C SER D 244 48.76 37.73 5.05
N ASN D 255 46.28 35.77 -4.16
CA ASN D 255 44.89 36.08 -3.83
C ASN D 255 44.26 35.16 -2.76
N THR D 256 42.99 34.81 -2.96
CA THR D 256 42.17 34.05 -2.00
C THR D 256 42.33 34.56 -0.54
N LEU D 257 41.75 35.72 -0.27
CA LEU D 257 41.84 36.27 1.07
C LEU D 257 40.65 35.98 1.98
N ILE D 258 40.89 36.15 3.28
CA ILE D 258 39.94 35.74 4.29
C ILE D 258 39.97 36.82 5.35
N TYR D 259 38.83 37.09 5.96
CA TYR D 259 38.78 38.12 6.99
C TYR D 259 39.73 37.80 8.13
N ASN D 260 40.24 38.83 8.75
CA ASN D 260 40.93 38.72 10.02
C ASN D 260 39.86 38.78 11.10
N TYR D 261 39.09 37.70 11.21
CA TYR D 261 38.05 37.52 12.23
C TYR D 261 38.53 37.91 13.63
N GLY D 262 39.76 37.50 13.97
CA GLY D 262 40.37 37.80 15.26
C GLY D 262 40.57 39.27 15.56
N ARG D 263 40.38 40.12 14.56
CA ARG D 263 40.55 41.56 14.76
C ARG D 263 39.23 42.25 15.15
N ARG D 264 39.24 42.88 16.32
CA ARG D 264 38.06 43.45 16.95
C ARG D 264 37.19 44.30 16.01
N GLU D 265 37.79 45.24 15.29
CA GLU D 265 37.01 46.09 14.39
C GLU D 265 36.40 45.35 13.19
N VAL D 266 37.02 44.23 12.80
CA VAL D 266 36.58 43.43 11.66
C VAL D 266 35.44 42.55 12.15
N SER D 267 35.61 42.01 13.34
CA SER D 267 34.55 41.31 14.02
C SER D 267 33.27 42.19 14.23
N ASN D 268 33.41 43.43 14.69
CA ASN D 268 32.27 44.33 14.84
C ASN D 268 31.61 44.64 13.51
N PHE D 269 32.44 44.82 12.50
CA PHE D 269 31.99 45.02 11.14
C PHE D 269 31.02 43.94 10.75
N LEU D 270 31.39 42.67 11.00
CA LEU D 270 30.54 41.52 10.59
C LEU D 270 29.35 41.25 11.50
N VAL D 271 29.54 41.24 12.80
CA VAL D 271 28.44 41.11 13.73
C VAL D 271 27.45 42.26 13.54
N GLY D 272 27.98 43.49 13.44
CA GLY D 272 27.15 44.64 13.18
C GLY D 272 26.27 44.38 11.97
N ASN D 273 26.83 43.74 10.94
CA ASN D 273 26.08 43.55 9.70
C ASN D 273 24.90 42.60 9.89
N ALA D 274 25.13 41.50 10.60
CA ALA D 274 24.04 40.62 10.99
C ALA D 274 22.90 41.42 11.72
N LEU D 275 23.26 42.18 12.74
CA LEU D 275 22.35 42.99 13.54
C LEU D 275 21.60 44.04 12.70
N TYR D 276 22.31 44.69 11.78
CA TYR D 276 21.71 45.61 10.83
C TYR D 276 20.54 44.99 10.03
N TRP D 277 20.74 43.78 9.46
CA TRP D 277 19.72 43.22 8.57
C TRP D 277 18.47 42.90 9.38
N ILE D 278 18.66 42.29 10.55
CA ILE D 278 17.56 41.97 11.45
C ILE D 278 16.82 43.19 12.00
N GLU D 279 17.55 44.16 12.54
CA GLU D 279 16.91 45.28 13.22
C GLU D 279 16.47 46.42 12.28
N ARG D 280 17.18 46.65 11.19
CA ARG D 280 16.82 47.77 10.29
C ARG D 280 15.99 47.30 9.09
N PHE D 281 16.06 46.00 8.79
CA PHE D 281 15.24 45.45 7.72
C PHE D 281 14.14 44.47 8.15
N GLY D 282 14.11 44.08 9.41
CA GLY D 282 13.11 43.14 9.89
C GLY D 282 13.27 41.72 9.36
N ILE D 283 14.45 41.36 8.84
CA ILE D 283 14.61 39.98 8.42
C ILE D 283 14.65 39.05 9.64
N ASP D 284 14.13 37.83 9.51
CA ASP D 284 13.77 37.05 10.67
C ASP D 284 14.79 35.98 11.00
N ALA D 285 15.75 35.78 10.08
CA ALA D 285 16.65 34.69 10.23
C ALA D 285 17.79 34.85 9.25
N LEU D 286 18.92 34.24 9.56
CA LEU D 286 20.09 34.39 8.70
C LEU D 286 20.61 33.00 8.40
N ARG D 287 20.98 32.77 7.15
CA ARG D 287 21.67 31.52 6.85
C ARG D 287 23.12 31.78 6.46
N VAL D 288 24.05 31.04 7.05
CA VAL D 288 25.50 31.12 6.67
C VAL D 288 25.86 29.91 5.82
N ASP D 289 26.30 30.11 4.58
CA ASP D 289 26.65 29.01 3.67
C ASP D 289 28.14 28.75 3.87
N ALA D 290 28.58 27.55 3.49
CA ALA D 290 30.00 27.23 3.38
C ALA D 290 30.79 27.43 4.68
N VAL D 291 30.19 27.11 5.82
CA VAL D 291 30.90 27.16 7.12
C VAL D 291 32.21 26.36 7.15
N ALA D 292 32.28 25.27 6.37
CA ALA D 292 33.50 24.47 6.29
C ALA D 292 34.69 25.31 5.84
N SER D 293 34.47 26.19 4.85
CA SER D 293 35.58 26.98 4.35
C SER D 293 35.99 28.06 5.34
N MET D 294 35.11 28.41 6.26
CA MET D 294 35.51 29.34 7.32
C MET D 294 36.39 28.63 8.36
N ILE D 295 36.03 27.39 8.70
CA ILE D 295 36.61 26.80 9.89
C ILE D 295 37.79 25.89 9.63
N TYR D 296 38.05 25.60 8.36
CA TYR D 296 39.12 24.70 7.95
C TYR D 296 40.11 25.40 7.03
N ARG D 297 41.36 25.45 7.46
CA ARG D 297 42.43 26.11 6.70
C ARG D 297 42.68 25.46 5.34
N ASP D 298 42.63 24.13 5.25
CA ASP D 298 42.65 23.46 3.95
C ASP D 298 41.35 23.72 3.16
N TYR D 299 41.30 24.82 2.42
CA TYR D 299 40.11 25.23 1.64
C TYR D 299 38.79 25.29 2.44
N ASN D 309 49.24 26.45 11.15
CA ASN D 309 48.16 25.51 10.91
C ASN D 309 48.23 24.22 11.74
N GLU D 310 48.02 24.31 13.06
CA GLU D 310 47.94 25.57 13.80
C GLU D 310 48.32 25.30 15.27
N PHE D 311 48.10 24.06 15.70
CA PHE D 311 48.74 23.48 16.91
C PHE D 311 48.06 22.21 17.47
N GLY D 312 48.02 21.13 16.69
CA GLY D 312 48.55 21.12 15.31
C GLY D 312 47.48 20.84 14.27
N GLY D 313 46.23 21.09 14.65
CA GLY D 313 45.07 20.79 13.80
C GLY D 313 44.92 21.57 12.51
N ARG D 314 43.78 21.36 11.86
CA ARG D 314 43.46 21.99 10.58
C ARG D 314 42.34 23.04 10.75
N GLU D 315 41.66 22.99 11.89
CA GLU D 315 40.61 23.95 12.26
C GLU D 315 41.17 25.35 12.51
N ASN D 316 40.45 26.35 12.02
CA ASN D 316 40.77 27.77 12.20
C ASN D 316 40.12 28.30 13.48
N LEU D 317 40.91 28.46 14.53
CA LEU D 317 40.40 28.78 15.85
C LEU D 317 39.67 30.13 15.90
N GLU D 318 40.23 31.14 15.25
CA GLU D 318 39.59 32.47 15.16
C GLU D 318 38.23 32.44 14.47
N ALA D 319 38.09 31.65 13.41
CA ALA D 319 36.85 31.53 12.70
C ALA D 319 35.82 30.84 13.55
N ILE D 320 36.25 29.80 14.27
CA ILE D 320 35.36 29.11 15.20
C ILE D 320 34.92 30.07 16.31
N GLU D 321 35.86 30.84 16.86
CA GLU D 321 35.50 31.77 17.91
C GLU D 321 34.53 32.84 17.39
N PHE D 322 34.70 33.28 16.14
CA PHE D 322 33.85 34.32 15.59
C PHE D 322 32.41 33.85 15.40
N LEU D 323 32.21 32.60 14.95
CA LEU D 323 30.87 32.03 14.80
C LEU D 323 30.20 31.77 16.15
N ARG D 324 30.96 31.24 17.10
CA ARG D 324 30.49 31.08 18.46
C ARG D 324 30.01 32.40 19.08
N ASN D 325 30.82 33.45 18.95
CA ASN D 325 30.55 34.72 19.55
C ASN D 325 29.39 35.43 18.86
N THR D 326 29.29 35.30 17.54
CA THR D 326 28.24 35.92 16.75
C THR D 326 26.87 35.35 17.16
N ASN D 327 26.76 34.01 17.18
CA ASN D 327 25.56 33.37 17.70
C ASN D 327 25.30 33.75 19.16
N ARG D 328 26.31 33.97 19.97
CA ARG D 328 26.01 34.35 21.35
C ARG D 328 25.35 35.75 21.34
N ILE D 329 25.90 36.67 20.54
CA ILE D 329 25.42 38.03 20.50
C ILE D 329 24.01 38.15 19.89
N LEU D 330 23.79 37.60 18.71
CA LEU D 330 22.42 37.39 18.24
C LEU D 330 21.93 36.46 19.31
N GLY D 331 20.72 36.51 19.78
CA GLY D 331 20.59 35.47 20.83
C GLY D 331 20.33 36.19 22.13
N GLU D 332 21.26 37.06 22.51
CA GLU D 332 21.00 38.03 23.56
C GLU D 332 20.35 39.32 23.00
N GLN D 333 20.68 39.72 21.77
CA GLN D 333 20.28 41.02 21.21
C GLN D 333 18.97 40.99 20.41
N VAL D 334 18.75 39.91 19.67
CA VAL D 334 17.56 39.70 18.85
C VAL D 334 17.02 38.27 19.00
N SER D 335 16.81 37.88 20.25
CA SER D 335 16.19 36.61 20.60
C SER D 335 14.88 36.39 19.81
N GLY D 336 14.68 35.20 19.27
CA GLY D 336 13.53 34.97 18.39
C GLY D 336 13.99 34.85 16.95
N ALA D 337 15.15 35.44 16.67
CA ALA D 337 15.74 35.47 15.34
C ALA D 337 16.80 34.40 15.13
N VAL D 338 16.47 33.32 14.44
CA VAL D 338 17.36 32.16 14.38
C VAL D 338 18.46 32.28 13.30
N THR D 339 19.52 31.48 13.45
CA THR D 339 20.58 31.34 12.46
C THR D 339 20.66 29.87 12.00
N MET D 340 20.94 29.67 10.71
CA MET D 340 20.99 28.33 10.13
C MET D 340 22.34 28.20 9.42
N ALA D 341 22.95 27.01 9.49
CA ALA D 341 24.27 26.80 8.86
C ALA D 341 24.27 25.63 7.87
N GLU D 342 25.09 25.76 6.84
CA GLU D 342 25.42 24.63 5.97
C GLU D 342 26.90 24.38 6.19
N GLU D 343 27.22 23.21 6.71
CA GLU D 343 28.60 22.80 7.00
C GLU D 343 28.69 21.44 6.36
N SER D 344 29.77 21.15 5.62
CA SER D 344 29.76 19.96 4.75
C SER D 344 30.79 18.91 5.11
N THR D 345 31.61 19.15 6.10
CA THR D 345 32.45 18.07 6.60
C THR D 345 31.48 17.52 7.61
N ASP D 346 31.90 16.88 8.69
CA ASP D 346 30.88 16.56 9.70
C ASP D 346 31.30 17.10 11.08
N PHE D 347 31.46 18.42 11.14
CA PHE D 347 31.92 19.08 12.37
C PHE D 347 30.83 18.89 13.43
N PRO D 348 31.21 18.36 14.59
CA PRO D 348 30.15 18.10 15.54
C PRO D 348 29.56 19.36 16.14
N GLY D 349 28.28 19.29 16.49
CA GLY D 349 27.66 20.32 17.29
C GLY D 349 27.44 21.64 16.59
N VAL D 350 27.29 21.60 15.26
CA VAL D 350 27.01 22.86 14.55
C VAL D 350 25.74 23.56 15.12
N SER D 351 24.67 22.80 15.38
CA SER D 351 23.49 23.42 15.97
C SER D 351 23.39 23.21 17.48
N ARG D 352 24.54 23.08 18.15
CA ARG D 352 24.57 22.89 19.59
C ARG D 352 25.16 24.11 20.30
N PRO D 353 24.70 24.39 21.52
CA PRO D 353 25.21 25.56 22.27
C PRO D 353 26.73 25.57 22.40
N GLN D 354 27.32 26.77 22.32
CA GLN D 354 28.74 27.01 22.52
C GLN D 354 29.42 26.40 23.77
N ASP D 355 28.77 26.44 24.94
CA ASP D 355 29.41 25.89 26.13
C ASP D 355 29.70 24.40 26.01
N MET D 356 28.94 23.72 25.17
CA MET D 356 29.11 22.27 25.04
C MET D 356 29.94 21.94 23.80
N GLY D 357 30.73 22.92 23.36
CA GLY D 357 31.64 22.75 22.25
C GLY D 357 31.01 22.96 20.87
N GLY D 358 29.75 23.41 20.83
CA GLY D 358 29.11 23.65 19.55
C GLY D 358 29.42 25.02 18.96
N LEU D 359 28.93 25.25 17.75
CA LEU D 359 29.03 26.55 17.10
C LEU D 359 27.88 27.50 17.44
N GLY D 360 26.84 26.99 18.11
CA GLY D 360 25.70 27.84 18.49
C GLY D 360 24.62 28.16 17.45
N PHE D 361 24.68 27.58 16.25
CA PHE D 361 23.58 27.74 15.28
C PHE D 361 22.31 27.12 15.83
N TRP D 362 21.15 27.48 15.26
CA TRP D 362 19.87 26.95 15.70
C TRP D 362 19.48 25.74 14.83
N TYR D 363 19.78 25.84 13.53
CA TYR D 363 19.47 24.79 12.59
C TYR D 363 20.71 24.48 11.73
N LYS D 364 20.77 23.27 11.22
CA LYS D 364 21.75 22.90 10.22
C LYS D 364 21.11 22.19 9.00
N TRP D 365 21.64 22.46 7.81
CA TRP D 365 21.20 21.76 6.61
C TRP D 365 21.62 20.29 6.70
N ASN D 366 20.69 19.39 6.38
CA ASN D 366 21.00 17.95 6.41
C ASN D 366 21.53 17.45 5.05
N LEU D 367 22.79 17.69 4.75
CA LEU D 367 23.32 17.37 3.43
C LEU D 367 23.43 15.86 3.25
N GLY D 368 23.75 15.17 4.33
CA GLY D 368 23.80 13.72 4.28
C GLY D 368 22.46 13.12 3.92
N TRP D 369 21.38 13.70 4.44
CA TRP D 369 20.07 13.21 4.09
C TRP D 369 19.81 13.41 2.61
N MET D 370 20.17 14.58 2.09
CA MET D 370 19.99 14.93 0.69
C MET D 370 20.72 13.98 -0.27
N HIS D 371 22.02 13.81 -0.06
CA HIS D 371 22.81 12.85 -0.81
C HIS D 371 22.25 11.42 -0.73
N ASP D 372 21.94 10.98 0.48
CA ASP D 372 21.39 9.66 0.68
C ASP D 372 20.07 9.42 -0.04
N THR D 373 19.09 10.31 0.15
CA THR D 373 17.77 10.06 -0.43
C THR D 373 17.81 10.26 -1.96
N LEU D 374 18.66 11.17 -2.41
CA LEU D 374 18.80 11.44 -3.83
C LEU D 374 19.50 10.28 -4.57
N ASP D 375 20.47 9.66 -3.89
CA ASP D 375 21.15 8.48 -4.41
C ASP D 375 20.18 7.31 -4.49
N TYR D 376 19.30 7.17 -3.51
CA TYR D 376 18.33 6.09 -3.49
C TYR D 376 17.30 6.23 -4.62
N MET D 377 16.76 7.44 -4.79
CA MET D 377 15.82 7.78 -5.85
C MET D 377 16.48 7.62 -7.23
N LYS D 378 17.71 8.07 -7.38
CA LYS D 378 18.44 7.83 -8.64
C LYS D 378 18.40 6.34 -9.05
N LEU D 379 18.39 5.42 -8.10
CA LEU D 379 18.42 4.01 -8.45
C LEU D 379 17.14 3.54 -9.11
N ASP D 380 17.28 2.64 -10.08
CA ASP D 380 16.14 1.91 -10.58
C ASP D 380 15.54 1.07 -9.44
N PRO D 381 14.20 0.95 -9.40
CA PRO D 381 13.53 0.12 -8.40
C PRO D 381 14.03 -1.32 -8.21
N VAL D 382 14.38 -2.04 -9.29
CA VAL D 382 14.93 -3.39 -9.13
C VAL D 382 16.16 -3.43 -8.22
N TYR D 383 16.87 -2.31 -8.04
CA TYR D 383 18.05 -2.31 -7.17
C TYR D 383 17.77 -1.72 -5.79
N ARG D 384 16.63 -1.06 -5.65
CA ARG D 384 16.36 -0.36 -4.40
C ARG D 384 16.46 -1.27 -3.15
N GLN D 385 16.09 -2.54 -3.29
CA GLN D 385 16.12 -3.48 -2.15
C GLN D 385 17.52 -3.62 -1.55
N TYR D 386 18.56 -3.25 -2.30
CA TYR D 386 19.90 -3.42 -1.81
C TYR D 386 20.41 -2.15 -1.13
N HIS D 387 19.66 -1.06 -1.22
CA HIS D 387 20.14 0.19 -0.67
C HIS D 387 19.11 0.82 0.28
N HIS D 388 18.31 -0.04 0.88
CA HIS D 388 17.29 0.33 1.86
C HIS D 388 17.83 1.30 2.93
N ASP D 389 19.02 1.03 3.44
CA ASP D 389 19.66 1.81 4.50
C ASP D 389 19.81 3.28 4.15
N LYS D 390 19.76 3.59 2.85
CA LYS D 390 19.84 4.97 2.42
C LYS D 390 18.64 5.77 2.95
N LEU D 391 17.54 5.07 3.22
CA LEU D 391 16.35 5.73 3.71
C LEU D 391 16.20 5.63 5.24
N THR D 392 16.78 4.61 5.85
CA THR D 392 16.66 4.43 7.29
C THR D 392 17.79 5.03 8.14
N PHE D 393 18.93 5.31 7.52
CA PHE D 393 20.10 5.80 8.23
C PHE D 393 19.81 7.15 8.89
N GLY D 394 19.08 8.03 8.18
CA GLY D 394 18.73 9.36 8.69
C GLY D 394 18.31 9.41 10.15
N ILE D 395 17.47 8.46 10.55
CA ILE D 395 16.99 8.44 11.92
C ILE D 395 18.14 8.31 12.92
N LEU D 396 19.12 7.47 12.62
CA LEU D 396 20.25 7.24 13.53
C LEU D 396 20.99 8.50 14.00
N TYR D 397 21.25 9.48 13.13
CA TYR D 397 21.90 10.73 13.59
C TYR D 397 20.97 11.93 13.73
N ASN D 398 19.67 11.71 13.56
CA ASN D 398 18.73 12.81 13.57
C ASN D 398 18.68 13.67 14.86
N TYR D 399 19.01 13.09 16.00
CA TYR D 399 18.94 13.82 17.27
C TYR D 399 20.28 14.51 17.59
N THR D 400 21.23 14.50 16.65
CA THR D 400 22.54 15.12 16.92
C THR D 400 22.55 16.59 16.51
N GLU D 401 21.61 16.99 15.65
CA GLU D 401 21.49 18.35 15.13
C GLU D 401 20.01 18.65 14.92
N ASN D 402 19.64 19.94 14.85
CA ASN D 402 18.30 20.39 14.48
C ASN D 402 18.30 20.59 12.98
N PHE D 403 17.84 19.60 12.24
CA PHE D 403 18.00 19.61 10.80
C PHE D 403 16.91 20.31 10.00
N VAL D 404 17.34 20.90 8.89
CA VAL D 404 16.53 21.26 7.74
C VAL D 404 16.81 20.28 6.58
N LEU D 405 15.78 19.75 5.94
CA LEU D 405 15.96 18.83 4.83
C LEU D 405 15.95 19.69 3.59
N PRO D 406 17.10 19.80 2.91
CA PRO D 406 17.15 20.85 1.90
C PRO D 406 17.24 20.31 0.47
N LEU D 407 16.30 20.70 -0.39
CA LEU D 407 16.50 20.54 -1.85
C LEU D 407 16.91 21.89 -2.45
N SER D 408 18.21 22.20 -2.38
CA SER D 408 18.60 23.57 -2.60
C SER D 408 19.05 23.87 -4.04
N HIS D 409 19.36 25.13 -4.29
CA HIS D 409 19.93 25.53 -5.56
C HIS D 409 21.26 24.85 -5.93
N ASP D 410 22.05 24.42 -4.94
CA ASP D 410 23.35 23.76 -5.23
C ASP D 410 23.20 22.43 -5.92
N GLU D 411 22.02 21.84 -5.81
CA GLU D 411 21.81 20.48 -6.30
C GLU D 411 21.35 20.44 -7.75
N VAL D 412 20.99 21.60 -8.28
CA VAL D 412 20.37 21.68 -9.62
C VAL D 412 21.16 22.54 -10.61
N VAL D 413 22.50 22.50 -10.47
CA VAL D 413 23.44 23.21 -11.34
C VAL D 413 24.65 22.37 -11.78
N HIS D 414 25.55 22.99 -12.53
CA HIS D 414 26.86 22.41 -12.91
C HIS D 414 26.80 20.95 -13.36
N GLY D 415 25.77 20.63 -14.15
CA GLY D 415 25.64 19.28 -14.68
C GLY D 415 25.11 18.23 -13.72
N LYS D 416 24.43 18.64 -12.65
CA LYS D 416 23.83 17.65 -11.73
C LYS D 416 22.38 17.34 -12.09
N LYS D 417 21.83 18.08 -13.04
CA LYS D 417 20.48 17.89 -13.51
C LYS D 417 19.42 18.42 -12.53
N SER D 418 18.18 18.53 -13.00
CA SER D 418 17.08 18.88 -12.13
C SER D 418 16.75 17.69 -11.20
N ILE D 419 15.81 17.89 -10.28
CA ILE D 419 15.36 16.79 -9.43
C ILE D 419 14.55 15.81 -10.28
N LEU D 420 13.68 16.33 -11.14
CA LEU D 420 12.93 15.47 -12.05
C LEU D 420 13.86 14.54 -12.85
N ASP D 421 14.90 15.09 -13.46
CA ASP D 421 15.77 14.33 -14.36
C ASP D 421 16.63 13.25 -13.69
N ARG D 422 16.81 13.39 -12.39
CA ARG D 422 17.42 12.35 -11.57
C ARG D 422 16.55 11.08 -11.52
N MET D 423 15.23 11.21 -11.69
CA MET D 423 14.32 10.08 -11.51
C MET D 423 14.38 9.01 -12.63
N PRO D 424 14.25 7.71 -12.28
CA PRO D 424 14.28 6.64 -13.30
C PRO D 424 12.89 6.23 -13.86
N GLY D 425 12.88 5.68 -15.08
CA GLY D 425 11.68 5.08 -15.64
C GLY D 425 11.11 5.87 -16.78
N ASP D 426 9.89 5.51 -17.19
CA ASP D 426 9.17 6.27 -18.20
C ASP D 426 8.54 7.50 -17.55
N ALA D 427 8.05 8.44 -18.37
CA ALA D 427 7.53 9.73 -17.91
C ALA D 427 6.60 9.63 -16.71
N TRP D 428 5.59 8.77 -16.79
CA TRP D 428 4.66 8.54 -15.69
C TRP D 428 5.40 8.17 -14.38
N GLN D 429 6.44 7.37 -14.50
CA GLN D 429 7.16 6.90 -13.33
C GLN D 429 8.14 7.97 -12.81
N LYS D 430 8.63 8.81 -13.72
CA LYS D 430 9.48 9.89 -13.31
C LYS D 430 8.73 10.81 -12.36
N PHE D 431 7.55 11.27 -12.77
CA PHE D 431 6.75 12.11 -11.89
C PHE D 431 6.24 11.34 -10.69
N ALA D 432 6.00 10.05 -10.84
CA ALA D 432 5.47 9.31 -9.71
C ALA D 432 6.55 9.25 -8.61
N ASN D 433 7.79 8.92 -8.99
CA ASN D 433 8.95 8.89 -8.08
C ASN D 433 9.13 10.22 -7.35
N LEU D 434 9.01 11.30 -8.11
CA LEU D 434 9.21 12.62 -7.58
C LEU D 434 8.16 12.91 -6.49
N ARG D 435 6.91 12.63 -6.81
CA ARG D 435 5.80 12.90 -5.89
C ARG D 435 5.98 12.05 -4.64
N ALA D 436 6.37 10.79 -4.81
CA ALA D 436 6.50 9.89 -3.70
C ALA D 436 7.58 10.43 -2.79
N TYR D 437 8.67 10.89 -3.42
CA TYR D 437 9.81 11.47 -2.74
C TYR D 437 9.42 12.68 -1.88
N TYR D 438 8.70 13.64 -2.48
CA TYR D 438 8.25 14.80 -1.73
C TYR D 438 7.34 14.36 -0.57
N GLY D 439 6.49 13.36 -0.82
CA GLY D 439 5.58 12.86 0.21
C GLY D 439 6.37 12.36 1.40
N TRP D 440 7.53 11.79 1.11
CA TRP D 440 8.39 11.19 2.11
C TRP D 440 9.14 12.33 2.84
N MET D 441 9.59 13.32 2.09
CA MET D 441 10.36 14.42 2.67
C MET D 441 9.50 15.27 3.64
N TRP D 442 8.27 15.55 3.27
CA TRP D 442 7.42 16.39 4.12
C TRP D 442 7.01 15.68 5.39
N ALA D 443 7.08 14.35 5.39
CA ALA D 443 6.77 13.52 6.58
C ALA D 443 7.99 13.20 7.47
N PHE D 444 9.18 13.17 6.86
CA PHE D 444 10.38 12.81 7.60
C PHE D 444 10.84 13.93 8.56
N PRO D 445 11.29 13.55 9.76
CA PRO D 445 11.72 14.52 10.76
C PRO D 445 12.72 15.55 10.18
N GLY D 446 12.42 16.83 10.38
CA GLY D 446 13.31 17.90 9.96
C GLY D 446 12.44 18.94 9.33
N LYS D 447 12.84 20.21 9.41
CA LYS D 447 12.15 21.30 8.67
C LYS D 447 12.35 21.13 7.14
N LYS D 448 11.59 21.87 6.33
CA LYS D 448 11.66 21.68 4.86
C LYS D 448 12.22 22.87 4.08
N LEU D 449 13.03 22.59 3.05
CA LEU D 449 13.47 23.67 2.17
C LEU D 449 13.39 23.20 0.74
N LEU D 450 12.85 24.06 -0.12
CA LEU D 450 12.70 23.74 -1.54
C LEU D 450 13.09 24.95 -2.38
N PHE D 451 13.92 24.70 -3.39
CA PHE D 451 14.36 25.78 -4.28
C PHE D 451 13.37 26.01 -5.43
N MET D 452 13.11 27.29 -5.71
CA MET D 452 12.17 27.70 -6.73
C MET D 452 12.39 26.83 -7.96
N GLY D 453 11.31 26.35 -8.58
CA GLY D 453 11.43 25.50 -9.76
C GLY D 453 11.23 24.03 -9.43
N ASN D 454 11.59 23.61 -8.21
CA ASN D 454 11.37 22.21 -7.87
C ASN D 454 9.88 21.93 -7.65
N GLU D 455 9.12 22.97 -7.30
CA GLU D 455 7.71 22.81 -6.98
C GLU D 455 6.84 22.53 -8.21
N PHE D 456 7.31 22.86 -9.38
CA PHE D 456 6.58 22.42 -10.57
C PHE D 456 7.38 21.45 -11.42
N ALA D 457 8.43 20.88 -10.80
CA ALA D 457 9.30 19.90 -11.42
C ALA D 457 9.85 20.43 -12.73
N GLN D 458 10.53 21.56 -12.67
CA GLN D 458 11.24 22.06 -13.84
C GLN D 458 12.14 20.95 -14.41
N GLY D 459 12.17 20.79 -15.72
CA GLY D 459 13.03 19.78 -16.35
C GLY D 459 14.51 20.18 -16.49
N ARG D 460 14.77 21.38 -16.96
CA ARG D 460 16.13 21.88 -17.11
C ARG D 460 16.71 22.34 -15.76
N GLU D 461 18.04 22.31 -15.66
CA GLU D 461 18.73 22.88 -14.52
C GLU D 461 18.47 24.38 -14.34
N TRP D 462 18.63 24.87 -13.12
CA TRP D 462 18.53 26.28 -12.86
C TRP D 462 19.52 27.14 -13.65
N ASN D 463 19.00 28.20 -14.26
CA ASN D 463 19.84 29.18 -14.99
C ASN D 463 19.64 30.59 -14.35
N HIS D 464 20.67 31.12 -13.70
CA HIS D 464 20.54 32.37 -12.95
C HIS D 464 20.38 33.52 -13.91
N ASP D 465 20.57 33.27 -15.20
CA ASP D 465 20.48 34.34 -16.18
C ASP D 465 19.22 34.33 -17.01
N ALA D 466 18.19 33.68 -16.50
CA ALA D 466 16.94 33.52 -17.22
C ALA D 466 15.89 33.21 -16.20
N SER D 467 14.64 33.48 -16.59
CA SER D 467 13.46 33.13 -15.82
C SER D 467 13.42 31.60 -15.63
N LEU D 468 12.74 31.13 -14.60
CA LEU D 468 12.38 29.71 -14.56
C LEU D 468 11.51 29.35 -15.77
N ASP D 469 11.22 28.07 -15.92
CA ASP D 469 10.46 27.58 -17.05
C ASP D 469 8.97 27.52 -16.76
N TRP D 470 8.37 28.67 -16.47
CA TRP D 470 6.95 28.76 -16.19
C TRP D 470 6.09 28.30 -17.38
N HIS D 471 6.65 28.31 -18.58
CA HIS D 471 5.91 27.81 -19.75
C HIS D 471 5.53 26.35 -19.61
N LEU D 472 6.12 25.64 -18.65
CA LEU D 472 5.73 24.24 -18.42
C LEU D 472 4.30 24.18 -17.90
N LEU D 473 3.86 25.28 -17.31
CA LEU D 473 2.55 25.34 -16.71
C LEU D 473 1.54 26.01 -17.64
N GLU D 474 1.90 26.15 -18.91
CA GLU D 474 0.96 26.69 -19.92
C GLU D 474 0.21 25.56 -20.61
N GLY D 475 -0.95 25.88 -21.20
CA GLY D 475 -1.74 24.89 -21.91
C GLY D 475 -2.56 24.00 -20.99
N GLY D 476 -2.92 22.82 -21.46
CA GLY D 476 -3.79 21.93 -20.71
C GLY D 476 -3.08 21.44 -19.48
N ASP D 477 -3.86 21.05 -18.47
CA ASP D 477 -3.33 20.48 -17.23
C ASP D 477 -2.41 19.27 -17.48
N ASN D 478 -1.20 19.34 -16.92
CA ASN D 478 -0.20 18.32 -17.16
C ASN D 478 0.49 17.87 -15.87
N TRP D 479 1.59 17.12 -16.02
CA TRP D 479 2.28 16.49 -14.89
C TRP D 479 2.91 17.53 -13.96
N HIS D 480 3.18 18.70 -14.51
CA HIS D 480 3.79 19.76 -13.77
C HIS D 480 2.77 20.45 -12.92
N HIS D 481 1.56 20.66 -13.43
CA HIS D 481 0.49 21.23 -12.61
C HIS D 481 0.24 20.28 -11.44
N GLY D 482 0.31 18.98 -11.70
CA GLY D 482 0.15 17.93 -10.67
C GLY D 482 1.14 18.03 -9.52
N VAL D 483 2.42 18.19 -9.83
CA VAL D 483 3.46 18.33 -8.81
C VAL D 483 3.28 19.61 -8.03
N GLN D 484 2.90 20.68 -8.70
CA GLN D 484 2.68 21.93 -8.01
C GLN D 484 1.50 21.88 -7.03
N ARG D 485 0.41 21.18 -7.41
CA ARG D 485 -0.74 21.02 -6.50
C ARG D 485 -0.36 20.17 -5.29
N LEU D 486 0.45 19.15 -5.53
CA LEU D 486 0.87 18.27 -4.45
C LEU D 486 1.74 19.02 -3.42
N VAL D 487 2.64 19.88 -3.90
CA VAL D 487 3.47 20.68 -3.01
C VAL D 487 2.64 21.62 -2.14
N ARG D 488 1.57 22.18 -2.72
CA ARG D 488 0.61 23.02 -1.98
C ARG D 488 -0.12 22.19 -0.91
N ASP D 489 -0.65 21.02 -1.26
CA ASP D 489 -1.36 20.15 -0.28
C ASP D 489 -0.45 19.67 0.86
N LEU D 490 0.78 19.30 0.51
CA LEU D 490 1.77 18.87 1.48
C LEU D 490 2.05 19.99 2.50
N ASN D 491 2.37 21.18 2.03
CA ASN D 491 2.52 22.33 2.94
C ASN D 491 1.25 22.52 3.81
N LEU D 492 0.08 22.54 3.20
CA LEU D 492 -1.15 22.76 3.98
C LEU D 492 -1.41 21.66 4.98
N THR D 493 -1.19 20.41 4.59
CA THR D 493 -1.45 19.28 5.49
C THR D 493 -0.41 19.25 6.60
N TYR D 494 0.86 19.41 6.21
CA TYR D 494 1.97 19.53 7.15
C TYR D 494 1.75 20.60 8.22
N ARG D 495 1.32 21.80 7.81
CA ARG D 495 0.99 22.88 8.79
C ARG D 495 -0.24 22.60 9.65
N HIS D 496 -1.21 21.87 9.11
CA HIS D 496 -2.49 21.69 9.79
C HIS D 496 -2.40 20.65 10.91
N HIS D 497 -1.53 19.66 10.76
CA HIS D 497 -1.49 18.53 11.68
C HIS D 497 -0.22 18.57 12.48
N LYS D 498 -0.39 18.80 13.78
CA LYS D 498 0.77 18.96 14.68
C LYS D 498 1.75 17.78 14.70
N ALA D 499 1.25 16.56 14.59
CA ALA D 499 2.12 15.39 14.55
C ALA D 499 3.21 15.48 13.48
N MET D 500 2.92 16.18 12.38
CA MET D 500 3.92 16.33 11.32
C MET D 500 5.08 17.28 11.65
N HIS D 501 4.94 18.10 12.69
CA HIS D 501 5.99 19.08 12.94
C HIS D 501 6.39 19.37 14.39
N GLU D 502 5.55 19.13 15.38
CA GLU D 502 5.90 19.67 16.71
C GLU D 502 7.05 18.96 17.44
N LEU D 503 7.38 17.75 17.00
CA LEU D 503 8.36 16.97 17.73
C LEU D 503 9.42 16.34 16.81
N ASP D 504 9.90 17.06 15.81
CA ASP D 504 10.98 16.61 14.95
C ASP D 504 12.26 16.24 15.73
N PHE D 505 12.51 16.88 16.86
CA PHE D 505 13.81 16.76 17.56
C PHE D 505 13.75 15.95 18.84
N ASP D 506 12.68 15.16 19.02
CA ASP D 506 12.44 14.37 20.23
C ASP D 506 12.16 12.96 19.76
N PRO D 507 12.90 11.96 20.28
CA PRO D 507 12.64 10.59 19.76
C PRO D 507 11.16 10.23 19.81
N TYR D 508 10.45 10.83 20.76
CA TYR D 508 9.02 10.64 20.90
C TYR D 508 8.17 10.93 19.63
N GLY D 509 8.60 11.82 18.75
CA GLY D 509 7.80 12.15 17.57
C GLY D 509 7.91 11.23 16.34
N PHE D 510 8.65 10.14 16.47
CA PHE D 510 8.91 9.28 15.31
C PHE D 510 9.08 7.86 15.80
N GLU D 511 8.45 6.91 15.13
CA GLU D 511 8.69 5.50 15.45
C GLU D 511 8.49 4.70 14.18
N TRP D 512 9.36 3.74 13.92
CA TRP D 512 9.19 2.85 12.77
C TRP D 512 8.06 1.89 13.01
N LEU D 513 7.27 1.58 11.99
CA LEU D 513 6.29 0.47 12.08
C LEU D 513 6.79 -0.67 11.21
N VAL D 514 7.42 -0.34 10.10
CA VAL D 514 8.01 -1.33 9.19
C VAL D 514 9.31 -0.74 8.65
N VAL D 515 10.43 -1.14 9.23
CA VAL D 515 11.73 -0.60 8.87
C VAL D 515 12.53 -1.57 7.98
N ASP D 516 12.09 -2.82 7.91
CA ASP D 516 12.89 -3.89 7.29
C ASP D 516 12.26 -4.59 6.08
N ASP D 517 11.28 -3.98 5.44
CA ASP D 517 10.75 -4.59 4.22
C ASP D 517 11.58 -4.13 3.02
N LYS D 518 12.81 -4.66 2.96
CA LYS D 518 13.78 -4.38 1.90
C LYS D 518 13.33 -4.94 0.54
N GLU D 519 12.83 -6.17 0.53
CA GLU D 519 12.44 -6.83 -0.72
C GLU D 519 11.39 -6.02 -1.51
N ARG D 520 10.40 -5.45 -0.81
CA ARG D 520 9.32 -4.71 -1.46
C ARG D 520 9.55 -3.19 -1.43
N SER D 521 10.68 -2.76 -0.87
CA SER D 521 10.94 -1.33 -0.74
C SER D 521 9.71 -0.60 -0.20
N VAL D 522 9.14 -1.13 0.87
CA VAL D 522 8.06 -0.45 1.56
C VAL D 522 8.52 -0.01 2.95
N LEU D 523 8.26 1.25 3.28
CA LEU D 523 8.66 1.79 4.59
C LEU D 523 7.49 2.49 5.20
N ILE D 524 7.31 2.29 6.49
CA ILE D 524 6.18 2.83 7.18
C ILE D 524 6.65 3.29 8.54
N PHE D 525 6.28 4.51 8.88
CA PHE D 525 6.59 5.01 10.20
C PHE D 525 5.45 5.84 10.75
N VAL D 526 5.58 6.22 12.01
CA VAL D 526 4.60 7.04 12.70
C VAL D 526 5.19 8.43 13.04
N ARG D 527 4.46 9.50 12.75
CA ARG D 527 4.81 10.80 13.35
C ARG D 527 3.85 11.04 14.51
N ARG D 528 4.34 11.71 15.55
CA ARG D 528 3.62 11.80 16.79
C ARG D 528 3.62 13.23 17.39
N ASP D 529 2.47 13.68 17.88
CA ASP D 529 2.37 15.02 18.50
C ASP D 529 2.53 14.95 20.03
N LYS D 530 2.56 16.09 20.69
CA LYS D 530 2.67 16.14 22.14
C LYS D 530 1.55 15.43 22.88
N GLU D 531 0.40 15.23 22.25
CA GLU D 531 -0.71 14.59 22.99
C GLU D 531 -0.75 13.09 22.74
N GLY D 532 0.19 12.59 21.97
CA GLY D 532 0.18 11.18 21.60
C GLY D 532 -0.65 10.84 20.36
N ASN D 533 -1.11 11.84 19.61
CA ASN D 533 -1.79 11.52 18.35
C ASN D 533 -0.76 11.14 17.29
N GLU D 534 -1.09 10.13 16.49
CA GLU D 534 -0.17 9.60 15.50
C GLU D 534 -0.67 9.80 14.09
N ILE D 535 0.19 10.23 13.17
CA ILE D 535 -0.16 10.00 11.78
C ILE D 535 0.73 8.96 11.11
N ILE D 536 0.09 8.00 10.44
CA ILE D 536 0.81 6.92 9.74
C ILE D 536 1.25 7.33 8.34
N VAL D 537 2.52 7.05 8.01
CA VAL D 537 3.11 7.43 6.73
C VAL D 537 3.61 6.18 6.06
N ALA D 538 3.16 5.90 4.85
CA ALA D 538 3.58 4.64 4.21
C ALA D 538 4.08 4.88 2.82
N SER D 539 5.28 4.40 2.54
CA SER D 539 5.84 4.63 1.23
C SER D 539 6.11 3.35 0.49
N ASN D 540 5.83 3.35 -0.81
CA ASN D 540 6.05 2.22 -1.70
C ASN D 540 6.89 2.70 -2.87
N PHE D 541 8.18 2.36 -2.86
CA PHE D 541 9.13 2.93 -3.80
C PHE D 541 9.43 1.97 -4.95
N THR D 542 8.57 0.98 -5.18
CA THR D 542 8.57 0.28 -6.48
C THR D 542 7.21 0.50 -7.15
N PRO D 543 7.09 0.11 -8.44
CA PRO D 543 5.87 0.30 -9.22
C PRO D 543 4.92 -0.88 -9.12
N VAL D 544 5.14 -1.72 -8.11
CA VAL D 544 4.25 -2.83 -7.82
C VAL D 544 3.17 -2.38 -6.84
N PRO D 545 1.90 -2.35 -7.28
CA PRO D 545 0.83 -2.09 -6.31
C PRO D 545 0.86 -3.17 -5.23
N ARG D 546 0.62 -2.76 -3.98
CA ARG D 546 0.54 -3.71 -2.88
C ARG D 546 -0.87 -3.68 -2.30
N HIS D 547 -1.56 -4.81 -2.39
CA HIS D 547 -2.88 -5.00 -1.80
C HIS D 547 -2.75 -5.87 -0.58
N ASP D 548 -3.75 -5.77 0.30
CA ASP D 548 -3.74 -6.53 1.55
C ASP D 548 -2.36 -6.53 2.23
N TYR D 549 -1.75 -5.35 2.32
CA TYR D 549 -0.47 -5.20 3.01
C TYR D 549 -0.72 -4.98 4.51
N ARG D 550 -0.42 -6.01 5.30
CA ARG D 550 -0.68 -5.98 6.74
C ARG D 550 0.54 -5.56 7.54
N PHE D 551 0.33 -4.61 8.44
CA PHE D 551 1.38 -4.13 9.38
C PHE D 551 0.79 -3.76 10.75
N GLY D 552 1.54 -4.06 11.81
CA GLY D 552 1.15 -3.67 13.17
C GLY D 552 1.07 -2.16 13.39
N ILE D 553 0.16 -1.76 14.29
CA ILE D 553 -0.02 -0.35 14.66
C ILE D 553 -0.10 -0.24 16.18
N ASN D 554 -0.15 0.99 16.71
CA ASN D 554 -0.18 1.21 18.17
C ASN D 554 -1.58 1.56 18.66
N GLN D 555 -2.37 2.19 17.79
CA GLN D 555 -3.70 2.66 18.17
C GLN D 555 -4.80 2.10 17.27
N PRO D 556 -5.51 1.06 17.76
CA PRO D 556 -6.61 0.46 17.02
C PRO D 556 -7.71 1.50 16.73
N GLY D 557 -8.44 1.30 15.64
CA GLY D 557 -9.51 2.19 15.26
C GLY D 557 -9.74 2.31 13.77
N LYS D 558 -10.21 3.49 13.38
CA LYS D 558 -10.55 3.76 12.01
C LYS D 558 -9.53 4.73 11.44
N TRP D 559 -8.92 4.37 10.33
CA TRP D 559 -7.86 5.17 9.71
C TRP D 559 -8.30 5.64 8.32
N ARG D 560 -7.89 6.83 7.93
CA ARG D 560 -8.18 7.30 6.58
C ARG D 560 -7.03 8.13 5.97
N GLU D 561 -6.93 8.08 4.64
CA GLU D 561 -5.93 8.84 3.90
C GLU D 561 -6.21 10.31 4.01
N ILE D 562 -5.19 11.09 4.38
CA ILE D 562 -5.32 12.56 4.29
C ILE D 562 -4.38 13.04 3.22
N LEU D 563 -3.54 12.14 2.71
CA LEU D 563 -2.67 12.48 1.59
C LEU D 563 -2.28 11.24 0.83
N ASN D 564 -2.17 11.38 -0.49
CA ASN D 564 -1.93 10.24 -1.35
C ASN D 564 -1.31 10.76 -2.63
N THR D 565 -0.01 10.53 -2.81
CA THR D 565 0.65 11.06 -3.98
C THR D 565 0.29 10.38 -5.32
N ASP D 566 -0.43 9.25 -5.29
CA ASP D 566 -0.92 8.62 -6.54
C ASP D 566 -2.31 9.06 -6.98
N SER D 567 -2.92 10.00 -6.25
CA SER D 567 -4.25 10.50 -6.59
C SER D 567 -4.31 11.04 -8.02
N MET D 568 -5.45 10.97 -8.69
CA MET D 568 -5.49 11.61 -10.01
C MET D 568 -5.44 13.13 -9.97
N HIS D 569 -5.63 13.70 -8.79
N HIS D 569 -5.65 13.74 -8.80
CA HIS D 569 -5.49 15.15 -8.56
CA HIS D 569 -5.52 15.19 -8.71
C HIS D 569 -4.08 15.60 -8.91
C HIS D 569 -4.07 15.61 -9.02
N TYR D 570 -3.14 14.66 -8.88
CA TYR D 570 -1.75 14.94 -9.26
C TYR D 570 -1.29 14.10 -10.48
N HIS D 571 -2.25 13.51 -11.20
CA HIS D 571 -1.94 12.67 -12.33
C HIS D 571 -1.33 11.31 -11.98
N GLY D 572 -1.58 10.85 -10.75
CA GLY D 572 -1.29 9.46 -10.39
C GLY D 572 -2.33 8.50 -10.96
N SER D 573 -2.20 7.21 -10.65
CA SER D 573 -3.10 6.19 -11.22
C SER D 573 -4.35 5.99 -10.37
N ASN D 574 -4.49 6.79 -9.31
CA ASN D 574 -5.67 6.80 -8.42
C ASN D 574 -5.94 5.51 -7.62
N ALA D 575 -4.88 4.78 -7.29
CA ALA D 575 -5.03 3.66 -6.40
C ALA D 575 -5.08 4.21 -4.97
N GLY D 576 -5.83 3.53 -4.10
CA GLY D 576 -5.92 3.96 -2.72
C GLY D 576 -6.85 3.06 -1.94
N ASN D 577 -7.08 3.42 -0.69
CA ASN D 577 -7.97 2.60 0.13
C ASN D 577 -9.44 2.96 -0.09
N GLY D 578 -9.66 4.18 -0.59
CA GLY D 578 -10.99 4.60 -0.99
C GLY D 578 -11.94 4.42 0.17
N GLY D 579 -11.66 5.11 1.27
CA GLY D 579 -12.49 4.97 2.45
C GLY D 579 -11.73 4.65 3.74
N THR D 580 -12.44 4.78 4.85
CA THR D 580 -11.92 4.44 6.14
C THR D 580 -11.56 2.95 6.18
N VAL D 581 -10.48 2.63 6.88
CA VAL D 581 -10.15 1.22 7.12
C VAL D 581 -10.13 0.99 8.63
N HIS D 582 -10.73 -0.09 9.09
N HIS D 582 -10.73 -0.10 9.07
CA HIS D 582 -10.69 -0.41 10.50
CA HIS D 582 -10.73 -0.49 10.47
C HIS D 582 -9.53 -1.36 10.76
C HIS D 582 -9.52 -1.37 10.75
N SER D 583 -8.93 -1.23 11.93
CA SER D 583 -7.88 -2.12 12.34
C SER D 583 -8.49 -3.48 12.72
N ASP D 584 -7.70 -4.54 12.60
CA ASP D 584 -8.11 -5.82 13.13
C ASP D 584 -7.25 -6.17 14.33
N GLU D 585 -7.77 -7.00 15.23
CA GLU D 585 -6.94 -7.52 16.28
C GLU D 585 -6.26 -8.80 15.79
N ILE D 586 -5.28 -8.62 14.92
CA ILE D 586 -4.43 -9.67 14.44
C ILE D 586 -3.00 -9.17 14.64
N ALA D 587 -2.27 -9.80 15.55
CA ALA D 587 -0.86 -9.47 15.81
C ALA D 587 -0.08 -9.32 14.51
N SER D 588 0.76 -8.29 14.43
CA SER D 588 1.64 -8.14 13.29
C SER D 588 2.82 -7.32 13.75
N HIS D 589 4.03 -7.73 13.33
CA HIS D 589 5.27 -6.97 13.62
C HIS D 589 5.52 -6.70 15.11
N GLY D 590 5.15 -7.64 15.97
CA GLY D 590 5.30 -7.44 17.42
C GLY D 590 4.18 -6.66 18.09
N ARG D 591 3.17 -6.27 17.31
CA ARG D 591 2.08 -5.47 17.85
C ARG D 591 0.76 -6.22 17.79
N GLN D 592 -0.12 -5.87 18.70
CA GLN D 592 -1.37 -6.57 18.96
C GLN D 592 -2.43 -6.33 17.87
N HIS D 593 -2.51 -5.10 17.37
CA HIS D 593 -3.47 -4.72 16.32
C HIS D 593 -2.74 -4.41 15.03
N SER D 594 -3.48 -4.43 13.93
CA SER D 594 -2.86 -4.17 12.64
C SER D 594 -3.82 -3.57 11.61
N LEU D 595 -3.24 -3.07 10.51
CA LEU D 595 -3.99 -2.49 9.41
C LEU D 595 -3.60 -3.29 8.19
N SER D 596 -4.56 -3.55 7.33
CA SER D 596 -4.27 -4.18 6.06
C SER D 596 -4.76 -3.24 4.99
N LEU D 597 -3.84 -2.66 4.22
CA LEU D 597 -4.33 -1.80 3.18
C LEU D 597 -3.59 -1.89 1.83
N THR D 598 -4.06 -1.08 0.89
CA THR D 598 -3.41 -0.89 -0.40
C THR D 598 -2.32 0.21 -0.35
N LEU D 599 -1.15 -0.12 -0.87
CA LEU D 599 -0.11 0.86 -1.11
C LEU D 599 -0.01 1.08 -2.62
N PRO D 600 -0.49 2.23 -3.09
CA PRO D 600 -0.43 2.48 -4.52
C PRO D 600 1.04 2.47 -4.99
N PRO D 601 1.27 2.24 -6.29
CA PRO D 601 2.63 2.13 -6.88
C PRO D 601 3.39 3.45 -6.88
N LEU D 602 4.67 3.41 -6.50
CA LEU D 602 5.54 4.59 -6.48
C LEU D 602 4.83 5.79 -5.86
N ALA D 603 4.45 5.65 -4.59
CA ALA D 603 3.62 6.66 -3.96
C ALA D 603 3.78 6.69 -2.46
N THR D 604 3.43 7.81 -1.85
CA THR D 604 3.30 7.80 -0.42
C THR D 604 1.93 8.26 0.07
N ILE D 605 1.42 7.62 1.11
CA ILE D 605 0.15 8.03 1.67
C ILE D 605 0.32 8.37 3.16
N TRP D 606 -0.51 9.28 3.66
CA TRP D 606 -0.54 9.57 5.11
C TRP D 606 -1.95 9.27 5.59
N LEU D 607 -2.05 8.69 6.77
CA LEU D 607 -3.34 8.29 7.30
C LEU D 607 -3.47 8.88 8.68
N VAL D 608 -4.67 9.36 9.01
CA VAL D 608 -4.95 9.92 10.31
C VAL D 608 -5.97 9.04 11.00
N ARG D 609 -6.11 9.21 12.31
CA ARG D 609 -7.03 8.39 13.05
C ARG D 609 -8.30 9.16 13.40
N GLU D 610 -9.45 8.58 13.06
CA GLU D 610 -10.76 9.18 13.34
C GLU D 610 -11.18 9.04 14.80
N ALA D 611 -11.67 10.13 15.37
CA ALA D 611 -12.20 10.10 16.73
C ALA D 611 -13.32 9.04 16.82
N GLU D 612 -13.38 8.30 17.90
CA GLU D 612 -14.50 7.35 18.04
C GLU D 612 -15.57 8.01 18.92
C1 GLC E . -5.55 -46.17 -35.90
C2 GLC E . -4.28 -45.33 -35.66
C3 GLC E . -3.10 -46.16 -35.13
C4 GLC E . -3.59 -47.08 -34.01
C5 GLC E . -4.68 -47.96 -34.59
C6 GLC E . -5.12 -49.06 -33.64
O1 GLC E . -5.49 -46.84 -37.15
O2 GLC E . -3.88 -44.69 -36.86
O3 GLC E . -2.10 -45.29 -34.65
O4 GLC E . -2.52 -47.85 -33.48
O5 GLC E . -5.79 -47.12 -34.87
O6 GLC E . -6.53 -49.13 -33.60
C1 GLC E . -1.85 -47.08 -32.46
C2 GLC E . -0.45 -47.61 -32.17
C3 GLC E . -0.51 -48.96 -31.49
C4 GLC E . -1.49 -48.95 -30.32
C5 GLC E . -2.77 -48.16 -30.55
C6 GLC E . -3.38 -47.81 -29.20
O2 GLC E . 0.29 -47.75 -33.35
O3 GLC E . 0.78 -49.29 -31.03
O4 GLC E . -1.85 -50.29 -30.05
O5 GLC E . -2.57 -46.96 -31.25
O6 GLC E . -2.34 -47.76 -28.24
C1 GLC F . -24.65 13.37 -18.36
C2 GLC F . -25.49 14.64 -18.41
C3 GLC F . -25.00 15.57 -19.50
C4 GLC F . -23.50 15.81 -19.37
C5 GLC F . -22.70 14.55 -19.07
C6 GLC F . -21.30 14.90 -18.56
O1 GLC F . -24.76 12.64 -19.56
O2 GLC F . -26.85 14.33 -18.64
O3 GLC F . -25.76 16.77 -19.43
O4 GLC F . -23.03 16.34 -20.59
O5 GLC F . -23.31 13.73 -18.09
O6 GLC F . -20.44 13.80 -18.74
C1 GLC F . -22.30 17.56 -20.37
C2 GLC F . -22.73 18.57 -21.41
C3 GLC F . -22.35 18.04 -22.80
C4 GLC F . -20.86 17.78 -22.85
C5 GLC F . -20.37 16.93 -21.67
C6 GLC F . -18.85 17.01 -21.60
O2 GLC F . -24.13 18.72 -21.32
O3 GLC F . -22.68 18.99 -23.78
O4 GLC F . -20.53 17.16 -24.09
O5 GLC F . -20.89 17.37 -20.43
O6 GLC F . -18.46 18.36 -21.51
C1 GLC G . -27.22 9.05 10.78
C2 GLC G . -26.35 9.38 9.56
C3 GLC G . -24.98 8.68 9.60
C4 GLC G . -24.32 8.94 10.95
C5 GLC G . -25.29 8.53 12.06
C6 GLC G . -24.76 8.84 13.45
O1 GLC G . -27.68 7.72 10.79
O2 GLC G . -27.03 9.06 8.37
O3 GLC G . -24.17 9.20 8.56
O4 GLC G . -23.07 8.27 11.04
O5 GLC G . -26.48 9.28 11.96
O6 GLC G . -23.62 8.08 13.74
C1 GLC G . -22.07 9.04 10.32
C2 GLC G . -20.82 8.22 9.97
C3 GLC G . -20.02 7.94 11.23
C4 GLC G . -19.64 9.27 11.83
C5 GLC G . -20.96 9.96 12.21
C6 GLC G . -20.78 11.28 12.96
O2 GLC G . -21.14 7.02 9.29
O3 GLC G . -18.84 7.22 10.93
O4 GLC G . -18.76 9.07 12.91
O5 GLC G . -21.66 10.20 11.01
O6 GLC G . -21.77 11.40 13.96
C1 GLC H . 35.75 59.23 -9.72
C2 GLC H . 34.69 58.42 -8.99
C3 GLC H . 33.37 58.44 -9.76
C4 GLC H . 32.96 59.87 -10.09
C5 GLC H . 34.13 60.59 -10.78
C6 GLC H . 33.87 62.04 -11.17
O1 GLC H . 36.04 58.63 -10.96
O2 GLC H . 35.13 57.09 -8.82
O3 GLC H . 32.34 57.82 -9.03
O4 GLC H . 31.83 59.79 -10.92
O5 GLC H . 35.28 60.54 -9.93
O6 GLC H . 32.49 62.34 -11.13
C1 GLC H . 30.61 60.20 -10.25
C2 GLC H . 29.63 59.04 -10.30
C3 GLC H . 28.91 59.12 -11.64
C4 GLC H . 27.95 60.28 -11.45
C5 GLC H . 28.74 61.57 -11.22
C6 GLC H . 28.04 62.48 -10.21
O2 GLC H . 30.30 57.81 -10.12
O3 GLC H . 28.19 57.94 -11.93
O4 GLC H . 27.05 60.40 -12.54
O5 GLC H . 30.12 61.38 -10.87
O6 GLC H . 28.32 63.84 -10.49
C1 GLC I . 12.40 31.59 -20.54
C2 GLC I . 11.54 30.53 -19.86
C3 GLC I . 10.08 30.79 -20.10
C4 GLC I . 9.71 32.21 -19.73
C5 GLC I . 10.63 33.15 -20.52
C6 GLC I . 10.32 34.59 -20.18
O1 GLC I . 12.24 31.45 -21.93
O2 GLC I . 11.80 29.27 -20.40
O3 GLC I . 9.32 29.91 -19.32
O4 GLC I . 8.35 32.43 -20.05
O5 GLC I . 11.97 32.89 -20.18
O6 GLC I . 11.47 35.35 -20.44
C1 GLC I . 7.48 32.22 -18.92
C2 GLC I . 6.03 32.50 -19.33
C3 GLC I . 5.65 33.96 -19.25
C4 GLC I . 5.99 34.46 -17.87
C5 GLC I . 7.50 34.28 -17.68
C6 GLC I . 8.00 34.83 -16.34
O2 GLC I . 5.85 32.09 -20.66
O3 GLC I . 4.26 34.06 -19.47
O4 GLC I . 5.58 35.82 -17.73
O5 GLC I . 7.85 32.92 -17.75
O6 GLC I . 9.39 35.00 -16.43
C2 BGC J . 32.34 -18.52 -8.65
C3 BGC J . 31.33 -18.05 -9.68
C4 BGC J . 30.27 -17.26 -8.94
C5 BGC J . 30.95 -16.03 -8.30
C6 BGC J . 29.97 -15.19 -7.48
C1 BGC J . 32.99 -17.29 -8.02
O1 BGC J . 33.92 -17.69 -7.03
O2 BGC J . 33.28 -19.38 -9.25
O3 BGC J . 30.75 -19.15 -10.34
O4 BGC J . 29.19 -16.93 -9.80
O5 BGC J . 32.00 -16.45 -7.43
O6 BGC J . 30.65 -14.58 -6.41
C1 GOL K . 10.74 -14.62 -12.07
O1 GOL K . 11.86 -15.26 -11.53
C2 GOL K . 9.50 -15.31 -11.47
O2 GOL K . 9.75 -16.67 -11.17
C3 GOL K . 8.30 -15.22 -12.39
O3 GOL K . 7.14 -15.45 -11.64
C1 GOL L . -5.69 39.38 -8.16
O1 GOL L . -5.99 40.22 -9.27
C2 GOL L . -6.20 39.76 -6.75
O2 GOL L . -7.09 40.87 -6.70
C3 GOL L . -5.01 39.85 -5.76
O3 GOL L . -5.35 40.06 -4.37
C1 GOL M . -2.15 14.87 14.96
O1 GOL M . -1.42 16.09 15.01
C2 GOL M . -3.43 14.90 14.12
O2 GOL M . -3.83 16.22 13.83
C3 GOL M . -4.59 14.22 14.86
O3 GOL M . -4.61 12.83 14.65
C1 GOL N . 2.51 -9.14 2.81
O1 GOL N . 1.47 -8.48 2.11
C2 GOL N . 2.37 -8.80 4.28
O2 GOL N . 1.00 -8.69 4.60
C3 GOL N . 3.09 -7.48 4.55
O3 GOL N . 3.39 -7.39 5.93
#